data_6W2X
#
_entry.id   6W2X
#
_cell.length_a   1.00
_cell.length_b   1.00
_cell.length_c   1.00
_cell.angle_alpha   90.00
_cell.angle_beta   90.00
_cell.angle_gamma   90.00
#
_symmetry.space_group_name_H-M   'P 1'
#
loop_
_entity.id
_entity.type
_entity.pdbx_description
1 polymer 'Gamma-aminobutyric acid type B receptor subunit 1'
2 polymer 'Gamma-aminobutyric acid type B receptor subunit 2'
3 branched 2-acetamido-2-deoxy-beta-D-glucopyranose-(1-4)-2-acetamido-2-deoxy-beta-D-glucopyranose
4 non-polymer 2-acetamido-2-deoxy-beta-D-glucopyranose
5 non-polymer '(1S)-2-{[(S)-(2-aminoethoxy)(hydroxy)phosphoryl]oxy}-1-[(octadecanoyloxy)methyl]ethyl (9Z)-octadec-9-enoate'
6 non-polymer '[(2~{S})-3-[[(1~{S})-1-(3,4-dichlorophenyl)ethyl]amino]-2-oxidanyl-propyl]-(phenylmethyl)phosphinic acid'
7 non-polymer 'MAGNESIUM ION'
#
loop_
_entity_poly.entity_id
_entity_poly.type
_entity_poly.pdbx_seq_one_letter_code
_entity_poly.pdbx_strand_id
1 'polypeptide(L)'
;DYKDDDDKSHSPHLPRPHSRVPPHPSSERRAVYIGALFPMSGGWPGGQACQPAVEMALEDVNSRRDILPDYELKLIHHDS
KCDPGQATKYLYELLYNDPIKIILMPGCSSVSTLVAEAARMWNLIVLSYGSSSPALSNRQRFPTFFRTHPSATLHNPTRV
KLFEKWGWKKIATIQQTTEVFTSTLDDLEERVKEAGIEITFRQSFFSDPAVPVKNLKRQDARIIVGLFYETEARKVFCEV
YKERLFGKKYVWFLIGWYADNWFKIYDPSINCTVDEMTEAVEGHITTEIVMLNPANTRSISNMTSQEFVEKLTKRLKRHP
EETGGFQEAPLAYDAIWALALALNKTSGGGGRSGVRLEDFNYNNQTITDQIYRAMNSSSFEGVSGHVVFDASGSRMAWTL
IEQLQGGSYKKIGYYDSTKDDLSWSKTDKWIGGSPPADQTLVIKTFRFLSQKLFISVSVLSSLGIVLAVVCLSFNIYNSH
VRYIQNSQPNLNNLTAVGCSLALAAVFPLGLDGYHIGRNQFPFVCQARLWLLGLGFSLGYGSMFTKIWWVHTVFTKKEEK
KEWRKTLEPWKLYATVGLLVGMDVLTLAIWQIVDPLHRTIETFAKEEPKEDIDVSILPQLEHCSSRKMNTWLGIFYGYKG
LLLLLGIFLAYETKSVSTEKINDHRAVGMAIYNVAVLCLITAPVTMILSSQQDAAFAFASLAIVFSSYITLVVLFVPKMR
RLITRGEWQSEAQDTMKTGSSTNNNEEEKSRLLEKENRELEKIIAEKEERVSELRHQLQSRQQLRSRRHPPTPPEPSGGL
PRGPPEPPDRLSCDGSRVHLLYKHHHHHH
;
A
2 'polypeptide(L)'
;DYKDDDDKWARGAPRPPPSSPPLSIMGLMPLTKEVAKGSIGRGVLPAVELAIEQIRNESLLRPYFLDLRLYDTECDNAKG
LKAFYDAIKYGPNHLMVFGGVCPSVTSIIAESLQGWNLVQLSFAATTPVLADKKKYPYFFRTVPSDNAVNPAILKLLKHY
QWKRVGTLTQDVQRFSEVRNDLTGVLYGEDIEISDTESFSNDPCTSVKKLKGNDVRIILGQFDQNMAAKVFCCAYEENMY
GSKYQWIIPGWYEPSWWEQVHTEANSSRCLRKNLLAAMEGYIGVDFEPLSSKQIKTISGKTPQQYEREYNNKRSGVGPSK
FHGYAYDGIWVIAKTLQRAMETLHASSRHQRIQDFNYTDHTLGRIILNAMNETNFFGVTGQVVFRNGERMGTIKFTQFQD
SREVKVGEYNAVADTLEIINDTIRFQGSEPPKDKTIILEQLRKISLPLYSILSALTILGMIMASAFLFFNIKNRNQKLIK
MSSPYMNNLIILGGMLSYASIFLFGLDGSFVSEKTFETLCTVRTWILTVGYTTAFGAMFAKTWRVHAIFKNVKMKKKIIK
DQKLLVIVGGMLLIDLCILICWQAVDPLRRTVEKYSMEPDPAGRDISIRPLLEHCENTHMTIWLGIVYAYKGLLMLFGCF
LAWETRNVSIPALNDSKYIGMSVYNVGIMCIIGAAVSFLTRDQPNVQFCIVALVIIFCSTITLCLVFVPKLITLRTNPDA
ATQNRRFQFTQNQKKEDSKTSTSVTSVNQASTSRLEGLQSENHRLRMKITELDKDLEEVTMQLQDTPEKTTYIKQNHYQE
LNDILNLGNFTESTDGGKAILKNHLDQNPQLQWNTTEPSRTCKDPIEDINSPEHIQRRLSLQLPILHHAYLPSIGGVDAS
CVSPCVSPTASPRHRHVPPSFRVMVSGL
;
B
#
loop_
_chem_comp.id
_chem_comp.type
_chem_comp.name
_chem_comp.formula
L9Q non-polymer '(1S)-2-{[(S)-(2-aminoethoxy)(hydroxy)phosphoryl]oxy}-1-[(octadecanoyloxy)methyl]ethyl (9Z)-octadec-9-enoate' 'C41 H80 N O8 P'
MG non-polymer 'MAGNESIUM ION' 'Mg 2'
NAG D-saccharide, beta linking 2-acetamido-2-deoxy-beta-D-glucopyranose 'C8 H15 N O6'
SGG non-polymer '[(2~{S})-3-[[(1~{S})-1-(3,4-dichlorophenyl)ethyl]amino]-2-oxidanyl-propyl]-(phenylmethyl)phosphinic acid' 'C18 H22 Cl2 N O3 P'
#
# COMPACT_ATOMS: atom_id res chain seq x y z
N GLU A 28 48.64 -25.45 -57.67
CA GLU A 28 48.01 -25.90 -56.42
C GLU A 28 47.72 -24.73 -55.50
N ARG A 29 46.69 -24.87 -54.67
CA ARG A 29 46.29 -23.82 -53.72
C ARG A 29 46.26 -24.41 -52.32
N ARG A 30 46.89 -23.72 -51.39
CA ARG A 30 46.90 -24.16 -50.00
C ARG A 30 45.49 -24.06 -49.41
N ALA A 31 45.01 -25.16 -48.84
CA ALA A 31 43.65 -25.21 -48.32
C ALA A 31 43.55 -24.50 -46.98
N VAL A 32 42.31 -24.22 -46.59
CA VAL A 32 42.01 -23.59 -45.30
C VAL A 32 40.64 -24.07 -44.85
N TYR A 33 40.60 -24.76 -43.71
CA TYR A 33 39.38 -25.38 -43.21
C TYR A 33 38.72 -24.53 -42.14
N ILE A 34 37.40 -24.68 -42.01
CA ILE A 34 36.64 -24.06 -40.93
C ILE A 34 35.63 -25.09 -40.41
N GLY A 35 35.08 -24.77 -39.24
CA GLY A 35 34.18 -25.69 -38.55
C GLY A 35 32.89 -25.01 -38.17
N ALA A 36 31.80 -25.77 -38.25
CA ALA A 36 30.48 -25.20 -38.05
C ALA A 36 29.55 -26.21 -37.40
N LEU A 37 28.55 -25.69 -36.68
CA LEU A 37 27.54 -26.47 -35.98
C LEU A 37 26.18 -25.97 -36.42
N PHE A 38 25.42 -26.81 -37.10
CA PHE A 38 24.13 -26.41 -37.66
C PHE A 38 23.01 -27.18 -36.97
N PRO A 39 21.99 -26.52 -36.44
CA PRO A 39 20.85 -27.25 -35.88
C PRO A 39 19.90 -27.73 -36.96
N MET A 40 19.19 -28.81 -36.63
CA MET A 40 18.17 -29.35 -37.50
C MET A 40 16.92 -29.78 -36.75
N SER A 41 16.88 -29.65 -35.44
CA SER A 41 15.69 -30.00 -34.66
C SER A 41 15.79 -29.30 -33.30
N GLY A 42 14.63 -29.10 -32.69
CA GLY A 42 14.56 -28.45 -31.40
C GLY A 42 13.61 -27.29 -31.38
N GLY A 43 14.00 -26.19 -30.74
CA GLY A 43 13.18 -25.01 -30.66
C GLY A 43 13.37 -24.02 -31.79
N TRP A 44 14.44 -24.18 -32.57
CA TRP A 44 14.69 -23.31 -33.73
C TRP A 44 15.55 -24.06 -34.72
N PRO A 45 14.94 -24.79 -35.64
CA PRO A 45 15.72 -25.49 -36.67
C PRO A 45 16.11 -24.57 -37.82
N GLY A 46 17.21 -23.85 -37.66
CA GLY A 46 17.63 -22.87 -38.64
C GLY A 46 18.81 -23.31 -39.47
N GLY A 47 18.95 -24.61 -39.67
CA GLY A 47 20.03 -25.14 -40.48
C GLY A 47 19.53 -25.84 -41.72
N GLN A 48 18.21 -26.02 -41.80
CA GLN A 48 17.60 -26.56 -43.01
C GLN A 48 17.84 -25.65 -44.20
N ALA A 49 17.99 -24.35 -43.97
CA ALA A 49 18.11 -23.37 -45.04
C ALA A 49 19.36 -22.51 -44.93
N CYS A 50 20.21 -22.72 -43.93
CA CYS A 50 21.41 -21.94 -43.76
C CYS A 50 22.68 -22.68 -44.16
N GLN A 51 22.59 -23.97 -44.46
CA GLN A 51 23.72 -24.74 -44.98
C GLN A 51 23.87 -24.50 -46.48
N PRO A 52 22.79 -24.61 -47.26
CA PRO A 52 22.92 -24.37 -48.71
C PRO A 52 23.40 -22.97 -49.03
N ALA A 53 22.95 -21.97 -48.28
CA ALA A 53 23.39 -20.60 -48.51
C ALA A 53 24.90 -20.48 -48.37
N VAL A 54 25.45 -21.04 -47.29
CA VAL A 54 26.88 -20.90 -47.05
C VAL A 54 27.68 -21.73 -48.05
N GLU A 55 27.15 -22.88 -48.47
CA GLU A 55 27.82 -23.65 -49.53
C GLU A 55 27.87 -22.84 -50.82
N MET A 56 26.75 -22.25 -51.21
CA MET A 56 26.72 -21.42 -52.40
C MET A 56 27.70 -20.26 -52.29
N ALA A 57 27.73 -19.61 -51.12
CA ALA A 57 28.68 -18.52 -50.92
C ALA A 57 30.11 -18.99 -51.10
N LEU A 58 30.44 -20.17 -50.55
CA LEU A 58 31.79 -20.67 -50.64
C LEU A 58 32.19 -20.92 -52.09
N GLU A 59 31.32 -21.58 -52.84
CA GLU A 59 31.66 -21.86 -54.23
C GLU A 59 31.76 -20.57 -55.05
N ASP A 60 30.87 -19.60 -54.78
CA ASP A 60 30.91 -18.35 -55.53
C ASP A 60 32.15 -17.55 -55.21
N VAL A 61 32.63 -17.61 -53.97
CA VAL A 61 33.82 -16.84 -53.60
C VAL A 61 35.08 -17.57 -54.01
N ASN A 62 35.03 -18.90 -54.18
CA ASN A 62 36.19 -19.62 -54.67
C ASN A 62 36.33 -19.50 -56.19
N SER A 63 35.21 -19.38 -56.91
CA SER A 63 35.29 -19.18 -58.35
C SER A 63 36.12 -17.94 -58.69
N ARG A 64 35.69 -16.78 -58.20
CA ARG A 64 36.40 -15.54 -58.49
C ARG A 64 37.85 -15.61 -58.06
N ARG A 65 38.73 -15.00 -58.86
CA ARG A 65 40.16 -14.99 -58.61
C ARG A 65 40.68 -13.59 -58.30
N ASP A 66 39.86 -12.77 -57.64
CA ASP A 66 40.23 -11.42 -57.27
C ASP A 66 40.32 -11.21 -55.77
N ILE A 67 39.89 -12.18 -54.96
CA ILE A 67 39.89 -12.07 -53.51
C ILE A 67 40.99 -12.93 -52.89
N LEU A 68 40.91 -14.25 -53.08
CA LEU A 68 41.88 -15.18 -52.52
C LEU A 68 42.49 -16.00 -53.66
N PRO A 69 43.65 -15.61 -54.20
CA PRO A 69 44.20 -16.33 -55.35
C PRO A 69 44.69 -17.73 -55.00
N ASP A 70 45.52 -17.84 -53.96
CA ASP A 70 46.19 -19.09 -53.62
C ASP A 70 45.78 -19.57 -52.22
N TYR A 71 44.50 -19.45 -51.90
CA TYR A 71 44.00 -19.94 -50.62
C TYR A 71 42.55 -20.37 -50.82
N GLU A 72 42.32 -21.67 -50.83
CA GLU A 72 40.99 -22.24 -50.96
C GLU A 72 40.35 -22.40 -49.58
N LEU A 73 39.02 -22.41 -49.56
CA LEU A 73 38.25 -22.56 -48.34
C LEU A 73 37.48 -23.87 -48.36
N LYS A 74 37.33 -24.46 -47.17
CA LYS A 74 36.55 -25.69 -47.03
C LYS A 74 35.93 -25.72 -45.65
N LEU A 75 34.89 -26.54 -45.51
CA LEU A 75 34.00 -26.50 -44.37
C LEU A 75 33.76 -27.90 -43.82
N ILE A 76 33.75 -28.02 -42.50
CA ILE A 76 33.37 -29.24 -41.79
C ILE A 76 32.21 -28.89 -40.87
N HIS A 77 31.09 -29.57 -41.05
CA HIS A 77 29.87 -29.26 -40.33
C HIS A 77 29.44 -30.44 -39.47
N HIS A 78 28.86 -30.13 -38.31
CA HIS A 78 28.25 -31.12 -37.46
C HIS A 78 26.85 -30.65 -37.08
N ASP A 79 26.09 -31.56 -36.48
CA ASP A 79 24.76 -31.27 -35.96
C ASP A 79 24.80 -31.09 -34.45
N SER A 80 23.87 -30.30 -33.93
CA SER A 80 23.84 -29.98 -32.52
C SER A 80 22.47 -30.07 -31.88
N LYS A 81 21.38 -30.03 -32.65
CA LYS A 81 20.02 -30.08 -32.13
C LYS A 81 19.70 -28.93 -31.18
N CYS A 82 20.58 -27.92 -31.12
CA CYS A 82 20.38 -26.72 -30.32
C CYS A 82 20.34 -27.04 -28.82
N ASP A 83 21.09 -28.05 -28.40
CA ASP A 83 21.27 -28.35 -26.99
C ASP A 83 22.76 -28.43 -26.68
N PRO A 84 23.17 -27.98 -25.49
CA PRO A 84 24.60 -27.97 -25.17
C PRO A 84 25.16 -29.31 -24.72
N GLY A 85 24.36 -30.37 -24.68
CA GLY A 85 24.88 -31.67 -24.32
C GLY A 85 25.68 -32.31 -25.44
N GLN A 86 25.12 -32.27 -26.65
CA GLN A 86 25.81 -32.80 -27.81
C GLN A 86 26.91 -31.87 -28.29
N ALA A 87 26.75 -30.56 -28.05
CA ALA A 87 27.67 -29.58 -28.63
C ALA A 87 29.09 -29.76 -28.13
N THR A 88 29.27 -30.07 -26.85
CA THR A 88 30.63 -30.20 -26.32
C THR A 88 31.28 -31.48 -26.79
N LYS A 89 30.51 -32.56 -26.90
CA LYS A 89 31.03 -33.78 -27.51
C LYS A 89 31.52 -33.52 -28.93
N TYR A 90 30.71 -32.82 -29.73
CA TYR A 90 31.12 -32.57 -31.11
C TYR A 90 32.26 -31.57 -31.18
N LEU A 91 32.31 -30.60 -30.27
CA LEU A 91 33.43 -29.68 -30.22
C LEU A 91 34.73 -30.39 -29.88
N TYR A 92 34.67 -31.42 -29.04
CA TYR A 92 35.84 -32.26 -28.85
C TYR A 92 36.19 -33.00 -30.13
N GLU A 93 35.20 -33.62 -30.76
CA GLU A 93 35.46 -34.35 -32.01
C GLU A 93 35.99 -33.43 -33.09
N LEU A 94 35.80 -32.12 -32.95
CA LEU A 94 36.14 -31.15 -33.97
C LEU A 94 37.33 -30.27 -33.62
N LEU A 95 37.88 -30.39 -32.41
CA LEU A 95 38.95 -29.53 -31.96
C LEU A 95 40.22 -30.28 -31.58
N TYR A 96 40.17 -31.60 -31.45
CA TYR A 96 41.33 -32.40 -31.09
C TYR A 96 41.75 -33.39 -32.17
N ASN A 97 40.96 -33.57 -33.21
CA ASN A 97 41.32 -34.39 -34.35
C ASN A 97 41.63 -33.50 -35.55
N ASP A 98 42.70 -33.84 -36.27
CA ASP A 98 43.09 -33.06 -37.43
C ASP A 98 41.96 -33.04 -38.46
N PRO A 99 41.94 -32.05 -39.36
CA PRO A 99 42.92 -30.96 -39.54
C PRO A 99 42.85 -29.86 -38.50
N ILE A 100 43.48 -28.73 -38.79
CA ILE A 100 43.53 -27.58 -37.89
C ILE A 100 42.55 -26.53 -38.38
N LYS A 101 41.65 -26.10 -37.50
CA LYS A 101 40.61 -25.14 -37.83
C LYS A 101 41.06 -23.72 -37.48
N ILE A 102 40.33 -22.75 -38.01
CA ILE A 102 40.68 -21.35 -37.84
C ILE A 102 39.51 -20.55 -37.26
N ILE A 103 38.32 -20.72 -37.83
CA ILE A 103 37.13 -19.97 -37.41
C ILE A 103 36.00 -20.94 -37.10
N LEU A 104 35.31 -20.68 -36.00
CA LEU A 104 34.20 -21.52 -35.54
C LEU A 104 32.90 -20.73 -35.66
N MET A 105 31.86 -21.37 -36.20
CA MET A 105 30.56 -20.72 -36.42
C MET A 105 29.41 -21.45 -35.73
N PRO A 106 28.99 -21.02 -34.54
CA PRO A 106 27.84 -21.63 -33.87
C PRO A 106 26.51 -20.92 -34.17
N GLY A 107 25.42 -21.68 -34.20
CA GLY A 107 24.15 -21.11 -34.63
C GLY A 107 23.29 -20.57 -33.50
N CYS A 108 22.97 -21.39 -32.52
CA CYS A 108 21.99 -21.02 -31.50
C CYS A 108 22.62 -20.07 -30.49
N SER A 109 21.81 -19.66 -29.50
CA SER A 109 22.25 -18.81 -28.41
C SER A 109 22.51 -19.58 -27.13
N SER A 110 22.29 -20.90 -27.12
CA SER A 110 22.60 -21.73 -25.98
C SER A 110 23.86 -22.56 -26.17
N VAL A 111 24.40 -22.61 -27.38
CA VAL A 111 25.66 -23.29 -27.67
C VAL A 111 26.72 -22.34 -28.18
N SER A 112 26.40 -21.05 -28.28
CA SER A 112 27.37 -20.02 -28.62
C SER A 112 28.06 -19.48 -27.39
N THR A 113 27.29 -19.26 -26.33
CA THR A 113 27.83 -18.86 -25.04
C THR A 113 28.96 -19.80 -24.61
N LEU A 114 28.69 -21.09 -24.63
CA LEU A 114 29.67 -22.10 -24.24
C LEU A 114 30.96 -21.95 -25.04
N VAL A 115 30.85 -21.99 -26.37
CA VAL A 115 32.06 -22.01 -27.18
C VAL A 115 32.80 -20.69 -27.06
N ALA A 116 32.09 -19.57 -26.85
CA ALA A 116 32.75 -18.30 -26.71
C ALA A 116 33.47 -18.16 -25.38
N GLU A 117 32.92 -18.75 -24.32
CA GLU A 117 33.64 -18.83 -23.05
C GLU A 117 34.87 -19.70 -23.18
N ALA A 118 34.77 -20.81 -23.92
CA ALA A 118 35.84 -21.79 -23.93
C ALA A 118 36.97 -21.45 -24.88
N ALA A 119 36.69 -20.80 -26.00
CA ALA A 119 37.70 -20.61 -27.03
C ALA A 119 38.85 -19.72 -26.60
N ARG A 120 38.66 -18.94 -25.53
CA ARG A 120 39.74 -18.06 -25.07
C ARG A 120 41.03 -18.84 -24.85
N MET A 121 40.93 -20.07 -24.35
CA MET A 121 42.11 -20.86 -24.06
C MET A 121 42.72 -21.50 -25.30
N TRP A 122 42.02 -21.51 -26.43
CA TRP A 122 42.53 -22.05 -27.67
C TRP A 122 42.90 -20.97 -28.68
N ASN A 123 42.66 -19.70 -28.38
CA ASN A 123 43.02 -18.59 -29.25
C ASN A 123 42.33 -18.72 -30.61
N LEU A 124 41.00 -18.59 -30.57
CA LEU A 124 40.15 -18.74 -31.74
C LEU A 124 39.19 -17.57 -31.85
N ILE A 125 38.58 -17.46 -33.03
CA ILE A 125 37.58 -16.46 -33.33
C ILE A 125 36.25 -17.18 -33.55
N VAL A 126 35.16 -16.53 -33.16
CA VAL A 126 33.83 -17.11 -33.35
C VAL A 126 32.92 -16.07 -34.01
N LEU A 127 32.16 -16.52 -34.99
CA LEU A 127 31.31 -15.66 -35.82
C LEU A 127 29.96 -16.35 -35.94
N SER A 128 28.98 -15.98 -35.12
CA SER A 128 27.65 -16.65 -35.06
C SER A 128 26.66 -15.92 -35.93
N TYR A 129 25.78 -16.63 -36.66
CA TYR A 129 24.79 -16.03 -37.59
C TYR A 129 23.34 -16.21 -37.15
N GLY A 130 23.06 -16.59 -35.91
CA GLY A 130 21.68 -16.78 -35.44
C GLY A 130 21.43 -16.53 -33.96
N SER A 131 22.27 -15.83 -33.20
CA SER A 131 22.09 -15.62 -31.74
C SER A 131 21.70 -14.18 -31.42
N SER A 132 20.62 -14.00 -30.68
CA SER A 132 19.90 -12.75 -30.40
C SER A 132 19.68 -12.58 -28.91
N SER A 133 20.73 -12.77 -28.12
CA SER A 133 20.63 -12.65 -26.68
C SER A 133 21.43 -11.44 -26.20
N PRO A 134 20.85 -10.56 -25.37
CA PRO A 134 21.59 -9.36 -24.95
C PRO A 134 22.80 -9.64 -24.07
N ALA A 135 22.94 -10.86 -23.54
CA ALA A 135 24.04 -11.15 -22.64
C ALA A 135 25.36 -11.36 -23.37
N LEU A 136 25.32 -11.69 -24.65
CA LEU A 136 26.52 -11.91 -25.44
C LEU A 136 27.17 -10.61 -25.89
N SER A 137 26.71 -9.47 -25.40
CA SER A 137 27.28 -8.18 -25.75
C SER A 137 28.39 -7.74 -24.80
N ASN A 138 28.66 -8.50 -23.75
CA ASN A 138 29.79 -8.21 -22.89
C ASN A 138 31.10 -8.43 -23.63
N ARG A 139 32.16 -7.83 -23.10
CA ARG A 139 33.49 -7.93 -23.69
C ARG A 139 34.53 -8.41 -22.69
N GLN A 140 34.16 -8.61 -21.43
CA GLN A 140 35.08 -9.13 -20.43
C GLN A 140 35.08 -10.65 -20.40
N ARG A 141 33.96 -11.29 -20.70
CA ARG A 141 33.86 -12.74 -20.82
C ARG A 141 34.03 -13.23 -22.25
N PHE A 142 33.41 -12.55 -23.21
CA PHE A 142 33.48 -12.91 -24.63
C PHE A 142 34.33 -11.91 -25.38
N PRO A 143 35.64 -12.10 -25.45
CA PRO A 143 36.52 -11.11 -26.12
C PRO A 143 36.81 -11.38 -27.59
N THR A 144 36.27 -12.44 -28.19
CA THR A 144 36.54 -12.76 -29.60
C THR A 144 35.26 -13.17 -30.30
N PHE A 145 34.15 -12.48 -30.00
CA PHE A 145 32.84 -12.87 -30.48
C PHE A 145 32.31 -11.83 -31.46
N PHE A 146 31.90 -12.27 -32.64
CA PHE A 146 31.23 -11.41 -33.61
C PHE A 146 29.97 -12.09 -34.10
N ARG A 147 28.96 -11.29 -34.44
CA ARG A 147 27.72 -11.84 -34.98
C ARG A 147 27.12 -10.86 -35.97
N THR A 148 26.17 -11.36 -36.76
CA THR A 148 25.40 -10.58 -37.71
C THR A 148 23.96 -10.36 -37.28
N HIS A 149 23.33 -11.36 -36.70
CA HIS A 149 21.96 -11.22 -36.21
C HIS A 149 21.95 -10.22 -35.06
N PRO A 150 21.33 -9.05 -35.21
CA PRO A 150 21.37 -8.06 -34.13
C PRO A 150 20.68 -8.57 -32.88
N SER A 151 20.84 -7.81 -31.80
CA SER A 151 20.31 -8.18 -30.51
C SER A 151 18.81 -7.86 -30.43
N ALA A 152 18.23 -8.13 -29.27
CA ALA A 152 16.86 -7.79 -28.98
C ALA A 152 16.73 -6.49 -28.20
N THR A 153 17.85 -5.82 -27.93
CA THR A 153 17.86 -4.47 -27.38
C THR A 153 17.80 -3.40 -28.45
N LEU A 154 17.20 -3.74 -29.60
CA LEU A 154 17.13 -2.86 -30.75
C LEU A 154 15.71 -2.44 -31.10
N HIS A 155 14.71 -2.91 -30.35
CA HIS A 155 13.36 -2.41 -30.47
C HIS A 155 13.09 -1.22 -29.55
N ASN A 156 13.83 -1.09 -28.46
CA ASN A 156 13.53 -0.16 -27.39
C ASN A 156 13.75 1.28 -27.82
N PRO A 157 14.83 1.60 -28.53
CA PRO A 157 14.97 2.96 -29.07
C PRO A 157 13.77 3.36 -29.92
N THR A 158 13.33 2.47 -30.81
CA THR A 158 12.13 2.73 -31.60
C THR A 158 10.94 3.00 -30.69
N ARG A 159 10.72 2.12 -29.71
CA ARG A 159 9.57 2.26 -28.84
C ARG A 159 9.54 3.61 -28.14
N VAL A 160 10.69 4.05 -27.62
CA VAL A 160 10.69 5.31 -26.86
C VAL A 160 10.61 6.51 -27.80
N LYS A 161 11.28 6.45 -28.94
CA LYS A 161 11.17 7.53 -29.91
C LYS A 161 9.76 7.64 -30.45
N LEU A 162 8.97 6.58 -30.34
CA LEU A 162 7.56 6.64 -30.75
C LEU A 162 6.68 7.12 -29.62
N PHE A 163 6.98 6.73 -28.37
CA PHE A 163 6.26 7.28 -27.24
C PHE A 163 6.39 8.79 -27.20
N GLU A 164 7.63 9.29 -27.27
CA GLU A 164 7.86 10.73 -27.28
C GLU A 164 7.00 11.43 -28.33
N LYS A 165 6.94 10.87 -29.54
CA LYS A 165 6.21 11.51 -30.62
C LYS A 165 4.74 11.75 -30.27
N TRP A 166 4.17 10.93 -29.38
CA TRP A 166 2.75 11.00 -29.06
C TRP A 166 2.48 11.36 -27.60
N GLY A 167 3.49 11.86 -26.89
CA GLY A 167 3.28 12.41 -25.57
C GLY A 167 2.68 11.44 -24.57
N TRP A 168 3.43 10.42 -24.17
CA TRP A 168 3.02 9.48 -23.14
C TRP A 168 4.08 9.44 -22.05
N LYS A 169 3.62 9.43 -20.79
CA LYS A 169 4.52 9.49 -19.65
C LYS A 169 4.22 8.42 -18.60
N LYS A 170 3.29 7.51 -18.87
CA LYS A 170 2.95 6.45 -17.93
C LYS A 170 2.76 5.16 -18.70
N ILE A 171 3.64 4.17 -18.46
CA ILE A 171 3.61 2.91 -19.17
C ILE A 171 3.53 1.76 -18.19
N ALA A 172 3.08 0.61 -18.70
CA ALA A 172 2.96 -0.62 -17.94
C ALA A 172 3.38 -1.79 -18.82
N THR A 173 3.86 -2.86 -18.19
CA THR A 173 4.42 -3.98 -18.93
C THR A 173 4.22 -5.28 -18.17
N ILE A 174 4.24 -6.38 -18.93
CA ILE A 174 4.19 -7.73 -18.38
C ILE A 174 5.11 -8.59 -19.23
N GLN A 175 5.69 -9.63 -18.61
CA GLN A 175 6.65 -10.47 -19.32
C GLN A 175 6.55 -11.91 -18.84
N GLN A 176 6.48 -12.82 -19.81
CA GLN A 176 6.75 -14.22 -19.53
C GLN A 176 8.15 -14.38 -18.94
N THR A 177 8.40 -15.53 -18.33
CA THR A 177 9.64 -15.77 -17.61
C THR A 177 10.68 -16.37 -18.56
N THR A 178 11.81 -15.68 -18.70
CA THR A 178 12.93 -16.11 -19.53
C THR A 178 14.01 -15.06 -19.37
N GLU A 179 15.21 -15.39 -19.84
CA GLU A 179 16.35 -14.47 -19.69
C GLU A 179 16.29 -13.36 -20.74
N VAL A 180 15.96 -13.71 -21.98
CA VAL A 180 15.95 -12.73 -23.05
C VAL A 180 15.01 -11.58 -22.69
N PHE A 181 13.77 -11.91 -22.33
CA PHE A 181 12.77 -10.88 -22.05
C PHE A 181 13.13 -10.07 -20.81
N THR A 182 13.69 -10.72 -19.79
CA THR A 182 14.11 -10.00 -18.60
C THR A 182 15.16 -8.95 -18.93
N SER A 183 16.22 -9.36 -19.64
CA SER A 183 17.27 -8.42 -20.01
C SER A 183 16.72 -7.32 -20.89
N THR A 184 15.81 -7.67 -21.81
CA THR A 184 15.20 -6.67 -22.68
C THR A 184 14.47 -5.62 -21.86
N LEU A 185 13.63 -6.05 -20.92
CA LEU A 185 12.88 -5.10 -20.10
C LEU A 185 13.81 -4.26 -19.24
N ASP A 186 14.90 -4.85 -18.75
CA ASP A 186 15.86 -4.07 -17.98
C ASP A 186 16.47 -2.95 -18.82
N ASP A 187 16.90 -3.28 -20.04
CA ASP A 187 17.44 -2.25 -20.91
C ASP A 187 16.40 -1.19 -21.22
N LEU A 188 15.14 -1.61 -21.44
CA LEU A 188 14.07 -0.66 -21.69
C LEU A 188 13.91 0.30 -20.51
N GLU A 189 13.95 -0.23 -19.29
CA GLU A 189 13.83 0.62 -18.12
C GLU A 189 14.99 1.61 -18.05
N GLU A 190 16.20 1.14 -18.33
CA GLU A 190 17.35 2.04 -18.27
C GLU A 190 17.26 3.12 -19.33
N ARG A 191 16.71 2.81 -20.50
CA ARG A 191 16.59 3.80 -21.56
C ARG A 191 15.45 4.77 -21.34
N VAL A 192 14.38 4.31 -20.69
CA VAL A 192 13.20 5.15 -20.51
C VAL A 192 13.34 6.03 -19.27
N LYS A 193 14.11 5.60 -18.27
CA LYS A 193 14.40 6.41 -17.09
C LYS A 193 15.48 7.46 -17.35
N GLU A 194 15.79 7.75 -18.62
CA GLU A 194 16.79 8.76 -18.96
C GLU A 194 16.25 9.75 -19.98
N ALA A 195 14.93 9.79 -20.19
CA ALA A 195 14.31 10.74 -21.10
C ALA A 195 13.03 11.33 -20.51
N GLY A 196 12.92 11.34 -19.18
CA GLY A 196 11.75 11.92 -18.53
C GLY A 196 10.49 11.09 -18.71
N ILE A 197 10.55 9.82 -18.31
CA ILE A 197 9.39 8.93 -18.38
C ILE A 197 9.49 7.97 -17.20
N GLU A 198 8.33 7.42 -16.80
CA GLU A 198 8.26 6.57 -15.63
C GLU A 198 7.40 5.35 -15.94
N ILE A 199 7.78 4.23 -15.32
CA ILE A 199 7.08 2.98 -15.47
C ILE A 199 6.21 2.74 -14.24
N THR A 200 5.17 1.92 -14.40
CA THR A 200 4.19 1.72 -13.35
C THR A 200 4.16 0.30 -12.80
N PHE A 201 3.98 -0.70 -13.67
CA PHE A 201 3.67 -2.06 -13.23
C PHE A 201 4.45 -3.07 -14.04
N ARG A 202 4.90 -4.13 -13.37
CA ARG A 202 5.64 -5.21 -14.01
C ARG A 202 5.17 -6.53 -13.39
N GLN A 203 4.45 -7.32 -14.18
CA GLN A 203 3.87 -8.58 -13.72
C GLN A 203 4.38 -9.72 -14.58
N SER A 204 4.83 -10.79 -13.93
CA SER A 204 5.40 -11.94 -14.61
C SER A 204 4.47 -13.14 -14.50
N PHE A 205 4.80 -14.20 -15.23
CA PHE A 205 4.06 -15.45 -15.19
C PHE A 205 4.79 -16.48 -16.02
N PHE A 206 4.37 -17.73 -15.86
CA PHE A 206 4.86 -18.84 -16.66
C PHE A 206 3.80 -19.44 -17.57
N SER A 207 2.66 -19.86 -17.00
CA SER A 207 1.54 -20.26 -17.84
C SER A 207 0.18 -19.87 -17.24
N ASP A 208 0.14 -19.02 -16.22
CA ASP A 208 -1.12 -18.58 -15.62
C ASP A 208 -1.37 -17.11 -15.94
N PRO A 209 -1.92 -16.80 -17.11
CA PRO A 209 -2.14 -15.39 -17.48
C PRO A 209 -3.45 -14.82 -16.96
N ALA A 210 -4.07 -15.48 -15.99
CA ALA A 210 -5.40 -15.05 -15.53
C ALA A 210 -5.29 -13.91 -14.51
N VAL A 211 -4.64 -14.16 -13.38
CA VAL A 211 -4.53 -13.15 -12.33
C VAL A 211 -3.65 -11.98 -12.77
N PRO A 212 -2.55 -12.18 -13.52
CA PRO A 212 -1.74 -11.01 -13.89
C PRO A 212 -2.46 -10.07 -14.84
N VAL A 213 -3.30 -10.59 -15.74
CA VAL A 213 -4.06 -9.71 -16.62
C VAL A 213 -5.29 -9.16 -15.90
N LYS A 214 -5.83 -9.90 -14.93
CA LYS A 214 -6.95 -9.38 -14.15
C LYS A 214 -6.52 -8.23 -13.26
N ASN A 215 -5.29 -8.26 -12.75
CA ASN A 215 -4.81 -7.21 -11.87
C ASN A 215 -4.44 -5.92 -12.62
N LEU A 216 -4.65 -5.88 -13.93
CA LEU A 216 -4.44 -4.63 -14.67
C LEU A 216 -5.62 -3.69 -14.49
N LYS A 217 -6.84 -4.22 -14.63
CA LYS A 217 -8.03 -3.39 -14.43
C LYS A 217 -8.06 -2.79 -13.03
N ARG A 218 -7.50 -3.49 -12.04
CA ARG A 218 -7.47 -2.96 -10.68
C ARG A 218 -6.72 -1.63 -10.63
N GLN A 219 -5.77 -1.41 -11.55
CA GLN A 219 -5.02 -0.18 -11.62
C GLN A 219 -5.41 0.68 -12.81
N ASP A 220 -6.27 0.18 -13.68
CA ASP A 220 -6.71 0.91 -14.87
C ASP A 220 -5.52 1.36 -15.71
N ALA A 221 -4.79 0.37 -16.22
CA ALA A 221 -3.67 0.60 -17.11
C ALA A 221 -4.15 0.44 -18.56
N ARG A 222 -3.67 1.33 -19.42
CA ARG A 222 -4.18 1.47 -20.77
C ARG A 222 -3.13 1.27 -21.86
N ILE A 223 -1.91 1.78 -21.65
CA ILE A 223 -0.80 1.54 -22.55
C ILE A 223 -0.02 0.35 -22.04
N ILE A 224 0.18 -0.65 -22.91
CA ILE A 224 0.70 -1.93 -22.49
C ILE A 224 1.70 -2.43 -23.52
N VAL A 225 2.80 -3.01 -23.05
CA VAL A 225 3.76 -3.69 -23.89
C VAL A 225 3.82 -5.14 -23.43
N GLY A 226 3.73 -6.07 -24.37
CA GLY A 226 3.68 -7.48 -24.05
C GLY A 226 4.77 -8.28 -24.73
N LEU A 227 5.57 -8.98 -23.93
CA LEU A 227 6.68 -9.79 -24.43
C LEU A 227 6.39 -11.25 -24.07
N PHE A 228 6.14 -12.06 -25.09
CA PHE A 228 5.91 -13.49 -24.89
C PHE A 228 5.77 -14.22 -26.21
N TYR A 229 5.63 -15.54 -26.16
CA TYR A 229 5.58 -16.38 -27.35
C TYR A 229 4.14 -16.43 -27.87
N GLU A 230 3.87 -17.35 -28.79
CA GLU A 230 2.59 -17.37 -29.48
C GLU A 230 1.49 -17.94 -28.60
N THR A 231 1.75 -19.09 -27.96
CA THR A 231 0.73 -19.71 -27.12
C THR A 231 0.32 -18.80 -25.96
N GLU A 232 1.30 -18.20 -25.30
CA GLU A 232 1.00 -17.19 -24.30
C GLU A 232 0.06 -16.12 -24.86
N ALA A 233 0.21 -15.79 -26.14
CA ALA A 233 -0.67 -14.81 -26.75
C ALA A 233 -2.08 -15.36 -26.88
N ARG A 234 -2.22 -16.53 -27.50
CA ARG A 234 -3.53 -17.11 -27.75
C ARG A 234 -4.28 -17.37 -26.46
N LYS A 235 -3.57 -17.42 -25.32
CA LYS A 235 -4.23 -17.59 -24.03
C LYS A 235 -4.55 -16.25 -23.37
N VAL A 236 -3.56 -15.37 -23.27
CA VAL A 236 -3.74 -14.10 -22.60
C VAL A 236 -4.79 -13.28 -23.31
N PHE A 237 -4.96 -13.46 -24.62
CA PHE A 237 -5.93 -12.65 -25.34
C PHE A 237 -7.36 -13.12 -25.10
N CYS A 238 -7.57 -14.43 -24.90
CA CYS A 238 -8.88 -14.88 -24.44
C CYS A 238 -9.17 -14.36 -23.04
N GLU A 239 -8.18 -14.41 -22.16
CA GLU A 239 -8.33 -13.80 -20.84
C GLU A 239 -8.75 -12.34 -20.96
N VAL A 240 -8.06 -11.61 -21.85
CA VAL A 240 -8.39 -10.21 -22.13
C VAL A 240 -9.85 -10.08 -22.53
N TYR A 241 -10.24 -10.74 -23.63
CA TYR A 241 -11.60 -10.62 -24.12
C TYR A 241 -12.60 -10.89 -23.01
N LYS A 242 -12.30 -11.83 -22.11
CA LYS A 242 -13.19 -12.06 -20.98
C LYS A 242 -13.22 -10.86 -20.04
N GLU A 243 -12.06 -10.26 -19.78
CA GLU A 243 -11.97 -9.14 -18.86
C GLU A 243 -12.25 -7.78 -19.50
N ARG A 244 -12.49 -7.73 -20.81
CA ARG A 244 -12.81 -6.49 -21.52
C ARG A 244 -11.76 -5.40 -21.25
N LEU A 245 -10.56 -5.66 -21.77
CA LEU A 245 -9.45 -4.73 -21.66
C LEU A 245 -9.16 -3.99 -22.96
N PHE A 246 -10.08 -4.02 -23.92
CA PHE A 246 -9.88 -3.39 -25.21
C PHE A 246 -10.98 -2.37 -25.50
N GLY A 247 -10.72 -1.51 -26.48
CA GLY A 247 -11.65 -0.48 -26.88
C GLY A 247 -10.99 0.66 -27.61
N LYS A 248 -11.27 1.89 -27.20
CA LYS A 248 -10.64 3.07 -27.77
C LYS A 248 -9.58 3.69 -26.87
N LYS A 249 -9.56 3.34 -25.58
CA LYS A 249 -8.56 3.85 -24.64
C LYS A 249 -7.60 2.74 -24.20
N TYR A 250 -7.19 1.87 -25.13
CA TYR A 250 -6.27 0.77 -24.84
C TYR A 250 -5.35 0.57 -26.03
N VAL A 251 -4.04 0.60 -25.80
CA VAL A 251 -3.05 0.37 -26.85
C VAL A 251 -2.12 -0.75 -26.43
N TRP A 252 -1.95 -1.74 -27.31
CA TRP A 252 -1.12 -2.91 -27.09
C TRP A 252 0.10 -2.90 -28.00
N PHE A 253 1.27 -3.09 -27.41
CA PHE A 253 2.55 -3.16 -28.13
C PHE A 253 3.01 -4.61 -28.10
N LEU A 254 3.45 -5.12 -29.26
CA LEU A 254 3.85 -6.52 -29.33
C LEU A 254 5.15 -6.70 -30.11
N ILE A 255 5.49 -7.95 -30.40
CA ILE A 255 6.66 -8.29 -31.20
C ILE A 255 6.16 -8.95 -32.48
N GLY A 256 6.96 -8.84 -33.54
CA GLY A 256 6.42 -9.03 -34.87
C GLY A 256 6.68 -10.35 -35.57
N TRP A 257 7.61 -11.14 -35.08
N TRP A 257 7.59 -11.16 -35.02
CA TRP A 257 7.89 -12.36 -35.84
CA TRP A 257 7.93 -12.45 -35.63
C TRP A 257 6.76 -13.40 -35.74
C TRP A 257 6.73 -13.36 -35.82
N TYR A 258 5.67 -13.14 -35.04
CA TYR A 258 4.53 -14.09 -35.09
C TYR A 258 4.08 -14.19 -36.54
N ALA A 259 3.59 -15.37 -36.95
CA ALA A 259 3.08 -15.63 -38.29
C ALA A 259 1.66 -15.11 -38.41
N ASP A 260 1.39 -14.40 -39.50
CA ASP A 260 0.02 -13.97 -39.77
C ASP A 260 -0.91 -15.16 -39.71
N ASN A 261 -2.17 -14.90 -39.35
CA ASN A 261 -3.19 -15.92 -39.13
C ASN A 261 -3.01 -16.63 -37.80
N TRP A 262 -2.27 -16.04 -36.86
CA TRP A 262 -2.05 -16.66 -35.56
C TRP A 262 -3.23 -16.48 -34.62
N PHE A 263 -4.35 -15.94 -35.09
CA PHE A 263 -5.57 -15.88 -34.31
C PHE A 263 -6.74 -16.60 -34.99
N LYS A 264 -6.53 -17.15 -36.18
CA LYS A 264 -7.53 -17.94 -36.88
C LYS A 264 -7.14 -19.41 -36.92
N ILE A 265 -6.59 -19.92 -35.82
CA ILE A 265 -6.13 -21.29 -35.72
C ILE A 265 -6.81 -21.96 -34.55
N TYR A 266 -7.21 -23.22 -34.73
CA TYR A 266 -7.89 -23.96 -33.68
C TYR A 266 -7.01 -24.04 -32.44
N ASP A 267 -7.65 -23.95 -31.28
CA ASP A 267 -6.97 -24.00 -29.98
C ASP A 267 -7.79 -24.86 -29.04
N PRO A 268 -7.67 -26.19 -29.14
CA PRO A 268 -8.47 -27.06 -28.27
C PRO A 268 -8.30 -26.78 -26.79
N SER A 269 -7.20 -26.14 -26.38
CA SER A 269 -7.00 -25.72 -25.01
C SER A 269 -7.58 -24.34 -24.74
N ILE A 270 -8.46 -23.85 -25.61
CA ILE A 270 -9.02 -22.51 -25.51
C ILE A 270 -10.53 -22.60 -25.64
N ASN A 271 -11.23 -21.76 -24.89
CA ASN A 271 -12.69 -21.72 -24.93
C ASN A 271 -13.24 -20.66 -25.88
N CYS A 272 -12.55 -19.53 -26.02
CA CYS A 272 -13.03 -18.46 -26.89
C CYS A 272 -13.06 -18.94 -28.35
N THR A 273 -13.61 -18.08 -29.21
CA THR A 273 -13.79 -18.39 -30.62
C THR A 273 -13.00 -17.38 -31.47
N VAL A 274 -13.20 -17.46 -32.78
CA VAL A 274 -12.40 -16.65 -33.70
C VAL A 274 -12.91 -15.21 -33.76
N ASP A 275 -14.22 -15.02 -33.86
CA ASP A 275 -14.75 -13.67 -33.98
C ASP A 275 -14.73 -12.93 -32.65
N GLU A 276 -14.77 -13.64 -31.53
CA GLU A 276 -14.68 -12.99 -30.23
C GLU A 276 -13.29 -12.43 -29.99
N MET A 277 -12.26 -13.12 -30.49
CA MET A 277 -10.88 -12.68 -30.30
C MET A 277 -10.41 -11.71 -31.38
N THR A 278 -10.90 -11.87 -32.61
CA THR A 278 -10.54 -10.94 -33.67
C THR A 278 -10.96 -9.51 -33.34
N GLU A 279 -11.82 -9.31 -32.35
CA GLU A 279 -12.20 -7.99 -31.88
C GLU A 279 -11.38 -7.52 -30.68
N ALA A 280 -10.57 -8.41 -30.11
CA ALA A 280 -9.71 -8.04 -28.99
C ALA A 280 -8.30 -7.65 -29.44
N VAL A 281 -7.93 -7.94 -30.68
CA VAL A 281 -6.60 -7.67 -31.18
C VAL A 281 -6.68 -6.64 -32.30
N GLU A 282 -7.66 -5.74 -32.22
CA GLU A 282 -7.81 -4.70 -33.21
C GLU A 282 -6.87 -3.53 -32.90
N GLY A 283 -6.16 -3.06 -33.91
CA GLY A 283 -5.27 -1.93 -33.75
C GLY A 283 -4.21 -2.11 -32.68
N HIS A 284 -3.27 -3.02 -32.91
CA HIS A 284 -2.15 -3.22 -31.98
C HIS A 284 -0.86 -3.08 -32.76
N ILE A 285 0.01 -2.17 -32.29
CA ILE A 285 1.27 -1.93 -32.95
C ILE A 285 2.15 -3.19 -32.87
N THR A 286 3.16 -3.24 -33.73
CA THR A 286 4.15 -4.30 -33.67
C THR A 286 5.38 -3.90 -34.46
N THR A 287 6.54 -3.99 -33.83
CA THR A 287 7.80 -3.71 -34.48
C THR A 287 8.35 -4.97 -35.14
N GLU A 288 9.52 -4.84 -35.75
CA GLU A 288 10.16 -5.98 -36.40
C GLU A 288 11.51 -5.52 -36.94
N ILE A 289 12.38 -6.48 -37.21
CA ILE A 289 13.67 -6.23 -37.82
C ILE A 289 13.64 -6.75 -39.25
N VAL A 290 14.36 -6.06 -40.13
CA VAL A 290 14.34 -6.35 -41.56
C VAL A 290 15.72 -6.89 -41.95
N MET A 291 15.73 -7.98 -42.70
CA MET A 291 16.96 -8.65 -43.09
C MET A 291 17.23 -8.65 -44.58
N LEU A 292 16.24 -8.34 -45.41
CA LEU A 292 16.38 -8.36 -46.86
C LEU A 292 16.26 -6.95 -47.39
N ASN A 293 17.19 -6.56 -48.24
CA ASN A 293 17.23 -5.21 -48.80
C ASN A 293 15.92 -4.94 -49.53
N PRO A 294 15.06 -4.04 -49.03
CA PRO A 294 13.78 -3.82 -49.70
C PRO A 294 13.92 -3.25 -51.11
N ALA A 295 15.02 -2.57 -51.40
CA ALA A 295 15.26 -2.06 -52.74
C ALA A 295 15.67 -3.21 -53.66
N ASN A 296 16.08 -2.87 -54.87
CA ASN A 296 16.56 -3.85 -55.85
C ASN A 296 17.90 -3.42 -56.41
N THR A 297 18.75 -2.85 -55.56
CA THR A 297 20.10 -2.47 -55.96
C THR A 297 21.01 -3.69 -55.94
N ARG A 298 22.03 -3.64 -56.78
CA ARG A 298 23.02 -4.72 -56.82
C ARG A 298 24.00 -4.58 -55.65
N SER A 299 24.79 -5.63 -55.44
CA SER A 299 25.70 -5.69 -54.32
C SER A 299 27.05 -6.20 -54.80
N ILE A 300 27.93 -6.52 -53.85
CA ILE A 300 29.30 -6.90 -54.18
C ILE A 300 29.31 -8.07 -55.17
N SER A 301 28.60 -9.14 -54.83
CA SER A 301 28.56 -10.33 -55.67
C SER A 301 27.77 -10.14 -56.95
N ASN A 302 27.32 -8.94 -57.28
CA ASN A 302 26.52 -8.70 -58.48
C ASN A 302 25.28 -9.59 -58.47
N MET A 303 24.43 -9.37 -57.47
CA MET A 303 23.22 -10.16 -57.28
C MET A 303 22.12 -9.29 -56.70
N THR A 304 20.89 -9.61 -57.07
CA THR A 304 19.69 -8.96 -56.54
C THR A 304 18.90 -9.94 -55.69
N SER A 305 18.24 -9.41 -54.66
CA SER A 305 17.44 -10.23 -53.77
C SER A 305 16.55 -11.21 -54.53
N GLN A 306 15.94 -10.75 -55.62
CA GLN A 306 15.10 -11.63 -56.42
C GLN A 306 15.92 -12.68 -57.14
N GLU A 307 17.17 -12.37 -57.50
CA GLU A 307 18.04 -13.33 -58.14
C GLU A 307 18.73 -14.24 -57.13
N PHE A 308 18.39 -14.13 -55.85
CA PHE A 308 18.96 -14.94 -54.78
C PHE A 308 17.92 -15.83 -54.12
N VAL A 309 16.74 -15.27 -53.82
CA VAL A 309 15.68 -16.08 -53.23
C VAL A 309 15.38 -17.29 -54.10
N GLU A 310 15.02 -17.06 -55.36
CA GLU A 310 14.71 -18.17 -56.26
C GLU A 310 15.93 -19.06 -56.46
N LYS A 311 17.12 -18.47 -56.50
CA LYS A 311 18.33 -19.24 -56.74
C LYS A 311 18.51 -20.30 -55.67
N LEU A 312 18.26 -19.94 -54.40
CA LEU A 312 18.40 -20.93 -53.34
C LEU A 312 17.12 -21.71 -53.09
N THR A 313 15.98 -21.24 -53.60
CA THR A 313 14.76 -22.03 -53.54
C THR A 313 14.78 -23.18 -54.54
N LYS A 314 15.60 -23.06 -55.58
CA LYS A 314 15.83 -24.17 -56.50
C LYS A 314 16.79 -25.22 -55.94
N ARG A 315 17.04 -25.21 -54.62
CA ARG A 315 18.01 -26.12 -54.00
C ARG A 315 17.47 -26.75 -52.73
N LEU A 316 16.15 -26.75 -52.53
CA LEU A 316 15.54 -27.32 -51.34
C LEU A 316 14.68 -28.51 -51.70
N LYS A 317 14.26 -29.24 -50.67
CA LYS A 317 13.39 -30.40 -50.81
C LYS A 317 11.93 -30.06 -50.59
N ARG A 318 11.60 -29.46 -49.44
CA ARG A 318 10.25 -29.03 -49.14
C ARG A 318 10.05 -27.60 -49.62
N HIS A 319 8.91 -27.00 -49.28
CA HIS A 319 8.62 -25.66 -49.74
C HIS A 319 9.17 -24.63 -48.75
N PRO A 320 9.56 -23.44 -49.24
CA PRO A 320 10.14 -22.43 -48.35
C PRO A 320 9.17 -21.90 -47.31
N GLU A 321 7.91 -22.33 -47.32
CA GLU A 321 6.95 -21.97 -46.29
C GLU A 321 6.76 -23.07 -45.26
N GLU A 322 7.26 -24.28 -45.53
CA GLU A 322 7.19 -25.39 -44.59
C GLU A 322 8.54 -25.76 -43.98
N THR A 323 9.63 -25.19 -44.49
CA THR A 323 10.96 -25.45 -43.96
C THR A 323 11.24 -24.49 -42.80
N GLY A 324 12.47 -24.49 -42.30
CA GLY A 324 12.82 -23.70 -41.15
C GLY A 324 14.04 -22.84 -41.40
N GLY A 325 14.05 -21.69 -40.74
CA GLY A 325 15.16 -20.76 -40.85
C GLY A 325 15.40 -20.26 -42.26
N PHE A 326 14.34 -19.85 -42.94
CA PHE A 326 14.47 -19.34 -44.30
C PHE A 326 14.81 -17.85 -44.32
N GLN A 327 14.12 -17.06 -43.51
CA GLN A 327 14.37 -15.62 -43.45
C GLN A 327 15.66 -15.27 -42.74
N GLU A 328 16.49 -16.23 -42.35
CA GLU A 328 17.77 -15.95 -41.72
C GLU A 328 18.97 -16.26 -42.60
N ALA A 329 18.76 -16.88 -43.75
CA ALA A 329 19.88 -17.21 -44.63
C ALA A 329 20.69 -16.00 -45.06
N PRO A 330 20.08 -14.88 -45.43
CA PRO A 330 20.87 -13.71 -45.83
C PRO A 330 21.97 -13.35 -44.84
N LEU A 331 21.76 -13.63 -43.55
CA LEU A 331 22.78 -13.32 -42.56
C LEU A 331 23.88 -14.36 -42.51
N ALA A 332 23.63 -15.57 -43.04
CA ALA A 332 24.70 -16.53 -43.22
C ALA A 332 25.49 -16.23 -44.49
N TYR A 333 24.81 -15.77 -45.54
CA TYR A 333 25.51 -15.34 -46.74
C TYR A 333 26.37 -14.12 -46.48
N ASP A 334 25.80 -13.09 -45.86
CA ASP A 334 26.49 -11.83 -45.63
C ASP A 334 27.50 -11.90 -44.49
N ALA A 335 27.81 -13.09 -43.97
CA ALA A 335 28.83 -13.26 -42.95
C ALA A 335 30.10 -13.86 -43.50
N ILE A 336 30.00 -15.00 -44.19
CA ILE A 336 31.14 -15.64 -44.82
C ILE A 336 31.82 -14.73 -45.84
N TRP A 337 31.16 -13.63 -46.23
CA TRP A 337 31.82 -12.65 -47.08
C TRP A 337 32.69 -11.70 -46.27
N ALA A 338 32.22 -11.30 -45.08
CA ALA A 338 33.03 -10.47 -44.21
C ALA A 338 34.34 -11.17 -43.87
N LEU A 339 34.27 -12.48 -43.63
CA LEU A 339 35.46 -13.26 -43.31
C LEU A 339 36.48 -13.15 -44.44
N ALA A 340 36.05 -13.43 -45.67
CA ALA A 340 36.97 -13.36 -46.80
C ALA A 340 37.51 -11.96 -47.00
N LEU A 341 36.65 -10.94 -46.85
CA LEU A 341 37.08 -9.56 -47.00
C LEU A 341 38.18 -9.21 -46.01
N ALA A 342 38.00 -9.60 -44.75
CA ALA A 342 39.00 -9.26 -43.72
C ALA A 342 40.21 -10.17 -43.78
N LEU A 343 40.11 -11.31 -44.43
CA LEU A 343 41.23 -12.22 -44.55
C LEU A 343 42.07 -11.95 -45.79
N ASN A 344 41.50 -11.27 -46.79
CA ASN A 344 42.27 -10.87 -47.96
C ASN A 344 43.41 -9.93 -47.57
N LYS A 345 43.11 -8.91 -46.76
CA LYS A 345 44.13 -7.95 -46.35
C LYS A 345 45.35 -8.65 -45.76
N THR A 346 45.12 -9.49 -44.74
CA THR A 346 46.22 -10.18 -44.09
C THR A 346 47.03 -11.00 -45.09
N SER A 347 46.35 -11.70 -45.99
CA SER A 347 47.02 -12.49 -47.02
C SER A 347 47.93 -13.55 -46.41
N ARG A 356 51.24 -17.08 -44.75
CA ARG A 356 50.90 -16.33 -43.55
C ARG A 356 49.86 -17.07 -42.72
N LEU A 357 49.14 -18.01 -43.35
CA LEU A 357 48.12 -18.79 -42.69
C LEU A 357 48.41 -20.28 -42.64
N GLU A 358 49.34 -20.77 -43.46
CA GLU A 358 49.67 -22.20 -43.43
C GLU A 358 50.29 -22.62 -42.11
N ASP A 359 50.70 -21.68 -41.27
CA ASP A 359 51.31 -21.97 -39.98
C ASP A 359 50.50 -21.26 -38.90
N PHE A 360 49.48 -21.95 -38.38
CA PHE A 360 48.63 -21.42 -37.31
C PHE A 360 48.52 -22.46 -36.21
N ASN A 361 49.23 -22.23 -35.10
CA ASN A 361 49.14 -23.06 -33.92
C ASN A 361 48.25 -22.38 -32.89
N TYR A 362 47.57 -23.20 -32.08
CA TYR A 362 46.57 -22.69 -31.14
C TYR A 362 47.18 -21.84 -30.03
N ASN A 363 48.51 -21.70 -29.97
CA ASN A 363 49.14 -21.00 -28.86
C ASN A 363 49.40 -19.52 -29.17
N ASN A 364 49.99 -19.22 -30.33
CA ASN A 364 50.30 -17.85 -30.67
C ASN A 364 49.03 -17.01 -30.78
N GLN A 365 49.11 -15.78 -30.28
CA GLN A 365 47.97 -14.88 -30.22
C GLN A 365 48.25 -13.55 -30.92
N THR A 366 48.95 -13.60 -32.04
CA THR A 366 49.17 -12.41 -32.87
C THR A 366 48.35 -12.44 -34.15
N ILE A 367 48.26 -13.60 -34.80
CA ILE A 367 47.42 -13.72 -36.00
C ILE A 367 45.97 -13.43 -35.67
N THR A 368 45.49 -13.96 -34.55
CA THR A 368 44.11 -13.70 -34.15
C THR A 368 43.89 -12.22 -33.89
N ASP A 369 44.90 -11.54 -33.35
CA ASP A 369 44.76 -10.10 -33.10
C ASP A 369 44.71 -9.32 -34.41
N GLN A 370 45.53 -9.72 -35.38
CA GLN A 370 45.44 -9.11 -36.71
C GLN A 370 44.05 -9.30 -37.30
N ILE A 371 43.51 -10.51 -37.23
CA ILE A 371 42.19 -10.77 -37.79
C ILE A 371 41.13 -9.97 -37.04
N TYR A 372 41.31 -9.79 -35.72
CA TYR A 372 40.39 -8.99 -34.94
C TYR A 372 40.40 -7.54 -35.42
N ARG A 373 41.60 -7.00 -35.63
CA ARG A 373 41.71 -5.63 -36.13
C ARG A 373 41.10 -5.50 -37.51
N ALA A 374 41.21 -6.53 -38.35
CA ALA A 374 40.64 -6.47 -39.69
C ALA A 374 39.12 -6.54 -39.65
N MET A 375 38.56 -7.36 -38.77
CA MET A 375 37.11 -7.53 -38.73
C MET A 375 36.44 -6.36 -38.02
N ASN A 376 37.19 -5.71 -37.12
CA ASN A 376 36.75 -4.53 -36.40
C ASN A 376 36.55 -3.33 -37.31
N SER A 377 37.08 -3.37 -38.53
CA SER A 377 37.02 -2.25 -39.46
C SER A 377 36.22 -2.62 -40.71
N SER A 378 35.08 -3.28 -40.54
CA SER A 378 34.32 -3.78 -41.68
C SER A 378 33.25 -2.78 -42.10
N SER A 379 33.13 -2.59 -43.41
CA SER A 379 32.10 -1.73 -43.98
C SER A 379 31.91 -2.10 -45.45
N PHE A 380 30.74 -2.60 -45.79
CA PHE A 380 30.42 -2.95 -47.17
C PHE A 380 28.92 -3.22 -47.26
N GLU A 381 28.46 -3.55 -48.46
CA GLU A 381 27.04 -3.72 -48.74
C GLU A 381 26.79 -5.16 -49.18
N GLY A 382 25.76 -5.77 -48.60
CA GLY A 382 25.39 -7.12 -48.95
C GLY A 382 23.89 -7.32 -49.07
N VAL A 383 23.45 -8.57 -49.22
CA VAL A 383 22.04 -8.86 -49.41
C VAL A 383 21.18 -8.33 -48.27
N SER A 384 21.79 -8.09 -47.10
CA SER A 384 21.07 -7.56 -45.96
C SER A 384 21.31 -6.08 -45.74
N GLY A 385 22.17 -5.46 -46.55
CA GLY A 385 22.42 -4.03 -46.44
C GLY A 385 23.82 -3.71 -45.97
N HIS A 386 23.97 -2.53 -45.37
CA HIS A 386 25.25 -2.09 -44.85
C HIS A 386 25.53 -2.76 -43.52
N VAL A 387 26.58 -3.60 -43.47
CA VAL A 387 26.95 -4.33 -42.27
C VAL A 387 28.15 -3.61 -41.64
N VAL A 388 27.99 -3.21 -40.39
CA VAL A 388 29.07 -2.63 -39.60
C VAL A 388 28.94 -3.11 -38.17
N PHE A 389 30.07 -3.50 -37.58
CA PHE A 389 30.08 -4.05 -36.24
C PHE A 389 30.37 -2.95 -35.24
N ASP A 390 29.53 -2.85 -34.21
CA ASP A 390 29.72 -1.87 -33.15
C ASP A 390 30.82 -2.34 -32.21
N ALA A 391 30.94 -1.70 -31.05
CA ALA A 391 32.05 -2.00 -30.14
C ALA A 391 31.92 -3.39 -29.55
N SER A 392 30.69 -3.85 -29.28
CA SER A 392 30.44 -5.13 -28.64
C SER A 392 30.13 -6.23 -29.65
N GLY A 393 30.72 -6.17 -30.84
CA GLY A 393 30.56 -7.23 -31.82
C GLY A 393 29.30 -7.13 -32.63
N SER A 394 28.19 -6.81 -31.98
CA SER A 394 26.90 -6.77 -32.67
C SER A 394 26.94 -5.77 -33.82
N ARG A 395 25.92 -5.82 -34.65
CA ARG A 395 25.75 -4.87 -35.74
C ARG A 395 24.41 -4.17 -35.61
N MET A 396 24.32 -3.00 -36.23
CA MET A 396 23.11 -2.18 -36.23
C MET A 396 22.41 -2.28 -37.58
N ALA A 397 21.10 -2.06 -37.56
CA ALA A 397 20.31 -2.24 -38.78
C ALA A 397 19.06 -1.38 -38.69
N TRP A 398 18.32 -1.36 -39.80
CA TRP A 398 17.04 -0.68 -39.86
C TRP A 398 15.94 -1.57 -39.33
N THR A 399 14.97 -0.97 -38.65
CA THR A 399 13.82 -1.70 -38.14
C THR A 399 12.54 -1.11 -38.72
N LEU A 400 11.46 -1.88 -38.57
CA LEU A 400 10.22 -1.67 -39.29
C LEU A 400 9.05 -1.70 -38.32
N ILE A 401 7.97 -1.01 -38.66
CA ILE A 401 6.80 -0.88 -37.80
C ILE A 401 5.56 -1.28 -38.60
N GLU A 402 4.55 -1.76 -37.90
CA GLU A 402 3.33 -2.20 -38.58
C GLU A 402 2.12 -1.92 -37.66
N GLN A 403 0.95 -2.33 -38.13
CA GLN A 403 -0.31 -2.11 -37.44
C GLN A 403 -1.38 -2.95 -38.12
N LEU A 404 -2.31 -3.46 -37.33
CA LEU A 404 -3.36 -4.34 -37.83
C LEU A 404 -4.57 -3.51 -38.24
N GLN A 405 -5.00 -3.67 -39.49
CA GLN A 405 -6.14 -2.94 -40.05
C GLN A 405 -7.02 -3.95 -40.79
N GLY A 406 -7.98 -4.53 -40.07
CA GLY A 406 -8.93 -5.42 -40.68
C GLY A 406 -8.34 -6.74 -41.13
N GLY A 407 -7.93 -7.56 -40.18
CA GLY A 407 -7.40 -8.88 -40.50
C GLY A 407 -6.23 -8.87 -41.45
N SER A 408 -5.41 -7.81 -41.43
CA SER A 408 -4.27 -7.71 -42.31
C SER A 408 -3.35 -6.62 -41.80
N TYR A 409 -2.05 -6.86 -41.89
CA TYR A 409 -1.06 -5.89 -41.45
C TYR A 409 -0.79 -4.87 -42.53
N LYS A 410 -0.67 -3.60 -42.12
CA LYS A 410 -0.41 -2.50 -43.02
C LYS A 410 0.75 -1.68 -42.49
N LYS A 411 1.80 -1.54 -43.29
CA LYS A 411 3.01 -0.89 -42.84
C LYS A 411 2.75 0.57 -42.46
N ILE A 412 3.61 1.10 -41.60
CA ILE A 412 3.51 2.48 -41.16
C ILE A 412 4.81 3.25 -41.28
N GLY A 413 5.97 2.61 -41.27
CA GLY A 413 7.21 3.36 -41.24
C GLY A 413 8.38 2.48 -40.89
N TYR A 414 9.56 3.04 -41.13
CA TYR A 414 10.84 2.42 -40.86
C TYR A 414 11.58 3.25 -39.81
N TYR A 415 12.83 2.86 -39.53
CA TYR A 415 13.63 3.60 -38.58
C TYR A 415 15.07 3.13 -38.65
N ASP A 416 16.00 4.09 -38.63
CA ASP A 416 17.43 3.85 -38.65
C ASP A 416 18.04 4.51 -37.42
N SER A 417 18.42 3.70 -36.44
CA SER A 417 18.90 4.21 -35.15
C SER A 417 20.31 4.76 -35.22
N THR A 418 20.91 4.85 -36.40
CA THR A 418 22.27 5.36 -36.51
C THR A 418 22.32 6.87 -36.69
N LYS A 419 21.38 7.44 -37.45
CA LYS A 419 21.34 8.87 -37.72
C LYS A 419 20.03 9.50 -37.26
N ASP A 420 19.42 8.94 -36.21
CA ASP A 420 18.17 9.47 -35.65
C ASP A 420 17.13 9.72 -36.74
N ASP A 421 17.20 8.95 -37.82
CA ASP A 421 16.33 9.16 -38.97
C ASP A 421 14.95 8.54 -38.74
N LEU A 422 14.08 8.69 -39.73
CA LEU A 422 12.74 8.11 -39.71
C LEU A 422 12.12 8.34 -41.07
N SER A 423 11.10 7.53 -41.38
CA SER A 423 10.38 7.66 -42.65
C SER A 423 8.93 7.22 -42.39
N TRP A 424 8.07 8.19 -42.09
CA TRP A 424 6.67 7.92 -41.89
C TRP A 424 5.96 7.74 -43.23
N SER A 425 4.65 7.44 -43.16
CA SER A 425 3.85 7.26 -44.37
C SER A 425 2.49 7.93 -44.30
N LYS A 426 2.03 8.37 -43.14
CA LYS A 426 0.71 9.00 -43.01
C LYS A 426 -0.40 7.98 -43.29
N THR A 427 -0.26 6.79 -42.72
CA THR A 427 -1.21 5.71 -42.92
C THR A 427 -1.81 5.19 -41.64
N ASP A 428 -1.39 5.70 -40.48
CA ASP A 428 -1.96 5.26 -39.21
C ASP A 428 -3.46 5.53 -39.17
N LYS A 429 -4.12 4.91 -38.19
CA LYS A 429 -5.55 5.03 -38.03
C LYS A 429 -5.90 4.98 -36.55
N TRP A 430 -7.03 5.59 -36.20
CA TRP A 430 -7.52 5.57 -34.84
C TRP A 430 -9.04 5.57 -34.87
N ILE A 431 -9.64 4.99 -33.82
CA ILE A 431 -11.09 4.98 -33.72
C ILE A 431 -11.61 6.38 -33.38
N GLY A 432 -10.92 7.10 -32.51
CA GLY A 432 -11.35 8.42 -32.11
C GLY A 432 -10.62 9.54 -32.83
N GLY A 433 -10.18 9.27 -34.06
CA GLY A 433 -9.49 10.28 -34.85
C GLY A 433 -8.21 10.80 -34.25
N SER A 434 -7.77 10.20 -33.15
CA SER A 434 -6.58 10.65 -32.45
C SER A 434 -6.24 9.62 -31.38
N PRO A 435 -4.98 9.55 -30.94
CA PRO A 435 -4.60 8.56 -29.94
C PRO A 435 -4.81 9.09 -28.54
N PRO A 436 -5.27 8.25 -27.61
CA PRO A 436 -5.48 8.73 -26.24
C PRO A 436 -4.19 9.07 -25.51
N ALA A 437 -4.31 9.43 -24.24
CA ALA A 437 -3.15 9.80 -23.43
C ALA A 437 -3.10 8.92 -22.19
N ASP A 438 -2.20 9.23 -21.26
CA ASP A 438 -1.89 8.30 -20.18
C ASP A 438 -3.02 8.18 -19.17
N GLN A 439 -3.63 9.29 -18.77
CA GLN A 439 -4.63 9.26 -17.72
C GLN A 439 -5.66 10.36 -17.95
N THR A 440 -6.87 10.12 -17.46
CA THR A 440 -7.95 11.10 -17.58
C THR A 440 -7.61 12.37 -16.84
N LEU A 441 -7.57 13.49 -17.56
CA LEU A 441 -7.34 14.78 -16.94
C LEU A 441 -8.59 15.27 -16.23
N VAL A 442 -8.38 15.96 -15.11
CA VAL A 442 -9.48 16.50 -14.30
C VAL A 442 -9.43 18.02 -14.40
N ILE A 443 -10.58 18.62 -14.71
CA ILE A 443 -10.71 20.07 -14.84
C ILE A 443 -11.60 20.57 -13.71
N LYS A 444 -11.17 21.64 -13.05
CA LYS A 444 -11.87 22.19 -11.90
C LYS A 444 -12.76 23.34 -12.34
N THR A 445 -14.02 23.31 -11.92
CA THR A 445 -15.01 24.30 -12.29
C THR A 445 -15.44 25.09 -11.06
N PHE A 446 -15.94 26.30 -11.30
CA PHE A 446 -16.33 27.23 -10.26
C PHE A 446 -17.79 27.61 -10.43
N ARG A 447 -18.56 27.51 -9.35
CA ARG A 447 -19.97 27.89 -9.35
C ARG A 447 -20.12 29.33 -8.86
N PHE A 448 -21.07 30.04 -9.46
CA PHE A 448 -21.35 31.43 -9.10
C PHE A 448 -22.85 31.63 -9.02
N LEU A 449 -23.26 32.84 -8.68
CA LEU A 449 -24.67 33.18 -8.60
C LEU A 449 -25.25 33.30 -10.00
N SER A 450 -26.56 33.59 -10.07
CA SER A 450 -27.23 33.72 -11.35
C SER A 450 -26.80 34.96 -12.12
N GLN A 451 -26.26 35.96 -11.44
CA GLN A 451 -25.81 37.22 -12.00
C GLN A 451 -26.96 38.15 -12.37
N LYS A 452 -28.21 37.69 -12.23
CA LYS A 452 -29.38 38.54 -12.41
C LYS A 452 -30.16 38.73 -11.11
N LEU A 453 -30.10 37.77 -10.19
CA LEU A 453 -30.71 37.91 -8.88
C LEU A 453 -30.01 38.94 -8.02
N PHE A 454 -28.83 39.42 -8.45
CA PHE A 454 -28.06 40.39 -7.69
C PHE A 454 -28.42 41.83 -8.05
N ILE A 455 -28.76 42.09 -9.31
CA ILE A 455 -28.95 43.47 -9.75
C ILE A 455 -30.17 44.10 -9.09
N SER A 456 -31.31 43.42 -9.14
CA SER A 456 -32.53 43.98 -8.57
C SER A 456 -32.39 44.17 -7.06
N VAL A 457 -31.76 43.21 -6.39
CA VAL A 457 -31.62 43.30 -4.93
C VAL A 457 -30.63 44.39 -4.55
N SER A 458 -29.63 44.65 -5.38
CA SER A 458 -28.73 45.77 -5.13
C SER A 458 -29.33 47.10 -5.54
N VAL A 459 -30.38 47.08 -6.37
CA VAL A 459 -31.07 48.31 -6.74
C VAL A 459 -32.01 48.75 -5.62
N LEU A 460 -32.78 47.79 -5.07
CA LEU A 460 -33.71 48.14 -3.99
C LEU A 460 -33.02 48.89 -2.86
N SER A 461 -31.73 48.62 -2.64
CA SER A 461 -31.00 49.32 -1.59
C SER A 461 -30.94 50.82 -1.86
N SER A 462 -30.86 51.22 -3.12
CA SER A 462 -30.83 52.65 -3.43
C SER A 462 -32.13 53.33 -3.03
N LEU A 463 -33.27 52.68 -3.33
CA LEU A 463 -34.55 53.21 -2.89
C LEU A 463 -34.61 53.29 -1.37
N GLY A 464 -34.15 52.25 -0.69
CA GLY A 464 -34.12 52.27 0.76
C GLY A 464 -33.33 53.45 1.31
N ILE A 465 -32.14 53.69 0.75
CA ILE A 465 -31.31 54.79 1.23
C ILE A 465 -31.95 56.13 0.90
N VAL A 466 -32.64 56.21 -0.24
CA VAL A 466 -33.35 57.45 -0.58
C VAL A 466 -34.43 57.74 0.44
N LEU A 467 -35.21 56.72 0.81
CA LEU A 467 -36.23 56.89 1.84
C LEU A 467 -35.60 57.32 3.15
N ALA A 468 -34.48 56.70 3.52
CA ALA A 468 -33.82 57.05 4.77
C ALA A 468 -33.38 58.51 4.77
N VAL A 469 -32.78 58.97 3.68
CA VAL A 469 -32.34 60.36 3.61
C VAL A 469 -33.53 61.30 3.66
N VAL A 470 -34.60 60.99 2.93
CA VAL A 470 -35.80 61.81 2.94
C VAL A 470 -36.33 61.96 4.36
N CYS A 471 -36.40 60.85 5.09
CA CYS A 471 -36.97 60.88 6.43
C CYS A 471 -36.06 61.64 7.39
N LEU A 472 -34.76 61.40 7.32
CA LEU A 472 -33.83 62.15 8.16
C LEU A 472 -33.96 63.65 7.91
N SER A 473 -34.11 64.04 6.64
CA SER A 473 -34.25 65.46 6.32
C SER A 473 -35.56 66.01 6.86
N PHE A 474 -36.66 65.28 6.67
CA PHE A 474 -37.95 65.73 7.20
C PHE A 474 -37.90 65.90 8.71
N ASN A 475 -37.15 65.04 9.41
CA ASN A 475 -37.08 65.12 10.86
C ASN A 475 -36.12 66.20 11.34
N ILE A 476 -35.06 66.49 10.58
CA ILE A 476 -34.10 67.49 11.00
C ILE A 476 -34.51 68.91 10.60
N TYR A 477 -35.34 69.05 9.57
CA TYR A 477 -35.83 70.38 9.20
C TYR A 477 -36.56 71.02 10.36
N ASN A 478 -37.66 70.42 10.79
CA ASN A 478 -38.36 70.87 12.00
C ASN A 478 -37.51 70.49 13.21
N SER A 479 -37.03 71.51 13.93
CA SER A 479 -36.20 71.26 15.11
C SER A 479 -36.52 72.21 16.25
N HIS A 480 -37.70 72.84 16.26
CA HIS A 480 -38.06 73.78 17.31
C HIS A 480 -39.50 73.63 17.79
N VAL A 481 -40.21 72.59 17.36
CA VAL A 481 -41.59 72.37 17.76
C VAL A 481 -41.60 71.42 18.96
N ARG A 482 -42.58 71.63 19.85
CA ARG A 482 -42.67 70.78 21.04
C ARG A 482 -43.05 69.35 20.68
N TYR A 483 -43.86 69.17 19.64
CA TYR A 483 -44.24 67.84 19.21
C TYR A 483 -43.01 66.96 18.98
N ILE A 484 -41.97 67.53 18.38
CA ILE A 484 -40.75 66.79 18.13
C ILE A 484 -39.77 66.89 19.29
N GLN A 485 -39.78 67.98 20.04
CA GLN A 485 -38.91 68.08 21.21
C GLN A 485 -39.27 67.04 22.26
N ASN A 486 -40.53 66.60 22.27
CA ASN A 486 -40.94 65.57 23.23
C ASN A 486 -40.36 64.22 22.85
N SER A 487 -40.66 63.75 21.63
CA SER A 487 -40.13 62.49 21.14
C SER A 487 -38.67 62.68 20.75
N GLN A 488 -37.81 61.82 21.28
CA GLN A 488 -36.35 61.98 21.14
C GLN A 488 -35.95 62.07 19.67
N PRO A 489 -35.51 63.24 19.19
CA PRO A 489 -35.09 63.33 17.79
C PRO A 489 -33.76 62.65 17.52
N ASN A 490 -32.79 62.82 18.42
CA ASN A 490 -31.46 62.27 18.22
C ASN A 490 -31.51 60.75 18.09
N LEU A 491 -32.29 60.09 18.93
CA LEU A 491 -32.39 58.64 18.88
C LEU A 491 -32.99 58.19 17.55
N ASN A 492 -34.04 58.87 17.08
CA ASN A 492 -34.62 58.51 15.80
C ASN A 492 -33.59 58.66 14.70
N ASN A 493 -32.82 59.76 14.72
CA ASN A 493 -31.83 59.94 13.67
C ASN A 493 -30.81 58.81 13.72
N LEU A 494 -30.40 58.44 14.93
CA LEU A 494 -29.40 57.38 15.06
C LEU A 494 -29.93 56.09 14.45
N THR A 495 -31.21 55.81 14.70
CA THR A 495 -31.84 54.61 14.14
C THR A 495 -31.80 54.65 12.62
N ALA A 496 -32.09 55.83 12.06
CA ALA A 496 -32.07 55.97 10.60
C ALA A 496 -30.68 55.71 10.06
N VAL A 497 -29.66 56.25 10.72
CA VAL A 497 -28.28 56.05 10.27
C VAL A 497 -27.94 54.57 10.30
N GLY A 498 -28.32 53.89 11.39
CA GLY A 498 -28.03 52.48 11.50
C GLY A 498 -28.68 51.69 10.38
N CYS A 499 -29.94 51.99 10.10
CA CYS A 499 -30.65 51.27 9.05
C CYS A 499 -29.99 51.52 7.70
N SER A 500 -29.55 52.76 7.46
CA SER A 500 -28.90 53.08 6.19
C SER A 500 -27.63 52.26 6.02
N LEU A 501 -26.83 52.16 7.09
CA LEU A 501 -25.61 51.37 7.00
C LEU A 501 -25.93 49.91 6.74
N ALA A 502 -26.97 49.40 7.42
CA ALA A 502 -27.34 48.00 7.22
C ALA A 502 -27.73 47.76 5.77
N LEU A 503 -28.50 48.69 5.20
CA LEU A 503 -28.92 48.53 3.80
C LEU A 503 -27.72 48.55 2.87
N ALA A 504 -26.75 49.42 3.15
CA ALA A 504 -25.56 49.49 2.32
C ALA A 504 -24.76 48.19 2.39
N ALA A 505 -24.70 47.57 3.57
CA ALA A 505 -23.86 46.39 3.75
C ALA A 505 -24.24 45.25 2.81
N VAL A 506 -25.39 45.35 2.13
CA VAL A 506 -25.84 44.26 1.28
C VAL A 506 -24.99 44.08 0.03
N PHE A 507 -24.29 45.13 -0.40
CA PHE A 507 -23.55 45.05 -1.66
C PHE A 507 -22.44 44.01 -1.62
N PRO A 508 -21.46 44.09 -0.72
CA PRO A 508 -20.33 43.15 -0.77
C PRO A 508 -20.71 41.69 -0.51
N LEU A 509 -21.98 41.42 -0.23
CA LEU A 509 -22.38 40.06 0.12
C LEU A 509 -22.56 39.20 -1.12
N GLY A 510 -22.87 39.79 -2.26
CA GLY A 510 -23.05 39.04 -3.49
C GLY A 510 -21.88 39.15 -4.43
N LEU A 511 -21.01 40.14 -4.19
CA LEU A 511 -19.86 40.37 -5.06
C LEU A 511 -18.85 39.25 -4.87
N ASP A 512 -18.77 38.35 -5.85
CA ASP A 512 -17.79 37.28 -5.83
C ASP A 512 -17.63 36.73 -7.24
N GLY A 513 -16.39 36.37 -7.58
CA GLY A 513 -16.12 35.77 -8.87
C GLY A 513 -16.02 36.76 -10.01
N TYR A 514 -17.06 36.82 -10.84
CA TYR A 514 -17.00 37.64 -12.06
C TYR A 514 -16.56 39.07 -11.76
N HIS A 515 -16.82 39.56 -10.55
CA HIS A 515 -16.55 40.94 -10.20
C HIS A 515 -15.45 41.08 -9.15
N ILE A 516 -14.57 40.09 -9.02
CA ILE A 516 -13.48 40.13 -8.05
C ILE A 516 -12.45 39.08 -8.42
N GLY A 517 -11.22 39.26 -7.94
CA GLY A 517 -10.15 38.32 -8.14
C GLY A 517 -9.69 37.67 -6.85
N ARG A 518 -8.53 37.03 -6.93
CA ARG A 518 -7.94 36.36 -5.78
C ARG A 518 -7.15 37.31 -4.88
N ASN A 519 -7.00 38.58 -5.27
CA ASN A 519 -6.25 39.55 -4.49
C ASN A 519 -7.13 40.51 -3.71
N GLN A 520 -8.20 41.01 -4.33
CA GLN A 520 -9.11 41.95 -3.68
C GLN A 520 -10.31 41.26 -3.04
N PHE A 521 -10.15 40.00 -2.62
CA PHE A 521 -11.23 39.26 -1.98
C PHE A 521 -11.38 39.67 -0.52
N PRO A 522 -10.31 39.73 0.27
CA PRO A 522 -10.45 40.03 1.69
C PRO A 522 -11.07 41.39 1.97
N PHE A 523 -10.95 42.34 1.05
CA PHE A 523 -11.54 43.66 1.26
C PHE A 523 -13.06 43.63 1.31
N VAL A 524 -13.70 42.55 0.89
CA VAL A 524 -15.16 42.48 0.90
C VAL A 524 -15.68 42.01 2.26
N CYS A 525 -15.06 40.97 2.82
CA CYS A 525 -15.54 40.41 4.08
C CYS A 525 -15.50 41.45 5.20
N GLN A 526 -14.39 42.19 5.28
CA GLN A 526 -14.27 43.25 6.27
C GLN A 526 -15.41 44.24 6.12
N ALA A 527 -15.75 44.59 4.87
CA ALA A 527 -16.86 45.51 4.63
C ALA A 527 -18.16 44.94 5.18
N ARG A 528 -18.52 43.73 4.73
CA ARG A 528 -19.73 43.09 5.21
C ARG A 528 -19.82 43.18 6.73
N LEU A 529 -18.79 42.68 7.40
CA LEU A 529 -18.82 42.59 8.86
C LEU A 529 -18.94 43.97 9.50
N TRP A 530 -17.98 44.85 9.19
CA TRP A 530 -17.92 46.14 9.88
C TRP A 530 -19.10 47.03 9.55
N LEU A 531 -19.84 46.74 8.49
CA LEU A 531 -21.05 47.52 8.21
C LEU A 531 -22.26 46.94 8.93
N LEU A 532 -22.49 45.63 8.80
CA LEU A 532 -23.69 45.04 9.40
C LEU A 532 -23.63 45.07 10.91
N GLY A 533 -22.54 44.57 11.49
CA GLY A 533 -22.39 44.55 12.93
C GLY A 533 -22.36 45.92 13.58
N LEU A 534 -22.20 46.97 12.78
CA LEU A 534 -22.31 48.34 13.28
C LEU A 534 -23.73 48.86 13.18
N GLY A 535 -24.35 48.70 12.01
CA GLY A 535 -25.67 49.28 11.80
C GLY A 535 -26.73 48.64 12.68
N PHE A 536 -26.74 47.31 12.73
CA PHE A 536 -27.73 46.62 13.55
C PHE A 536 -27.72 47.16 14.97
N SER A 537 -26.54 47.19 15.58
CA SER A 537 -26.43 47.63 16.97
C SER A 537 -26.76 49.11 17.10
N LEU A 538 -26.30 49.94 16.15
CA LEU A 538 -26.53 51.37 16.26
C LEU A 538 -28.01 51.72 16.17
N GLY A 539 -28.82 50.86 15.55
CA GLY A 539 -30.25 51.07 15.57
C GLY A 539 -30.92 50.51 16.81
N TYR A 540 -30.63 49.24 17.09
CA TYR A 540 -31.28 48.58 18.22
C TYR A 540 -30.96 49.26 19.53
N GLY A 541 -29.81 49.93 19.63
CA GLY A 541 -29.47 50.62 20.86
C GLY A 541 -30.55 51.58 21.29
N SER A 542 -30.88 52.54 20.43
CA SER A 542 -32.00 53.44 20.70
C SER A 542 -33.30 52.67 20.85
N MET A 543 -33.62 51.87 19.82
CA MET A 543 -34.93 51.22 19.78
C MET A 543 -35.18 50.37 21.02
N PHE A 544 -34.16 50.06 21.80
CA PHE A 544 -34.29 49.31 23.04
C PHE A 544 -34.20 50.20 24.28
N THR A 545 -33.20 51.09 24.32
CA THR A 545 -33.00 51.90 25.52
C THR A 545 -34.20 52.78 25.81
N LYS A 546 -34.90 53.24 24.77
CA LYS A 546 -36.08 54.06 25.02
C LYS A 546 -37.10 53.29 25.86
N ILE A 547 -37.49 52.11 25.39
CA ILE A 547 -38.43 51.28 26.14
C ILE A 547 -37.87 50.93 27.51
N TRP A 548 -36.56 50.70 27.59
CA TRP A 548 -35.97 50.35 28.88
C TRP A 548 -36.22 51.44 29.91
N TRP A 549 -35.79 52.66 29.60
CA TRP A 549 -35.97 53.76 30.55
C TRP A 549 -37.44 54.03 30.82
N VAL A 550 -38.29 53.88 29.79
CA VAL A 550 -39.72 54.07 30.00
C VAL A 550 -40.22 53.09 31.06
N HIS A 551 -40.10 51.79 30.80
CA HIS A 551 -40.53 50.79 31.76
C HIS A 551 -39.90 51.00 33.12
N THR A 552 -38.67 51.51 33.17
CA THR A 552 -38.03 51.80 34.44
C THR A 552 -38.79 52.86 35.22
N VAL A 553 -39.04 54.01 34.60
CA VAL A 553 -39.81 55.05 35.27
C VAL A 553 -41.23 54.59 35.57
N PHE A 554 -41.71 53.57 34.85
CA PHE A 554 -43.05 53.05 35.05
C PHE A 554 -43.19 52.18 36.29
N THR A 555 -42.08 51.73 36.87
CA THR A 555 -42.12 50.87 38.04
C THR A 555 -42.94 51.49 39.17
N LEU A 567 -36.28 60.88 33.97
CA LEU A 567 -35.85 60.63 32.60
C LEU A 567 -34.91 61.72 32.11
N GLU A 568 -33.81 61.93 32.83
CA GLU A 568 -32.86 62.96 32.44
C GLU A 568 -32.27 62.64 31.07
N PRO A 569 -32.12 63.65 30.20
CA PRO A 569 -31.57 63.36 28.86
C PRO A 569 -30.14 62.86 28.89
N TRP A 570 -29.32 63.37 29.80
CA TRP A 570 -27.91 62.99 29.82
C TRP A 570 -27.74 61.48 30.01
N LYS A 571 -28.54 60.89 30.90
CA LYS A 571 -28.43 59.47 31.21
C LYS A 571 -28.70 58.61 29.97
N LEU A 572 -29.66 59.01 29.14
CA LEU A 572 -30.05 58.20 27.99
C LEU A 572 -28.89 57.98 27.03
N TYR A 573 -28.06 59.00 26.80
CA TYR A 573 -26.95 58.86 25.88
C TYR A 573 -25.95 57.80 26.36
N ALA A 574 -25.70 57.73 27.67
CA ALA A 574 -24.75 56.76 28.20
C ALA A 574 -25.23 55.34 27.96
N THR A 575 -26.53 55.09 28.12
CA THR A 575 -27.05 53.74 27.95
C THR A 575 -26.82 53.27 26.53
N VAL A 576 -27.09 54.13 25.55
CA VAL A 576 -26.91 53.74 24.16
C VAL A 576 -25.42 53.52 23.88
N GLY A 577 -24.60 54.49 24.25
CA GLY A 577 -23.17 54.39 23.99
C GLY A 577 -22.53 53.13 24.56
N LEU A 578 -23.07 52.62 25.67
CA LEU A 578 -22.49 51.43 26.29
C LEU A 578 -22.59 50.22 25.36
N LEU A 579 -23.77 49.98 24.79
CA LEU A 579 -23.97 48.77 24.00
C LEU A 579 -23.08 48.78 22.76
N VAL A 580 -23.03 49.92 22.06
CA VAL A 580 -22.18 50.01 20.87
C VAL A 580 -20.72 49.86 21.25
N GLY A 581 -20.32 50.45 22.38
CA GLY A 581 -18.93 50.30 22.82
C GLY A 581 -18.58 48.84 23.09
N MET A 582 -19.50 48.09 23.70
CA MET A 582 -19.27 46.67 23.92
C MET A 582 -19.16 45.90 22.59
N ASP A 583 -20.02 46.22 21.62
CA ASP A 583 -20.02 45.44 20.38
C ASP A 583 -18.70 45.57 19.63
N VAL A 584 -18.18 46.78 19.55
CA VAL A 584 -16.90 47.05 18.88
C VAL A 584 -15.78 46.25 19.53
N LEU A 585 -15.81 46.09 20.85
CA LEU A 585 -14.79 45.31 21.52
C LEU A 585 -14.76 43.88 21.00
N THR A 586 -15.93 43.22 20.95
CA THR A 586 -15.96 41.85 20.48
C THR A 586 -15.51 41.75 19.03
N LEU A 587 -15.95 42.69 18.19
CA LEU A 587 -15.58 42.64 16.78
C LEU A 587 -14.08 42.83 16.59
N ALA A 588 -13.50 43.79 17.31
CA ALA A 588 -12.06 44.04 17.20
C ALA A 588 -11.25 42.87 17.73
N ILE A 589 -11.69 42.25 18.83
CA ILE A 589 -10.95 41.11 19.35
C ILE A 589 -11.04 39.92 18.41
N TRP A 590 -12.17 39.78 17.71
CA TRP A 590 -12.27 38.71 16.71
C TRP A 590 -11.32 38.98 15.55
N GLN A 591 -11.35 40.20 15.01
CA GLN A 591 -10.48 40.55 13.89
C GLN A 591 -8.99 40.55 14.27
N ILE A 592 -8.66 40.67 15.56
CA ILE A 592 -7.27 40.71 15.96
C ILE A 592 -6.72 39.30 16.12
N VAL A 593 -7.35 38.48 16.98
CA VAL A 593 -6.82 37.15 17.29
C VAL A 593 -7.34 36.07 16.35
N ASP A 594 -8.16 36.42 15.36
CA ASP A 594 -8.68 35.41 14.44
C ASP A 594 -9.17 36.07 13.15
N PRO A 595 -8.31 36.30 12.17
CA PRO A 595 -8.74 36.91 10.92
C PRO A 595 -9.15 35.87 9.88
N LEU A 596 -9.97 36.31 8.94
CA LEU A 596 -10.49 35.47 7.87
C LEU A 596 -9.82 35.84 6.55
N HIS A 597 -9.27 34.84 5.86
CA HIS A 597 -8.56 35.08 4.60
C HIS A 597 -9.25 34.42 3.42
N ARG A 598 -9.50 33.11 3.53
CA ARG A 598 -10.18 32.31 2.49
C ARG A 598 -10.31 30.88 2.97
N THR A 599 -11.06 30.07 2.22
CA THR A 599 -11.30 28.62 2.47
C THR A 599 -12.06 28.07 1.27
N ILE A 600 -11.46 27.20 0.46
CA ILE A 600 -12.15 26.58 -0.71
C ILE A 600 -12.96 25.38 -0.20
N GLU A 601 -13.88 24.88 -1.01
CA GLU A 601 -14.70 23.73 -0.56
C GLU A 601 -14.80 22.80 -1.75
N THR A 602 -14.28 21.56 -1.68
CA THR A 602 -14.29 20.68 -2.84
C THR A 602 -15.35 19.60 -2.65
N PHE A 603 -16.47 19.73 -3.36
CA PHE A 603 -17.54 18.74 -3.25
C PHE A 603 -17.56 17.81 -4.46
N ALA A 604 -18.63 17.00 -4.57
CA ALA A 604 -18.64 15.87 -5.51
C ALA A 604 -18.23 16.29 -6.91
N LYS A 605 -17.54 15.38 -7.60
CA LYS A 605 -17.00 15.60 -8.94
C LYS A 605 -17.98 15.05 -9.97
N GLU A 606 -18.67 15.96 -10.67
CA GLU A 606 -19.61 15.56 -11.70
C GLU A 606 -18.89 15.13 -12.96
N GLU A 607 -19.58 14.35 -13.79
CA GLU A 607 -19.02 13.84 -15.03
C GLU A 607 -19.28 14.81 -16.17
N PRO A 608 -18.73 14.55 -17.36
CA PRO A 608 -19.08 15.35 -18.54
C PRO A 608 -20.22 14.73 -19.33
N ASP A 613 -13.63 11.71 -22.13
CA ASP A 613 -12.73 11.13 -21.13
C ASP A 613 -12.11 12.22 -20.26
N VAL A 614 -12.94 13.17 -19.85
CA VAL A 614 -12.54 14.29 -18.99
C VAL A 614 -13.47 14.31 -17.79
N SER A 615 -12.90 14.54 -16.60
CA SER A 615 -13.67 14.61 -15.36
C SER A 615 -13.60 16.02 -14.80
N ILE A 616 -14.75 16.56 -14.41
CA ILE A 616 -14.85 17.92 -13.89
C ILE A 616 -15.19 17.85 -12.40
N LEU A 617 -14.40 18.54 -11.58
CA LEU A 617 -14.67 18.62 -10.15
C LEU A 617 -14.94 20.07 -9.78
N PRO A 618 -16.14 20.39 -9.28
CA PRO A 618 -16.49 21.79 -9.00
C PRO A 618 -16.05 22.22 -7.60
N GLN A 619 -15.38 23.37 -7.54
CA GLN A 619 -14.89 23.93 -6.28
C GLN A 619 -15.66 25.20 -5.94
N LEU A 620 -16.08 25.36 -4.67
CA LEU A 620 -16.81 26.55 -4.14
C LEU A 620 -15.79 27.56 -3.58
N GLU A 621 -16.18 28.64 -2.91
CA GLU A 621 -15.19 29.59 -2.34
C GLU A 621 -15.80 30.35 -1.17
N HIS A 622 -15.62 29.87 0.07
CA HIS A 622 -16.17 30.46 1.32
C HIS A 622 -15.19 31.40 2.03
N CYS A 623 -15.53 32.69 2.17
CA CYS A 623 -14.78 33.68 2.98
C CYS A 623 -15.15 33.37 4.42
N SER A 624 -14.28 32.59 5.07
CA SER A 624 -14.45 31.97 6.38
C SER A 624 -13.15 32.10 7.15
N SER A 625 -13.05 31.35 8.25
CA SER A 625 -11.87 31.33 9.10
C SER A 625 -11.83 30.00 9.83
N ARG A 626 -10.97 29.91 10.84
CA ARG A 626 -10.81 28.70 11.63
C ARG A 626 -11.63 28.82 12.92
N LYS A 627 -12.56 27.89 13.12
CA LYS A 627 -13.40 27.87 14.32
C LYS A 627 -14.32 29.09 14.35
N MET A 628 -15.08 29.30 13.27
CA MET A 628 -16.04 30.38 13.22
C MET A 628 -17.35 30.02 13.91
N ASN A 629 -17.62 28.73 14.11
CA ASN A 629 -18.86 28.31 14.74
C ASN A 629 -19.02 28.96 16.11
N THR A 630 -17.95 28.99 16.91
CA THR A 630 -18.04 29.55 18.26
C THR A 630 -18.33 31.04 18.22
N TRP A 631 -17.62 31.79 17.37
CA TRP A 631 -17.86 33.22 17.25
C TRP A 631 -19.30 33.50 16.85
N LEU A 632 -19.79 32.77 15.84
CA LEU A 632 -21.16 33.00 15.38
C LEU A 632 -22.17 32.65 16.46
N GLY A 633 -21.98 31.53 17.14
CA GLY A 633 -22.88 31.18 18.23
C GLY A 633 -22.92 32.25 19.30
N ILE A 634 -21.75 32.73 19.71
CA ILE A 634 -21.67 33.78 20.72
C ILE A 634 -22.45 35.00 20.27
N PHE A 635 -22.11 35.52 19.08
CA PHE A 635 -22.71 36.76 18.61
C PHE A 635 -24.19 36.60 18.30
N TYR A 636 -24.66 35.38 18.07
CA TYR A 636 -26.08 35.18 17.82
C TYR A 636 -26.86 35.08 19.12
N GLY A 637 -26.32 34.39 20.12
CA GLY A 637 -27.01 34.29 21.40
C GLY A 637 -27.04 35.60 22.15
N TYR A 638 -25.92 36.30 22.18
CA TYR A 638 -25.84 37.57 22.91
C TYR A 638 -26.83 38.59 22.35
N LYS A 639 -27.25 38.43 21.10
CA LYS A 639 -28.22 39.33 20.49
C LYS A 639 -29.64 38.79 20.58
N GLY A 640 -29.81 37.48 20.47
CA GLY A 640 -31.13 36.89 20.66
C GLY A 640 -31.68 37.16 22.04
N LEU A 641 -30.80 37.23 23.05
CA LEU A 641 -31.27 37.58 24.39
C LEU A 641 -32.03 38.90 24.37
N LEU A 642 -31.36 39.97 23.95
CA LEU A 642 -32.00 41.29 23.90
C LEU A 642 -33.21 41.28 22.97
N LEU A 643 -33.09 40.58 21.85
CA LEU A 643 -34.16 40.60 20.85
C LEU A 643 -35.40 39.86 21.31
N LEU A 644 -35.26 38.96 22.29
CA LEU A 644 -36.39 38.25 22.86
C LEU A 644 -36.85 38.88 24.17
N LEU A 645 -36.04 39.75 24.77
CA LEU A 645 -36.44 40.49 25.97
C LEU A 645 -37.24 41.74 25.63
N GLY A 646 -36.80 42.48 24.59
CA GLY A 646 -37.49 43.69 24.22
C GLY A 646 -38.94 43.46 23.82
N ILE A 647 -39.20 42.32 23.18
CA ILE A 647 -40.58 42.02 22.77
C ILE A 647 -41.49 41.92 23.99
N PHE A 648 -41.02 41.24 25.04
CA PHE A 648 -41.81 41.14 26.26
C PHE A 648 -41.97 42.50 26.93
N LEU A 649 -40.87 43.25 27.05
CA LEU A 649 -40.98 44.57 27.65
C LEU A 649 -42.01 45.43 26.92
N ALA A 650 -42.07 45.31 25.59
CA ALA A 650 -43.05 46.09 24.83
C ALA A 650 -44.46 45.56 25.06
N TYR A 651 -44.62 44.24 25.07
CA TYR A 651 -45.91 43.64 25.41
C TYR A 651 -46.36 43.99 26.82
N GLU A 652 -45.47 44.54 27.64
CA GLU A 652 -45.83 44.97 28.99
C GLU A 652 -46.37 46.39 28.99
N THR A 653 -45.55 47.36 28.55
CA THR A 653 -45.94 48.75 28.53
C THR A 653 -46.82 49.08 27.32
N LYS A 654 -47.87 48.28 27.12
CA LYS A 654 -48.75 48.51 25.98
C LYS A 654 -49.60 49.77 26.17
N SER A 655 -50.12 49.99 27.37
CA SER A 655 -51.06 51.07 27.62
C SER A 655 -50.49 52.24 28.40
N VAL A 656 -49.32 52.08 29.03
CA VAL A 656 -48.77 53.15 29.85
C VAL A 656 -48.60 54.42 29.02
N SER A 657 -48.98 55.55 29.60
CA SER A 657 -48.89 56.84 28.96
C SER A 657 -47.90 57.72 29.70
N THR A 658 -47.18 58.56 28.96
CA THR A 658 -46.15 59.41 29.54
C THR A 658 -45.91 60.59 28.60
N GLU A 659 -45.07 61.50 29.05
CA GLU A 659 -44.67 62.66 28.27
C GLU A 659 -43.33 62.38 27.59
N LYS A 660 -43.20 62.82 26.34
CA LYS A 660 -42.01 62.60 25.52
C LYS A 660 -41.79 61.11 25.24
N ILE A 661 -42.83 60.30 25.41
CA ILE A 661 -42.76 58.87 25.14
C ILE A 661 -43.92 58.49 24.23
N ASN A 662 -44.36 59.44 23.41
CA ASN A 662 -45.62 59.26 22.68
C ASN A 662 -45.56 58.09 21.70
N ASP A 663 -44.42 57.90 21.03
CA ASP A 663 -44.32 56.93 19.94
C ASP A 663 -44.03 55.51 20.42
N HIS A 664 -44.24 55.21 21.71
CA HIS A 664 -43.83 53.92 22.24
C HIS A 664 -44.52 52.76 21.53
N ARG A 665 -45.80 52.90 21.17
CA ARG A 665 -46.50 51.84 20.44
C ARG A 665 -45.85 51.55 19.10
N ALA A 666 -45.45 52.59 18.37
CA ALA A 666 -44.81 52.38 17.07
C ALA A 666 -43.49 51.64 17.24
N VAL A 667 -42.73 52.01 18.27
CA VAL A 667 -41.47 51.33 18.53
C VAL A 667 -41.74 49.87 18.86
N GLY A 668 -42.80 49.60 19.61
CA GLY A 668 -43.15 48.22 19.90
C GLY A 668 -43.43 47.41 18.65
N MET A 669 -44.20 47.97 17.71
CA MET A 669 -44.46 47.26 16.46
C MET A 669 -43.18 46.99 15.69
N ALA A 670 -42.31 48.00 15.64
CA ALA A 670 -41.04 47.86 14.93
C ALA A 670 -40.23 46.74 15.55
N ILE A 671 -40.13 46.72 16.88
CA ILE A 671 -39.34 45.69 17.55
C ILE A 671 -39.98 44.32 17.33
N TYR A 672 -41.31 44.26 17.21
CA TYR A 672 -41.95 42.98 16.97
C TYR A 672 -41.54 42.38 15.64
N ASN A 673 -41.48 43.20 14.58
CA ASN A 673 -41.15 42.65 13.26
C ASN A 673 -39.68 42.21 13.17
N VAL A 674 -38.79 43.07 13.66
CA VAL A 674 -37.34 42.84 13.56
C VAL A 674 -36.96 41.51 14.17
N ALA A 675 -37.45 41.23 15.37
CA ALA A 675 -37.07 40.02 16.08
C ALA A 675 -37.45 38.78 15.29
N VAL A 676 -38.70 38.73 14.81
CA VAL A 676 -39.13 37.53 14.09
C VAL A 676 -38.27 37.34 12.85
N LEU A 677 -38.05 38.42 12.09
CA LEU A 677 -37.30 38.27 10.84
C LEU A 677 -35.90 37.75 11.13
N CYS A 678 -35.21 38.38 12.09
CA CYS A 678 -33.83 38.01 12.38
C CYS A 678 -33.75 36.56 12.85
N LEU A 679 -34.67 36.18 13.74
CA LEU A 679 -34.65 34.84 14.32
C LEU A 679 -34.79 33.81 13.22
N ILE A 680 -35.78 33.98 12.35
CA ILE A 680 -36.00 32.99 11.31
C ILE A 680 -34.80 32.92 10.37
N THR A 681 -34.32 34.08 9.92
CA THR A 681 -33.25 34.13 8.91
C THR A 681 -31.93 33.53 9.38
N ALA A 682 -31.50 33.79 10.62
CA ALA A 682 -30.17 33.33 11.03
C ALA A 682 -29.97 31.82 10.99
N PRO A 683 -30.78 31.00 11.66
CA PRO A 683 -30.64 29.54 11.49
C PRO A 683 -30.72 29.07 10.05
N VAL A 684 -31.64 29.59 9.25
CA VAL A 684 -31.77 29.10 7.88
C VAL A 684 -30.48 29.39 7.12
N THR A 685 -29.91 30.58 7.30
CA THR A 685 -28.69 30.90 6.57
C THR A 685 -27.55 30.00 7.02
N MET A 686 -27.46 29.74 8.33
CA MET A 686 -26.41 28.88 8.84
C MET A 686 -26.52 27.46 8.29
N ILE A 687 -27.76 26.96 8.13
CA ILE A 687 -27.93 25.59 7.61
C ILE A 687 -27.77 25.48 6.11
N LEU A 688 -27.74 26.58 5.37
CA LEU A 688 -27.67 26.56 3.92
C LEU A 688 -26.35 27.13 3.41
N SER A 689 -25.27 26.86 4.12
CA SER A 689 -23.97 27.37 3.70
C SER A 689 -23.47 26.70 2.42
N SER A 690 -24.00 25.53 2.07
CA SER A 690 -23.58 24.86 0.86
C SER A 690 -24.09 25.58 -0.39
N GLN A 691 -25.40 25.84 -0.43
CA GLN A 691 -25.99 26.51 -1.59
C GLN A 691 -25.41 27.91 -1.75
N GLN A 692 -25.71 28.52 -2.89
CA GLN A 692 -25.24 29.86 -3.22
C GLN A 692 -26.34 30.84 -3.55
N ASP A 693 -27.51 30.37 -4.01
CA ASP A 693 -28.63 31.25 -4.32
C ASP A 693 -29.52 31.48 -3.10
N ALA A 694 -29.90 30.39 -2.43
CA ALA A 694 -30.80 30.51 -1.28
C ALA A 694 -30.19 31.38 -0.18
N ALA A 695 -28.93 31.12 0.17
CA ALA A 695 -28.26 31.85 1.24
C ALA A 695 -28.09 33.33 0.90
N PHE A 696 -28.56 33.76 -0.28
CA PHE A 696 -28.62 35.17 -0.61
C PHE A 696 -30.00 35.75 -0.47
N ALA A 697 -31.04 35.03 -0.91
CA ALA A 697 -32.41 35.53 -0.77
C ALA A 697 -32.81 35.67 0.68
N PHE A 698 -32.69 34.58 1.44
CA PHE A 698 -33.12 34.54 2.84
C PHE A 698 -32.32 35.50 3.73
N ALA A 699 -31.32 36.17 3.17
CA ALA A 699 -30.56 37.16 3.93
C ALA A 699 -30.57 38.55 3.30
N SER A 700 -31.07 38.70 2.07
CA SER A 700 -31.20 40.01 1.46
C SER A 700 -32.62 40.54 1.44
N LEU A 701 -33.62 39.65 1.43
CA LEU A 701 -35.00 40.10 1.57
C LEU A 701 -35.31 40.46 3.02
N ALA A 702 -34.81 39.67 3.97
CA ALA A 702 -35.12 39.85 5.38
C ALA A 702 -34.51 41.10 5.98
N ILE A 703 -33.67 41.82 5.23
CA ILE A 703 -33.09 43.06 5.69
C ILE A 703 -33.79 44.26 5.08
N VAL A 704 -34.08 44.19 3.77
CA VAL A 704 -34.81 45.28 3.13
C VAL A 704 -36.23 45.36 3.66
N PHE A 705 -36.87 44.20 3.87
CA PHE A 705 -38.21 44.21 4.45
C PHE A 705 -38.22 44.89 5.82
N SER A 706 -37.31 44.47 6.70
CA SER A 706 -37.24 45.07 8.02
C SER A 706 -37.01 46.57 7.94
N SER A 707 -36.02 46.98 7.14
CA SER A 707 -35.71 48.40 7.03
C SER A 707 -36.91 49.20 6.55
N TYR A 708 -37.58 48.73 5.51
CA TYR A 708 -38.72 49.47 4.96
C TYR A 708 -39.85 49.55 5.96
N ILE A 709 -40.28 48.40 6.50
CA ILE A 709 -41.38 48.39 7.46
C ILE A 709 -41.04 49.21 8.69
N THR A 710 -39.75 49.36 9.00
CA THR A 710 -39.35 50.20 10.14
C THR A 710 -39.45 51.68 9.79
N LEU A 711 -38.94 52.06 8.63
CA LEU A 711 -38.89 53.47 8.28
C LEU A 711 -40.23 54.01 7.80
N VAL A 712 -41.21 53.15 7.54
CA VAL A 712 -42.53 53.60 7.09
C VAL A 712 -43.57 53.34 8.16
N VAL A 713 -43.15 53.33 9.43
CA VAL A 713 -44.09 53.13 10.53
C VAL A 713 -43.99 54.29 11.51
N LEU A 714 -42.80 54.52 12.06
CA LEU A 714 -42.59 55.59 13.03
C LEU A 714 -42.28 56.92 12.38
N PHE A 715 -42.40 57.03 11.06
CA PHE A 715 -42.18 58.28 10.35
C PHE A 715 -43.29 58.66 9.39
N VAL A 716 -44.26 57.79 9.15
CA VAL A 716 -45.36 58.09 8.23
C VAL A 716 -46.41 58.94 8.95
N PRO A 717 -46.83 58.60 10.17
CA PRO A 717 -47.82 59.43 10.85
C PRO A 717 -47.38 60.87 11.04
N LYS A 718 -46.09 61.10 11.27
CA LYS A 718 -45.60 62.47 11.39
C LYS A 718 -46.00 63.30 10.17
N MET A 719 -45.78 62.75 8.97
CA MET A 719 -46.15 63.47 7.75
C MET A 719 -47.67 63.51 7.59
N ARG A 720 -48.34 62.38 7.83
CA ARG A 720 -49.79 62.34 7.67
C ARG A 720 -50.49 63.35 8.57
N ARG A 721 -49.87 63.73 9.68
CA ARG A 721 -50.48 64.69 10.60
C ARG A 721 -50.01 66.12 10.32
N LEU A 722 -48.70 66.35 10.36
CA LEU A 722 -48.17 67.69 10.15
C LEU A 722 -48.50 68.23 8.77
N ILE A 723 -48.86 67.36 7.83
CA ILE A 723 -49.30 67.82 6.51
C ILE A 723 -50.78 68.17 6.51
N THR A 724 -51.61 67.32 7.13
CA THR A 724 -53.04 67.61 7.21
C THR A 724 -53.35 68.71 8.20
N ARG A 725 -52.49 68.94 9.18
CA ARG A 725 -52.66 70.01 10.17
C ARG A 725 -51.67 71.15 9.98
N GLY A 726 -51.07 71.25 8.80
CA GLY A 726 -50.11 72.30 8.52
C GLY A 726 -48.86 72.21 9.38
N SER B 20 49.28 -56.11 -11.06
CA SER B 20 47.95 -56.56 -11.46
C SER B 20 47.29 -55.52 -12.35
N PRO B 21 46.16 -55.89 -12.98
CA PRO B 21 45.46 -54.94 -13.83
C PRO B 21 44.83 -53.82 -13.01
N PRO B 22 45.11 -52.56 -13.33
CA PRO B 22 44.53 -51.46 -12.56
C PRO B 22 43.16 -51.06 -13.06
N LEU B 23 42.37 -50.50 -12.13
CA LEU B 23 41.11 -49.85 -12.45
C LEU B 23 41.26 -48.37 -12.16
N SER B 24 40.98 -47.53 -13.15
CA SER B 24 41.30 -46.13 -13.09
C SER B 24 40.07 -45.29 -12.80
N ILE B 25 40.29 -44.14 -12.18
CA ILE B 25 39.24 -43.23 -11.74
C ILE B 25 39.72 -41.81 -11.97
N MET B 26 38.80 -40.94 -12.36
CA MET B 26 39.12 -39.55 -12.67
C MET B 26 38.77 -38.65 -11.48
N GLY B 27 39.60 -37.66 -11.25
CA GLY B 27 39.37 -36.72 -10.16
C GLY B 27 39.47 -35.29 -10.63
N LEU B 28 38.53 -34.47 -10.16
CA LEU B 28 38.44 -33.06 -10.54
C LEU B 28 38.23 -32.24 -9.28
N MET B 29 39.23 -31.43 -8.94
CA MET B 29 39.11 -30.58 -7.76
C MET B 29 40.21 -29.52 -7.77
N PRO B 30 39.99 -28.36 -7.15
CA PRO B 30 41.05 -27.35 -7.10
C PRO B 30 42.21 -27.77 -6.23
N LEU B 31 43.42 -27.46 -6.70
CA LEU B 31 44.64 -27.80 -5.98
C LEU B 31 45.57 -26.62 -5.75
N THR B 32 45.45 -25.54 -6.51
CA THR B 32 46.36 -24.42 -6.38
C THR B 32 46.10 -23.67 -5.08
N LYS B 33 46.89 -22.62 -4.85
CA LYS B 33 46.75 -21.77 -3.68
C LYS B 33 46.22 -20.38 -3.99
N GLU B 34 46.24 -19.97 -5.25
CA GLU B 34 45.66 -18.68 -5.62
C GLU B 34 44.14 -18.69 -5.48
N VAL B 35 43.50 -19.75 -5.94
CA VAL B 35 42.06 -19.89 -5.76
C VAL B 35 41.74 -19.97 -4.28
N ALA B 36 40.67 -19.30 -3.87
CA ALA B 36 40.28 -19.27 -2.47
C ALA B 36 39.63 -20.58 -2.01
N LYS B 37 39.20 -21.43 -2.94
CA LYS B 37 38.56 -22.69 -2.60
C LYS B 37 39.52 -23.87 -2.68
N GLY B 38 40.81 -23.62 -2.89
CA GLY B 38 41.79 -24.69 -2.85
C GLY B 38 41.80 -25.45 -1.54
N SER B 39 41.36 -24.83 -0.45
CA SER B 39 41.34 -25.51 0.84
C SER B 39 40.47 -26.76 0.81
N ILE B 40 39.40 -26.74 0.01
CA ILE B 40 38.49 -27.87 -0.03
C ILE B 40 39.10 -29.05 -0.78
N GLY B 41 40.14 -28.82 -1.57
CA GLY B 41 40.81 -29.89 -2.27
C GLY B 41 42.06 -30.36 -1.56
N ARG B 42 42.50 -29.60 -0.57
CA ARG B 42 43.67 -29.96 0.23
C ARG B 42 43.33 -30.53 1.60
N GLY B 43 42.15 -30.22 2.13
CA GLY B 43 41.76 -30.71 3.43
C GLY B 43 40.97 -32.00 3.41
N VAL B 44 40.98 -32.71 2.29
CA VAL B 44 40.29 -33.99 2.18
C VAL B 44 41.15 -35.11 1.63
N LEU B 45 42.29 -34.82 1.00
CA LEU B 45 43.12 -35.89 0.45
C LEU B 45 43.57 -36.90 1.49
N PRO B 46 43.94 -36.51 2.70
CA PRO B 46 44.30 -37.52 3.72
C PRO B 46 43.26 -38.62 3.89
N ALA B 47 41.97 -38.25 3.91
CA ALA B 47 40.93 -39.25 4.05
C ALA B 47 40.94 -40.23 2.88
N VAL B 48 41.14 -39.72 1.66
CA VAL B 48 41.19 -40.60 0.50
C VAL B 48 42.39 -41.53 0.59
N GLU B 49 43.53 -41.00 1.03
CA GLU B 49 44.72 -41.84 1.21
C GLU B 49 44.44 -42.96 2.19
N LEU B 50 43.82 -42.63 3.33
CA LEU B 50 43.49 -43.64 4.32
C LEU B 50 42.58 -44.71 3.73
N ALA B 51 41.52 -44.27 3.04
CA ALA B 51 40.56 -45.22 2.50
C ALA B 51 41.20 -46.14 1.48
N ILE B 52 42.06 -45.60 0.61
CA ILE B 52 42.71 -46.46 -0.38
C ILE B 52 43.67 -47.43 0.29
N GLU B 53 44.44 -46.96 1.27
CA GLU B 53 45.31 -47.87 2.00
C GLU B 53 44.53 -49.02 2.61
N GLN B 54 43.38 -48.71 3.22
CA GLN B 54 42.58 -49.76 3.84
C GLN B 54 42.02 -50.71 2.78
N ILE B 55 41.50 -50.19 1.68
CA ILE B 55 40.94 -51.05 0.64
C ILE B 55 42.01 -51.98 0.11
N ARG B 56 43.25 -51.50 0.00
CA ARG B 56 44.32 -52.32 -0.51
C ARG B 56 44.73 -53.39 0.49
N ASN B 57 44.96 -53.00 1.75
CA ASN B 57 45.34 -53.97 2.77
C ASN B 57 44.29 -55.07 2.89
N GLU B 58 43.02 -54.69 3.04
CA GLU B 58 41.97 -55.70 3.20
C GLU B 58 41.87 -56.64 2.00
N SER B 59 42.35 -56.22 0.83
CA SER B 59 42.36 -57.06 -0.37
C SER B 59 40.93 -57.50 -0.72
N LEU B 60 40.12 -56.50 -1.09
CA LEU B 60 38.73 -56.73 -1.44
C LEU B 60 38.50 -56.86 -2.94
N LEU B 61 39.32 -56.23 -3.75
CA LEU B 61 39.35 -56.45 -5.19
C LEU B 61 40.49 -57.39 -5.59
N ARG B 62 40.28 -58.70 -5.51
CA ARG B 62 41.37 -59.66 -5.49
C ARG B 62 42.41 -59.38 -6.57
N PRO B 63 42.07 -59.49 -7.87
CA PRO B 63 43.09 -59.23 -8.90
C PRO B 63 43.33 -57.76 -9.15
N TYR B 64 42.28 -56.96 -9.23
CA TYR B 64 42.39 -55.56 -9.59
C TYR B 64 42.72 -54.69 -8.38
N PHE B 65 43.11 -53.45 -8.66
CA PHE B 65 43.28 -52.44 -7.63
C PHE B 65 42.88 -51.10 -8.20
N LEU B 66 42.74 -50.12 -7.32
CA LEU B 66 42.34 -48.77 -7.72
C LEU B 66 43.57 -47.94 -8.11
N ASP B 67 43.31 -46.89 -8.90
CA ASP B 67 44.35 -45.95 -9.27
C ASP B 67 43.67 -44.60 -9.51
N LEU B 68 43.77 -43.71 -8.53
CA LEU B 68 43.14 -42.40 -8.62
C LEU B 68 44.07 -41.41 -9.30
N ARG B 69 43.49 -40.50 -10.08
CA ARG B 69 44.23 -39.53 -10.84
C ARG B 69 43.70 -38.14 -10.54
N LEU B 70 44.60 -37.18 -10.41
CA LEU B 70 44.26 -35.81 -10.02
C LEU B 70 44.37 -34.87 -11.21
N TYR B 71 43.41 -33.96 -11.32
CA TYR B 71 43.40 -32.94 -12.36
C TYR B 71 42.83 -31.66 -11.77
N ASP B 72 43.46 -30.54 -12.06
CA ASP B 72 43.06 -29.25 -11.52
C ASP B 72 42.12 -28.53 -12.49
N THR B 73 41.35 -27.60 -11.96
CA THR B 73 40.41 -26.84 -12.77
C THR B 73 40.50 -25.33 -12.50
N GLU B 74 40.97 -24.96 -11.32
CA GLU B 74 41.06 -23.57 -10.88
C GLU B 74 39.70 -22.92 -10.71
N CYS B 75 38.62 -23.70 -10.77
CA CYS B 75 37.26 -23.18 -10.70
C CYS B 75 37.05 -22.07 -11.73
N ASP B 76 37.28 -22.44 -12.99
CA ASP B 76 37.08 -21.55 -14.13
C ASP B 76 36.47 -22.37 -15.26
N ASN B 77 35.44 -21.82 -15.89
CA ASN B 77 34.71 -22.56 -16.93
C ASN B 77 35.66 -23.07 -18.00
N ALA B 78 36.49 -22.19 -18.54
CA ALA B 78 37.43 -22.59 -19.58
C ALA B 78 38.50 -23.52 -19.02
N LYS B 79 39.17 -23.09 -17.95
CA LYS B 79 40.21 -23.90 -17.34
C LYS B 79 39.71 -25.27 -16.89
N GLY B 80 38.39 -25.49 -16.87
CA GLY B 80 37.84 -26.77 -16.48
C GLY B 80 37.63 -27.70 -17.65
N LEU B 81 37.15 -27.17 -18.77
CA LEU B 81 36.93 -28.00 -19.95
C LEU B 81 38.24 -28.55 -20.50
N LYS B 82 39.27 -27.70 -20.57
CA LYS B 82 40.53 -28.14 -21.17
C LYS B 82 41.11 -29.34 -20.44
N ALA B 83 40.95 -29.39 -19.11
CA ALA B 83 41.48 -30.52 -18.35
C ALA B 83 40.71 -31.79 -18.65
N PHE B 84 39.37 -31.71 -18.62
CA PHE B 84 38.54 -32.84 -19.01
C PHE B 84 38.95 -33.38 -20.37
N TYR B 85 39.09 -32.50 -21.35
CA TYR B 85 39.42 -32.93 -22.71
C TYR B 85 40.81 -33.57 -22.76
N ASP B 86 41.81 -32.87 -22.22
CA ASP B 86 43.16 -33.42 -22.18
C ASP B 86 43.16 -34.82 -21.56
N ALA B 87 42.40 -35.02 -20.49
CA ALA B 87 42.32 -36.32 -19.87
C ALA B 87 41.73 -37.35 -20.83
N ILE B 88 40.63 -37.00 -21.50
CA ILE B 88 39.99 -37.95 -22.41
C ILE B 88 40.96 -38.40 -23.50
N LYS B 89 41.91 -37.55 -23.87
CA LYS B 89 42.81 -37.84 -24.99
C LYS B 89 44.05 -38.60 -24.57
N TYR B 90 44.86 -37.99 -23.69
CA TYR B 90 46.15 -38.56 -23.34
C TYR B 90 46.00 -39.67 -22.31
N GLY B 91 45.38 -39.37 -21.18
CA GLY B 91 45.27 -40.30 -20.08
C GLY B 91 44.65 -41.62 -20.46
N PRO B 92 44.66 -42.57 -19.53
CA PRO B 92 44.17 -43.92 -19.83
C PRO B 92 42.65 -44.00 -19.93
N ASN B 93 42.13 -45.21 -20.04
CA ASN B 93 40.70 -45.44 -20.17
C ASN B 93 40.06 -45.35 -18.79
N HIS B 94 39.43 -44.22 -18.49
CA HIS B 94 38.77 -44.03 -17.22
C HIS B 94 37.43 -44.76 -17.21
N LEU B 95 36.88 -44.93 -16.00
CA LEU B 95 35.60 -45.58 -15.80
C LEU B 95 34.58 -44.75 -15.04
N MET B 96 35.00 -43.72 -14.30
CA MET B 96 34.08 -42.89 -13.54
C MET B 96 34.68 -41.52 -13.33
N VAL B 97 33.83 -40.59 -12.91
CA VAL B 97 34.25 -39.24 -12.53
C VAL B 97 33.94 -39.05 -11.05
N PHE B 98 34.87 -38.42 -10.35
CA PHE B 98 34.76 -38.21 -8.90
C PHE B 98 35.20 -36.80 -8.58
N GLY B 99 34.30 -36.01 -8.04
CA GLY B 99 34.62 -34.66 -7.59
C GLY B 99 33.79 -33.60 -8.30
N GLY B 100 34.14 -32.35 -8.02
CA GLY B 100 33.45 -31.20 -8.54
C GLY B 100 32.82 -30.38 -7.43
N VAL B 101 33.49 -29.28 -7.07
CA VAL B 101 33.02 -28.47 -5.94
C VAL B 101 32.35 -27.19 -6.44
N CYS B 102 32.90 -26.57 -7.48
CA CYS B 102 32.31 -25.34 -7.98
C CYS B 102 31.10 -25.65 -8.85
N PRO B 103 30.02 -24.87 -8.75
CA PRO B 103 28.78 -25.22 -9.46
C PRO B 103 28.72 -24.76 -10.91
N SER B 104 29.65 -23.91 -11.34
CA SER B 104 29.60 -23.39 -12.70
C SER B 104 30.15 -24.39 -13.71
N VAL B 105 31.19 -25.13 -13.33
CA VAL B 105 31.84 -26.08 -14.24
C VAL B 105 31.25 -27.48 -14.11
N THR B 106 30.87 -27.89 -12.90
CA THR B 106 30.24 -29.19 -12.75
C THR B 106 28.86 -29.22 -13.40
N SER B 107 28.16 -28.09 -13.43
CA SER B 107 26.89 -28.02 -14.12
C SER B 107 27.07 -28.07 -15.63
N ILE B 108 28.28 -27.82 -16.12
CA ILE B 108 28.60 -28.00 -17.53
C ILE B 108 28.96 -29.43 -17.83
N ILE B 109 29.72 -30.05 -16.91
CA ILE B 109 30.23 -31.40 -17.15
C ILE B 109 29.14 -32.45 -16.95
N ALA B 110 28.16 -32.18 -16.10
CA ALA B 110 27.15 -33.20 -15.79
C ALA B 110 26.22 -33.47 -16.96
N GLU B 111 26.14 -32.57 -17.93
CA GLU B 111 25.27 -32.75 -19.08
C GLU B 111 25.95 -33.48 -20.24
N SER B 112 27.27 -33.69 -20.16
CA SER B 112 28.00 -34.27 -21.27
C SER B 112 28.56 -35.65 -20.90
N LEU B 113 27.73 -36.48 -20.28
CA LEU B 113 28.15 -37.82 -19.87
C LEU B 113 27.43 -38.93 -20.62
N GLN B 114 26.18 -38.72 -21.01
CA GLN B 114 25.46 -39.72 -21.80
C GLN B 114 26.15 -40.02 -23.13
N GLY B 115 27.12 -39.21 -23.54
CA GLY B 115 27.78 -39.40 -24.82
C GLY B 115 29.03 -40.23 -24.68
N TRP B 116 29.77 -40.02 -23.59
CA TRP B 116 30.94 -40.81 -23.27
C TRP B 116 30.63 -42.01 -22.39
N ASN B 117 29.40 -42.11 -21.87
CA ASN B 117 28.97 -43.24 -21.05
C ASN B 117 29.79 -43.32 -19.76
N LEU B 118 29.69 -42.26 -18.97
CA LEU B 118 30.38 -42.15 -17.69
C LEU B 118 29.37 -41.90 -16.57
N VAL B 119 29.88 -41.92 -15.35
CA VAL B 119 29.08 -41.67 -14.16
C VAL B 119 29.85 -40.72 -13.26
N GLN B 120 29.13 -39.91 -12.49
CA GLN B 120 29.72 -38.87 -11.67
C GLN B 120 29.24 -39.00 -10.24
N LEU B 121 30.06 -38.53 -9.32
CA LEU B 121 29.75 -38.57 -7.90
C LEU B 121 30.38 -37.34 -7.24
N SER B 122 29.55 -36.37 -6.88
CA SER B 122 30.00 -35.14 -6.26
C SER B 122 29.72 -35.18 -4.77
N PHE B 123 30.61 -34.59 -3.98
CA PHE B 123 30.51 -34.60 -2.53
C PHE B 123 30.50 -33.20 -1.93
N ALA B 124 30.49 -32.15 -2.75
CA ALA B 124 30.55 -30.79 -2.24
C ALA B 124 29.66 -29.81 -2.97
N ALA B 125 28.86 -30.25 -3.93
CA ALA B 125 27.94 -29.39 -4.66
C ALA B 125 26.58 -29.43 -3.96
N THR B 126 26.17 -28.30 -3.40
CA THR B 126 24.92 -28.18 -2.65
C THR B 126 23.89 -27.34 -3.41
N THR B 127 23.82 -27.51 -4.72
CA THR B 127 22.89 -26.73 -5.53
C THR B 127 21.65 -27.57 -5.85
N PRO B 128 20.45 -26.98 -5.88
CA PRO B 128 19.26 -27.79 -6.17
C PRO B 128 19.04 -28.11 -7.64
N VAL B 129 19.58 -27.30 -8.55
CA VAL B 129 19.35 -27.52 -9.98
C VAL B 129 19.70 -28.94 -10.37
N LEU B 130 20.77 -29.48 -9.79
CA LEU B 130 21.29 -30.78 -10.18
C LEU B 130 20.27 -31.89 -9.92
N ALA B 131 19.13 -31.54 -9.32
CA ALA B 131 18.09 -32.53 -9.08
C ALA B 131 17.18 -32.75 -10.29
N ASP B 132 17.34 -31.95 -11.35
CA ASP B 132 16.53 -32.11 -12.55
C ASP B 132 17.04 -33.34 -13.31
N LYS B 133 16.39 -34.48 -13.10
CA LYS B 133 16.81 -35.73 -13.70
C LYS B 133 16.42 -35.85 -15.17
N LYS B 134 15.95 -34.77 -15.79
CA LYS B 134 15.73 -34.76 -17.23
C LYS B 134 16.98 -34.37 -17.99
N LYS B 135 17.80 -33.50 -17.42
CA LYS B 135 19.08 -33.10 -18.01
C LYS B 135 20.26 -33.80 -17.36
N TYR B 136 20.21 -34.02 -16.06
CA TYR B 136 21.29 -34.65 -15.32
C TYR B 136 20.87 -36.04 -14.82
N PRO B 137 20.88 -37.06 -15.67
CA PRO B 137 20.43 -38.38 -15.22
C PRO B 137 21.52 -39.23 -14.60
N TYR B 138 22.79 -38.95 -14.93
CA TYR B 138 23.92 -39.72 -14.44
C TYR B 138 24.68 -38.99 -13.34
N PHE B 139 23.98 -38.30 -12.45
CA PHE B 139 24.61 -37.53 -11.39
C PHE B 139 24.10 -38.03 -10.04
N PHE B 140 25.03 -38.44 -9.18
CA PHE B 140 24.74 -38.82 -7.81
C PHE B 140 25.63 -38.01 -6.88
N ARG B 141 25.10 -37.70 -5.70
CA ARG B 141 25.90 -37.04 -4.67
C ARG B 141 25.52 -37.59 -3.30
N THR B 142 26.32 -37.24 -2.30
CA THR B 142 26.07 -37.61 -0.92
C THR B 142 25.61 -36.40 -0.10
N VAL B 143 26.40 -35.33 -0.07
CA VAL B 143 26.09 -34.15 0.71
C VAL B 143 24.67 -33.68 0.41
N PRO B 144 23.82 -33.46 1.41
CA PRO B 144 22.46 -33.00 1.12
C PRO B 144 22.46 -31.61 0.49
N SER B 145 21.35 -31.31 -0.18
CA SER B 145 21.18 -30.02 -0.82
C SER B 145 20.75 -28.97 0.19
N ASP B 146 20.53 -27.75 -0.29
CA ASP B 146 20.06 -26.66 0.53
C ASP B 146 18.54 -26.62 0.65
N ASN B 147 17.84 -27.52 -0.04
CA ASN B 147 16.39 -27.64 0.06
C ASN B 147 15.98 -28.79 0.98
N ALA B 148 16.80 -29.10 1.97
CA ALA B 148 16.49 -30.10 2.98
C ALA B 148 16.22 -29.47 4.34
N VAL B 149 16.32 -28.15 4.45
CA VAL B 149 16.13 -27.45 5.72
C VAL B 149 14.66 -27.25 6.05
N ASN B 150 13.78 -27.23 5.06
CA ASN B 150 12.39 -26.88 5.25
C ASN B 150 11.62 -28.01 5.93
N PRO B 151 11.84 -29.27 5.57
CA PRO B 151 11.19 -30.36 6.31
C PRO B 151 11.61 -30.44 7.76
N ALA B 152 12.72 -29.82 8.14
CA ALA B 152 13.12 -29.73 9.54
C ALA B 152 12.48 -28.52 10.22
N ILE B 153 12.49 -27.38 9.54
CA ILE B 153 11.80 -26.20 10.08
C ILE B 153 10.34 -26.52 10.36
N LEU B 154 9.71 -27.31 9.48
CA LEU B 154 8.32 -27.68 9.67
C LEU B 154 8.12 -28.39 11.00
N LYS B 155 8.89 -29.45 11.25
CA LYS B 155 8.72 -30.22 12.47
C LYS B 155 9.32 -29.54 13.69
N LEU B 156 10.06 -28.44 13.50
CA LEU B 156 10.36 -27.58 14.64
C LEU B 156 9.19 -26.67 14.97
N LEU B 157 8.44 -26.24 13.96
CA LEU B 157 7.25 -25.44 14.21
C LEU B 157 6.16 -26.27 14.88
N LYS B 158 5.86 -27.45 14.31
CA LYS B 158 4.78 -28.27 14.84
C LYS B 158 5.03 -28.62 16.31
N HIS B 159 6.22 -29.09 16.64
CA HIS B 159 6.52 -29.48 18.01
C HIS B 159 6.14 -28.39 19.00
N TYR B 160 6.43 -27.13 18.66
CA TYR B 160 6.24 -26.01 19.58
C TYR B 160 4.94 -25.25 19.32
N GLN B 161 4.05 -25.77 18.49
CA GLN B 161 2.71 -25.22 18.30
C GLN B 161 2.77 -23.76 17.83
N TRP B 162 3.30 -23.59 16.63
CA TRP B 162 3.37 -22.30 15.96
C TRP B 162 2.65 -22.36 14.62
N LYS B 163 2.03 -21.25 14.24
CA LYS B 163 1.18 -21.22 13.05
C LYS B 163 1.52 -20.06 12.11
N ARG B 164 1.91 -18.92 12.67
CA ARG B 164 2.16 -17.72 11.88
C ARG B 164 3.65 -17.56 11.61
N VAL B 165 3.98 -16.94 10.47
CA VAL B 165 5.35 -16.83 10.00
C VAL B 165 5.54 -15.53 9.22
N GLY B 166 6.78 -15.04 9.23
CA GLY B 166 7.20 -13.90 8.44
C GLY B 166 8.48 -14.23 7.69
N THR B 167 8.45 -14.20 6.36
CA THR B 167 9.59 -14.61 5.56
C THR B 167 10.24 -13.42 4.85
N LEU B 168 11.57 -13.36 4.96
CA LEU B 168 12.39 -12.34 4.33
C LEU B 168 13.27 -13.03 3.29
N THR B 169 13.17 -12.59 2.04
CA THR B 169 13.93 -13.15 0.93
C THR B 169 14.89 -12.11 0.37
N GLN B 170 16.09 -12.56 0.01
CA GLN B 170 17.06 -11.71 -0.67
C GLN B 170 16.99 -11.98 -2.17
N ASP B 171 17.26 -10.95 -2.96
CA ASP B 171 17.01 -10.97 -4.40
C ASP B 171 18.20 -11.64 -5.13
N VAL B 172 18.33 -12.94 -4.92
CA VAL B 172 19.29 -13.77 -5.63
C VAL B 172 18.67 -15.12 -5.88
N GLN B 173 19.19 -15.83 -6.89
CA GLN B 173 18.61 -17.12 -7.25
C GLN B 173 18.99 -18.22 -6.27
N ARG B 174 20.17 -18.12 -5.65
CA ARG B 174 20.58 -19.11 -4.65
C ARG B 174 19.50 -19.26 -3.58
N PHE B 175 18.97 -18.14 -3.09
CA PHE B 175 18.00 -18.14 -2.01
C PHE B 175 16.57 -18.29 -2.51
N SER B 176 16.26 -17.71 -3.67
CA SER B 176 14.93 -17.90 -4.24
C SER B 176 14.68 -19.36 -4.58
N GLU B 177 15.72 -20.12 -4.92
CA GLU B 177 15.55 -21.52 -5.27
C GLU B 177 14.97 -22.33 -4.11
N VAL B 178 15.11 -21.83 -2.87
CA VAL B 178 14.52 -22.47 -1.71
C VAL B 178 13.30 -21.71 -1.18
N ARG B 179 13.26 -20.39 -1.34
CA ARG B 179 12.05 -19.65 -1.01
C ARG B 179 10.88 -20.12 -1.85
N ASN B 180 11.13 -20.58 -3.07
CA ASN B 180 10.09 -21.09 -3.94
C ASN B 180 9.80 -22.58 -3.72
N ASP B 181 10.63 -23.26 -2.94
CA ASP B 181 10.38 -24.64 -2.56
C ASP B 181 9.72 -24.76 -1.20
N LEU B 182 9.86 -23.74 -0.35
CA LEU B 182 9.20 -23.75 0.94
C LEU B 182 7.68 -23.71 0.78
N THR B 183 7.19 -22.79 -0.05
CA THR B 183 5.75 -22.62 -0.24
C THR B 183 5.08 -23.86 -0.81
N GLY B 184 5.84 -24.86 -1.25
CA GLY B 184 5.26 -26.02 -1.88
C GLY B 184 5.07 -27.20 -0.94
N VAL B 185 5.82 -27.24 0.15
CA VAL B 185 5.69 -28.33 1.11
C VAL B 185 4.63 -28.03 2.17
N LEU B 186 4.37 -26.75 2.45
CA LEU B 186 3.35 -26.36 3.41
C LEU B 186 1.93 -26.55 2.88
N TYR B 187 1.76 -27.05 1.66
CA TYR B 187 0.43 -27.22 1.10
C TYR B 187 -0.41 -28.16 1.97
N GLY B 188 0.09 -29.37 2.20
CA GLY B 188 -0.65 -30.32 3.02
C GLY B 188 -0.77 -29.87 4.47
N GLU B 189 0.28 -29.25 5.00
CA GLU B 189 0.27 -28.82 6.40
C GLU B 189 -0.71 -27.67 6.58
N ASP B 190 -0.79 -27.18 7.82
CA ASP B 190 -1.73 -26.12 8.19
C ASP B 190 -1.08 -24.75 8.28
N ILE B 191 0.25 -24.67 8.32
CA ILE B 191 0.91 -23.38 8.40
C ILE B 191 0.48 -22.51 7.22
N GLU B 192 0.50 -21.19 7.43
CA GLU B 192 0.09 -20.22 6.42
C GLU B 192 1.03 -19.04 6.45
N ILE B 193 1.48 -18.62 5.26
CA ILE B 193 2.43 -17.51 5.16
C ILE B 193 1.68 -16.21 5.37
N SER B 194 2.07 -15.46 6.40
CA SER B 194 1.40 -14.20 6.70
C SER B 194 1.94 -13.06 5.84
N ASP B 195 3.26 -12.87 5.84
CA ASP B 195 3.91 -11.81 5.09
C ASP B 195 5.08 -12.39 4.29
N THR B 196 5.58 -11.57 3.37
CA THR B 196 6.78 -11.88 2.59
C THR B 196 7.39 -10.55 2.17
N GLU B 197 8.63 -10.31 2.58
CA GLU B 197 9.35 -9.11 2.16
C GLU B 197 10.65 -9.48 1.47
N SER B 198 10.93 -8.81 0.36
CA SER B 198 12.17 -8.99 -0.38
C SER B 198 12.98 -7.69 -0.39
N PHE B 199 14.29 -7.82 -0.48
CA PHE B 199 15.18 -6.66 -0.46
C PHE B 199 16.44 -7.00 -1.24
N SER B 200 17.16 -5.95 -1.64
CA SER B 200 18.40 -6.12 -2.37
C SER B 200 19.57 -5.46 -1.65
N ASN B 201 19.39 -4.20 -1.26
CA ASN B 201 20.44 -3.46 -0.55
C ASN B 201 19.89 -2.78 0.70
N ASP B 202 18.61 -2.41 0.69
CA ASP B 202 17.97 -1.70 1.79
C ASP B 202 17.00 -2.64 2.50
N PRO B 203 17.43 -3.34 3.55
CA PRO B 203 16.51 -4.24 4.26
C PRO B 203 15.65 -3.56 5.31
N CYS B 204 15.98 -2.32 5.69
CA CYS B 204 15.31 -1.68 6.82
C CYS B 204 13.88 -1.30 6.49
N THR B 205 13.60 -0.91 5.25
CA THR B 205 12.22 -0.69 4.83
C THR B 205 11.38 -1.94 5.02
N SER B 206 11.92 -3.11 4.65
CA SER B 206 11.18 -4.35 4.83
C SER B 206 11.07 -4.71 6.31
N VAL B 207 12.12 -4.47 7.08
CA VAL B 207 12.05 -4.72 8.53
C VAL B 207 10.93 -3.90 9.14
N LYS B 208 10.79 -2.63 8.72
CA LYS B 208 9.73 -1.79 9.25
C LYS B 208 8.37 -2.27 8.79
N LYS B 209 8.23 -2.60 7.50
CA LYS B 209 6.96 -3.11 7.00
C LYS B 209 6.55 -4.38 7.72
N LEU B 210 7.52 -5.15 8.23
CA LEU B 210 7.21 -6.35 8.98
C LEU B 210 6.83 -6.02 10.42
N LYS B 211 7.66 -5.23 11.11
CA LYS B 211 7.34 -4.82 12.47
C LYS B 211 5.95 -4.19 12.55
N GLY B 212 5.53 -3.51 11.49
CA GLY B 212 4.19 -2.94 11.48
C GLY B 212 3.10 -3.99 11.52
N ASN B 213 3.30 -5.10 10.80
CA ASN B 213 2.31 -6.15 10.76
C ASN B 213 2.17 -6.89 12.08
N ASP B 214 3.05 -6.61 13.05
CA ASP B 214 2.98 -7.22 14.39
C ASP B 214 3.15 -8.73 14.30
N VAL B 215 4.32 -9.15 13.80
CA VAL B 215 4.70 -10.55 13.71
C VAL B 215 5.84 -10.81 14.67
N ARG B 216 5.93 -12.06 15.14
CA ARG B 216 6.98 -12.47 16.06
C ARG B 216 7.79 -13.65 15.54
N ILE B 217 7.54 -14.07 14.30
CA ILE B 217 8.24 -15.20 13.69
C ILE B 217 8.89 -14.73 12.41
N ILE B 218 10.20 -14.98 12.28
CA ILE B 218 10.99 -14.50 11.16
C ILE B 218 11.79 -15.67 10.59
N LEU B 219 11.67 -15.88 9.28
CA LEU B 219 12.45 -16.87 8.56
C LEU B 219 13.34 -16.14 7.57
N GLY B 220 14.63 -16.03 7.90
CA GLY B 220 15.56 -15.24 7.12
C GLY B 220 16.36 -16.07 6.13
N GLN B 221 16.79 -15.40 5.05
CA GLN B 221 17.63 -16.03 4.03
C GLN B 221 18.53 -14.93 3.48
N PHE B 222 19.76 -14.85 3.99
CA PHE B 222 20.68 -13.79 3.60
C PHE B 222 22.09 -14.18 4.00
N ASP B 223 23.05 -13.43 3.46
CA ASP B 223 24.46 -13.74 3.62
C ASP B 223 25.03 -13.02 4.84
N GLN B 224 26.36 -13.00 4.95
CA GLN B 224 27.02 -12.65 6.20
C GLN B 224 26.73 -11.21 6.62
N ASN B 225 26.92 -10.25 5.70
CA ASN B 225 26.82 -8.84 6.05
C ASN B 225 25.38 -8.39 6.24
N MET B 226 24.51 -8.74 5.29
CA MET B 226 23.11 -8.35 5.42
C MET B 226 22.51 -8.81 6.74
N ALA B 227 23.08 -9.85 7.37
CA ALA B 227 22.63 -10.24 8.69
C ALA B 227 22.86 -9.13 9.71
N ALA B 228 24.08 -8.58 9.74
CA ALA B 228 24.37 -7.46 10.62
C ALA B 228 23.50 -6.25 10.27
N LYS B 229 23.35 -5.98 8.98
CA LYS B 229 22.51 -4.86 8.57
C LYS B 229 21.09 -5.00 9.13
N VAL B 230 20.48 -6.16 8.93
CA VAL B 230 19.09 -6.34 9.36
C VAL B 230 19.00 -6.34 10.88
N PHE B 231 20.00 -6.89 11.56
CA PHE B 231 19.98 -6.85 13.02
C PHE B 231 20.04 -5.42 13.53
N CYS B 232 20.90 -4.59 12.94
CA CYS B 232 20.98 -3.20 13.35
C CYS B 232 19.66 -2.47 13.10
N CYS B 233 19.08 -2.65 11.91
CA CYS B 233 17.85 -1.92 11.61
C CYS B 233 16.66 -2.46 12.40
N ALA B 234 16.70 -3.73 12.82
CA ALA B 234 15.65 -4.26 13.68
C ALA B 234 15.77 -3.70 15.10
N TYR B 235 17.00 -3.66 15.63
CA TYR B 235 17.20 -2.99 16.92
C TYR B 235 16.73 -1.54 16.85
N GLU B 236 17.04 -0.86 15.76
CA GLU B 236 16.54 0.50 15.57
C GLU B 236 15.02 0.52 15.50
N GLU B 237 14.41 -0.56 15.02
CA GLU B 237 12.95 -0.68 15.00
C GLU B 237 12.41 -1.40 16.23
N ASN B 238 13.27 -1.83 17.15
CA ASN B 238 12.85 -2.46 18.40
C ASN B 238 12.12 -3.78 18.14
N MET B 239 12.58 -4.52 17.13
CA MET B 239 11.98 -5.80 16.77
C MET B 239 12.79 -6.95 17.38
N TYR B 240 12.77 -7.01 18.70
CA TYR B 240 13.46 -8.08 19.41
C TYR B 240 13.04 -8.05 20.87
N GLY B 241 13.14 -9.21 21.51
CA GLY B 241 12.79 -9.38 22.91
C GLY B 241 12.14 -10.73 23.12
N SER B 242 11.58 -10.91 24.32
CA SER B 242 10.95 -12.17 24.69
C SER B 242 9.71 -12.48 23.86
N LYS B 243 9.30 -11.60 22.96
CA LYS B 243 8.13 -11.81 22.11
C LYS B 243 8.50 -11.92 20.63
N TYR B 244 9.76 -12.24 20.33
CA TYR B 244 10.22 -12.36 18.95
C TYR B 244 11.17 -13.54 18.83
N GLN B 245 11.10 -14.24 17.70
CA GLN B 245 11.92 -15.41 17.44
C GLN B 245 12.67 -15.23 16.12
N TRP B 246 13.91 -15.70 16.08
CA TRP B 246 14.77 -15.58 14.92
C TRP B 246 15.02 -16.96 14.32
N ILE B 247 14.98 -17.05 12.99
CA ILE B 247 15.36 -18.24 12.26
C ILE B 247 16.17 -17.80 11.05
N ILE B 248 17.39 -18.32 10.92
CA ILE B 248 18.28 -17.93 9.82
C ILE B 248 19.20 -19.09 9.47
N PRO B 249 19.98 -18.99 8.40
CA PRO B 249 20.99 -20.02 8.12
C PRO B 249 22.02 -20.10 9.23
N GLY B 250 22.85 -21.14 9.14
CA GLY B 250 23.86 -21.37 10.14
C GLY B 250 25.17 -21.91 9.60
N TRP B 251 25.41 -21.75 8.30
CA TRP B 251 26.65 -22.18 7.68
C TRP B 251 27.67 -21.04 7.58
N TYR B 252 27.51 -19.99 8.38
CA TYR B 252 28.47 -18.90 8.39
C TYR B 252 29.77 -19.34 9.06
N GLU B 253 30.73 -18.41 9.13
CA GLU B 253 31.99 -18.65 9.80
C GLU B 253 31.96 -18.03 11.20
N PRO B 254 32.72 -18.57 12.15
CA PRO B 254 32.70 -18.00 13.50
C PRO B 254 33.23 -16.58 13.53
N SER B 255 32.78 -15.82 14.53
CA SER B 255 33.25 -14.45 14.77
C SER B 255 32.88 -13.51 13.64
N TRP B 256 31.85 -13.83 12.86
CA TRP B 256 31.44 -12.96 11.76
C TRP B 256 30.98 -11.60 12.25
N TRP B 257 30.57 -11.49 13.52
CA TRP B 257 30.15 -10.20 14.04
C TRP B 257 31.28 -9.17 13.97
N GLU B 258 32.53 -9.63 13.96
CA GLU B 258 33.66 -8.73 13.87
C GLU B 258 33.66 -7.98 12.54
N ARG B 271 27.83 -1.91 19.04
CA ARG B 271 28.29 -3.29 19.16
C ARG B 271 27.49 -4.03 20.22
N LYS B 272 27.60 -3.57 21.47
CA LYS B 272 26.87 -4.18 22.57
C LYS B 272 25.40 -4.38 22.20
N ASN B 273 24.73 -3.29 21.82
CA ASN B 273 23.31 -3.37 21.45
C ASN B 273 23.08 -4.48 20.44
N LEU B 274 23.94 -4.56 19.42
CA LEU B 274 23.78 -5.60 18.41
C LEU B 274 23.74 -6.97 19.07
N LEU B 275 24.71 -7.27 19.93
CA LEU B 275 24.75 -8.57 20.58
C LEU B 275 23.48 -8.83 21.39
N ALA B 276 22.79 -7.78 21.82
CA ALA B 276 21.55 -7.98 22.58
C ALA B 276 20.37 -8.29 21.69
N ALA B 277 20.42 -7.87 20.42
CA ALA B 277 19.36 -8.20 19.48
C ALA B 277 19.60 -9.52 18.76
N MET B 278 20.82 -10.04 18.82
CA MET B 278 21.17 -11.28 18.13
C MET B 278 20.84 -12.52 18.97
N GLU B 279 21.15 -12.48 20.26
CA GLU B 279 20.96 -13.66 21.11
C GLU B 279 19.53 -14.16 21.02
N GLY B 280 19.39 -15.48 20.93
CA GLY B 280 18.10 -16.11 20.81
C GLY B 280 17.72 -16.53 19.41
N TYR B 281 18.68 -16.66 18.50
CA TYR B 281 18.42 -17.08 17.13
C TYR B 281 18.88 -18.51 16.92
N ILE B 282 18.17 -19.21 16.03
CA ILE B 282 18.41 -20.62 15.76
C ILE B 282 18.96 -20.77 14.35
N GLY B 283 20.09 -21.47 14.22
CA GLY B 283 20.67 -21.77 12.93
C GLY B 283 20.55 -23.23 12.58
N VAL B 284 20.69 -23.57 11.30
CA VAL B 284 20.52 -24.93 10.82
C VAL B 284 21.63 -25.26 9.83
N ASP B 285 22.18 -26.47 9.93
CA ASP B 285 23.17 -26.94 8.98
C ASP B 285 23.05 -28.45 8.87
N PHE B 286 23.99 -29.08 8.19
CA PHE B 286 24.03 -30.54 8.09
C PHE B 286 25.15 -31.08 8.98
N GLU B 287 24.95 -32.31 9.45
CA GLU B 287 25.84 -32.92 10.43
C GLU B 287 27.11 -33.43 9.75
N PRO B 288 28.28 -32.87 10.06
CA PRO B 288 29.51 -33.36 9.42
C PRO B 288 29.89 -34.77 9.85
N LEU B 289 29.53 -35.19 11.05
CA LEU B 289 30.03 -36.44 11.61
C LEU B 289 29.11 -36.87 12.74
N SER B 290 28.53 -38.06 12.62
CA SER B 290 27.59 -38.54 13.63
C SER B 290 28.31 -38.81 14.95
N SER B 291 27.56 -38.67 16.04
CA SER B 291 28.09 -38.89 17.38
C SER B 291 27.82 -40.29 17.90
N LYS B 292 26.78 -40.95 17.39
CA LYS B 292 26.46 -42.31 17.78
C LYS B 292 27.70 -43.20 17.70
N GLN B 293 27.74 -44.21 18.55
CA GLN B 293 28.84 -45.17 18.60
C GLN B 293 28.30 -46.54 18.18
N ILE B 294 28.75 -47.01 17.02
CA ILE B 294 28.31 -48.30 16.49
C ILE B 294 29.39 -48.79 15.54
N LYS B 295 29.38 -50.10 15.27
CA LYS B 295 30.38 -50.69 14.40
C LYS B 295 30.00 -50.47 12.95
N THR B 296 30.84 -49.73 12.23
CA THR B 296 30.59 -49.41 10.83
C THR B 296 31.27 -50.46 9.95
N ILE B 297 31.33 -50.19 8.64
CA ILE B 297 31.79 -51.20 7.69
C ILE B 297 33.30 -51.28 7.58
N SER B 298 34.03 -50.28 8.07
CA SER B 298 35.49 -50.29 8.06
C SER B 298 36.09 -50.84 9.35
N GLY B 299 35.26 -51.38 10.25
CA GLY B 299 35.78 -51.88 11.51
C GLY B 299 36.31 -50.81 12.44
N LYS B 300 35.75 -49.60 12.37
CA LYS B 300 36.17 -48.50 13.22
C LYS B 300 34.91 -47.81 13.73
N THR B 301 35.09 -46.65 14.36
CA THR B 301 33.98 -45.86 14.86
C THR B 301 34.23 -44.38 14.59
N PRO B 302 33.18 -43.59 14.42
CA PRO B 302 33.36 -42.16 14.15
C PRO B 302 34.37 -41.47 15.06
N GLN B 303 34.54 -41.95 16.29
CA GLN B 303 35.47 -41.31 17.21
C GLN B 303 36.90 -41.75 16.97
N GLN B 304 37.10 -42.96 16.42
CA GLN B 304 38.44 -43.39 16.07
C GLN B 304 38.92 -42.74 14.78
N TYR B 305 38.05 -42.68 13.77
CA TYR B 305 38.43 -42.06 12.50
C TYR B 305 38.76 -40.58 12.69
N GLU B 306 38.05 -39.89 13.58
CA GLU B 306 38.35 -38.49 13.84
C GLU B 306 39.80 -38.33 14.30
N ARG B 307 40.23 -39.19 15.22
CA ARG B 307 41.62 -39.11 15.70
C ARG B 307 42.58 -39.49 14.59
N GLU B 308 42.28 -40.55 13.85
CA GLU B 308 43.16 -40.96 12.75
C GLU B 308 43.38 -39.80 11.78
N TYR B 309 42.31 -39.11 11.42
CA TYR B 309 42.42 -37.99 10.48
C TYR B 309 43.19 -36.84 11.10
N ASN B 310 42.78 -36.40 12.30
CA ASN B 310 43.45 -35.27 12.94
C ASN B 310 44.94 -35.55 13.16
N ASN B 311 45.34 -36.81 13.20
CA ASN B 311 46.76 -37.14 13.30
C ASN B 311 47.41 -37.34 11.94
N LYS B 312 46.62 -37.62 10.89
CA LYS B 312 47.20 -37.78 9.57
C LYS B 312 47.62 -36.45 8.97
N ARG B 313 46.79 -35.42 9.11
CA ARG B 313 47.10 -34.10 8.60
C ARG B 313 47.79 -33.28 9.68
N SER B 314 48.91 -32.65 9.33
CA SER B 314 49.67 -31.81 10.25
C SER B 314 49.55 -30.33 9.93
N GLY B 315 49.84 -29.95 8.69
CA GLY B 315 49.73 -28.56 8.29
C GLY B 315 48.43 -28.23 7.58
N VAL B 316 47.95 -29.18 6.77
CA VAL B 316 46.71 -28.96 6.02
C VAL B 316 45.58 -28.68 7.00
N GLY B 317 44.86 -27.58 6.76
CA GLY B 317 43.79 -27.17 7.63
C GLY B 317 42.59 -28.09 7.54
N PRO B 318 41.61 -27.87 8.42
CA PRO B 318 40.43 -28.74 8.44
C PRO B 318 39.33 -28.28 7.49
N SER B 319 38.69 -29.28 6.86
CA SER B 319 37.54 -29.05 6.00
C SER B 319 36.41 -29.94 6.47
N LYS B 320 35.18 -29.42 6.40
CA LYS B 320 34.01 -30.11 6.93
C LYS B 320 33.35 -31.02 5.91
N PHE B 321 34.11 -31.56 4.96
CA PHE B 321 33.58 -32.42 3.93
C PHE B 321 34.27 -33.79 3.88
N HIS B 322 35.23 -34.06 4.76
CA HIS B 322 36.00 -35.30 4.66
C HIS B 322 35.13 -36.52 4.91
N GLY B 323 34.20 -36.42 5.85
CA GLY B 323 33.30 -37.54 6.13
C GLY B 323 32.53 -38.00 4.92
N TYR B 324 32.38 -37.14 3.92
CA TYR B 324 31.64 -37.49 2.71
C TYR B 324 32.54 -38.11 1.65
N ALA B 325 33.79 -37.67 1.56
CA ALA B 325 34.74 -38.33 0.68
C ALA B 325 35.02 -39.76 1.14
N TYR B 326 35.24 -39.94 2.44
CA TYR B 326 35.49 -41.27 2.97
C TYR B 326 34.35 -42.23 2.60
N ASP B 327 33.10 -41.75 2.67
CA ASP B 327 31.97 -42.59 2.30
C ASP B 327 31.87 -42.78 0.79
N GLY B 328 32.22 -41.75 0.02
CA GLY B 328 32.18 -41.86 -1.42
C GLY B 328 33.10 -42.96 -1.93
N ILE B 329 34.31 -43.03 -1.40
CA ILE B 329 35.25 -44.08 -1.80
C ILE B 329 34.64 -45.45 -1.57
N TRP B 330 34.03 -45.65 -0.39
CA TRP B 330 33.52 -46.97 -0.06
C TRP B 330 32.31 -47.33 -0.91
N VAL B 331 31.44 -46.36 -1.19
CA VAL B 331 30.27 -46.66 -2.02
C VAL B 331 30.71 -46.98 -3.45
N ILE B 332 31.71 -46.25 -3.96
CA ILE B 332 32.17 -46.52 -5.32
C ILE B 332 32.80 -47.89 -5.41
N ALA B 333 33.58 -48.28 -4.39
CA ALA B 333 34.15 -49.63 -4.38
C ALA B 333 33.05 -50.69 -4.33
N LYS B 334 32.09 -50.52 -3.40
CA LYS B 334 31.04 -51.51 -3.25
C LYS B 334 30.26 -51.69 -4.55
N THR B 335 29.89 -50.59 -5.20
CA THR B 335 29.10 -50.70 -6.43
C THR B 335 29.95 -51.29 -7.56
N LEU B 336 31.23 -50.93 -7.64
CA LEU B 336 32.08 -51.50 -8.65
C LEU B 336 32.16 -53.02 -8.49
N GLN B 337 32.25 -53.48 -7.24
CA GLN B 337 32.27 -54.93 -6.99
C GLN B 337 30.95 -55.57 -7.39
N ARG B 338 29.84 -55.04 -6.88
CA ARG B 338 28.54 -55.61 -7.20
C ARG B 338 28.30 -55.67 -8.70
N ALA B 339 28.86 -54.73 -9.46
CA ALA B 339 28.72 -54.77 -10.91
C ALA B 339 29.66 -55.80 -11.53
N MET B 340 30.91 -55.86 -11.05
CA MET B 340 31.84 -56.87 -11.56
C MET B 340 31.27 -58.28 -11.37
N GLU B 341 30.46 -58.48 -10.33
CA GLU B 341 29.83 -59.78 -10.13
C GLU B 341 28.99 -60.17 -11.34
N THR B 342 27.96 -59.36 -11.65
CA THR B 342 27.07 -59.66 -12.76
C THR B 342 27.82 -59.78 -14.08
N LEU B 343 29.01 -59.20 -14.19
CA LEU B 343 29.76 -59.25 -15.44
C LEU B 343 30.39 -60.62 -15.67
N HIS B 344 30.78 -61.31 -14.60
CA HIS B 344 31.42 -62.62 -14.77
C HIS B 344 30.44 -63.66 -15.27
N ALA B 345 29.17 -63.57 -14.86
CA ALA B 345 28.16 -64.54 -15.28
C ALA B 345 27.91 -64.51 -16.78
N SER B 346 28.44 -63.51 -17.49
CA SER B 346 28.25 -63.43 -18.93
C SER B 346 29.34 -64.21 -19.67
N ILE B 352 35.88 -55.66 -19.29
CA ILE B 352 36.15 -54.86 -18.10
C ILE B 352 37.57 -54.30 -18.16
N GLN B 353 38.37 -54.81 -19.09
CA GLN B 353 39.73 -54.31 -19.29
C GLN B 353 39.88 -53.47 -20.54
N ASP B 354 38.96 -53.59 -21.50
CA ASP B 354 38.95 -52.79 -22.72
C ASP B 354 37.57 -52.18 -22.84
N PHE B 355 37.37 -51.04 -22.17
CA PHE B 355 36.09 -50.35 -22.13
C PHE B 355 36.23 -49.08 -22.98
N ASN B 356 35.96 -49.21 -24.27
CA ASN B 356 35.82 -48.03 -25.11
C ASN B 356 34.53 -47.31 -24.75
N TYR B 357 34.56 -45.98 -24.83
CA TYR B 357 33.48 -45.16 -24.32
C TYR B 357 32.14 -45.44 -25.02
N THR B 358 32.15 -46.29 -26.04
CA THR B 358 30.93 -46.66 -26.76
C THR B 358 30.17 -47.80 -26.09
N ASP B 359 30.43 -48.06 -24.80
CA ASP B 359 29.79 -49.16 -24.09
C ASP B 359 28.57 -48.63 -23.35
N HIS B 360 27.38 -48.88 -23.91
CA HIS B 360 26.14 -48.45 -23.28
C HIS B 360 25.69 -49.43 -22.22
N THR B 361 25.84 -50.73 -22.49
CA THR B 361 25.38 -51.75 -21.56
C THR B 361 26.10 -51.66 -20.23
N LEU B 362 27.42 -51.48 -20.27
CA LEU B 362 28.19 -51.41 -19.03
C LEU B 362 27.79 -50.21 -18.20
N GLY B 363 27.59 -49.06 -18.86
CA GLY B 363 27.13 -47.88 -18.13
C GLY B 363 25.78 -48.10 -17.48
N ARG B 364 24.83 -48.69 -18.22
CA ARG B 364 23.53 -48.99 -17.64
C ARG B 364 23.68 -49.94 -16.46
N ILE B 365 24.55 -50.95 -16.59
CA ILE B 365 24.79 -51.88 -15.50
C ILE B 365 25.23 -51.14 -14.25
N ILE B 366 26.27 -50.32 -14.37
CA ILE B 366 26.80 -49.62 -13.22
C ILE B 366 25.74 -48.71 -12.60
N LEU B 367 24.99 -47.99 -13.46
CA LEU B 367 23.96 -47.10 -12.95
C LEU B 367 22.94 -47.88 -12.13
N ASN B 368 22.41 -48.97 -12.69
CA ASN B 368 21.42 -49.76 -11.97
C ASN B 368 22.02 -50.45 -10.75
N ALA B 369 23.35 -50.58 -10.70
CA ALA B 369 23.98 -51.16 -9.52
C ALA B 369 24.11 -50.15 -8.40
N MET B 370 24.27 -48.87 -8.74
CA MET B 370 24.45 -47.86 -7.71
C MET B 370 23.15 -47.52 -6.97
N ASN B 371 22.00 -47.88 -7.54
CA ASN B 371 20.71 -47.59 -6.93
C ASN B 371 20.32 -48.61 -5.86
N GLU B 372 21.23 -49.51 -5.49
CA GLU B 372 20.91 -50.60 -4.57
C GLU B 372 21.98 -50.72 -3.50
N THR B 373 22.31 -49.59 -2.87
CA THR B 373 23.37 -49.52 -1.87
C THR B 373 22.81 -48.95 -0.58
N ASN B 374 23.09 -49.61 0.53
CA ASN B 374 22.72 -49.10 1.85
C ASN B 374 23.61 -49.76 2.88
N PHE B 375 24.31 -48.95 3.66
CA PHE B 375 25.17 -49.45 4.74
C PHE B 375 25.36 -48.31 5.74
N PHE B 376 26.33 -48.47 6.63
CA PHE B 376 26.60 -47.50 7.69
C PHE B 376 27.98 -46.90 7.51
N GLY B 377 28.08 -45.58 7.67
CA GLY B 377 29.33 -44.90 7.52
C GLY B 377 29.49 -43.80 8.56
N VAL B 378 30.71 -43.25 8.62
CA VAL B 378 31.07 -42.24 9.60
C VAL B 378 30.03 -41.13 9.65
N THR B 379 29.33 -40.92 8.53
CA THR B 379 28.32 -39.87 8.45
C THR B 379 26.91 -40.36 8.75
N GLY B 380 26.69 -41.67 8.71
CA GLY B 380 25.38 -42.25 8.88
C GLY B 380 25.18 -43.36 7.88
N GLN B 381 23.93 -43.66 7.57
CA GLN B 381 23.61 -44.64 6.55
C GLN B 381 23.28 -43.91 5.25
N VAL B 382 23.83 -44.44 4.16
CA VAL B 382 23.77 -43.77 2.86
C VAL B 382 22.68 -44.44 2.02
N VAL B 383 21.74 -43.62 1.54
CA VAL B 383 20.72 -44.08 0.61
C VAL B 383 20.51 -42.97 -0.42
N PHE B 384 19.90 -43.35 -1.55
CA PHE B 384 19.73 -42.45 -2.68
C PHE B 384 18.27 -42.47 -3.12
N ARG B 385 17.55 -41.41 -2.79
CA ARG B 385 16.18 -41.20 -3.28
C ARG B 385 16.25 -40.28 -4.49
N ASN B 386 16.50 -40.89 -5.65
CA ASN B 386 16.68 -40.16 -6.91
C ASN B 386 17.86 -39.18 -6.80
N GLY B 387 19.04 -39.77 -6.64
CA GLY B 387 20.27 -39.01 -6.51
C GLY B 387 20.43 -38.35 -5.17
N GLU B 388 19.51 -37.45 -4.83
CA GLU B 388 19.57 -36.75 -3.55
C GLU B 388 19.71 -37.75 -2.40
N ARG B 389 20.50 -37.37 -1.41
CA ARG B 389 20.72 -38.22 -0.25
C ARG B 389 19.73 -37.87 0.87
N MET B 390 19.53 -38.84 1.75
CA MET B 390 18.66 -38.70 2.92
C MET B 390 19.55 -38.71 4.15
N GLY B 391 19.83 -37.51 4.68
CA GLY B 391 20.78 -37.38 5.77
C GLY B 391 20.21 -36.68 6.98
N THR B 392 21.09 -36.18 7.85
CA THR B 392 20.69 -35.62 9.14
C THR B 392 20.99 -34.14 9.18
N ILE B 393 19.98 -33.35 9.53
CA ILE B 393 20.13 -31.92 9.74
C ILE B 393 20.35 -31.69 11.24
N LYS B 394 20.92 -30.53 11.57
CA LYS B 394 21.19 -30.20 12.96
C LYS B 394 20.94 -28.72 13.20
N PHE B 395 20.29 -28.44 14.32
CA PHE B 395 20.02 -27.09 14.78
C PHE B 395 21.10 -26.61 15.75
N THR B 396 21.14 -25.31 15.96
CA THR B 396 22.13 -24.71 16.83
C THR B 396 21.57 -23.40 17.37
N GLN B 397 22.03 -23.01 18.55
CA GLN B 397 21.57 -21.80 19.22
C GLN B 397 22.75 -21.01 19.74
N PHE B 398 22.64 -19.68 19.67
CA PHE B 398 23.68 -18.78 20.10
C PHE B 398 23.39 -18.28 21.51
N GLN B 399 24.35 -18.45 22.42
CA GLN B 399 24.18 -18.04 23.81
C GLN B 399 25.38 -17.18 24.21
N ASP B 400 25.32 -15.90 23.82
CA ASP B 400 26.19 -14.84 24.32
C ASP B 400 27.67 -15.02 23.98
N SER B 401 28.05 -16.18 23.45
CA SER B 401 29.43 -16.37 23.01
C SER B 401 29.59 -17.10 21.69
N ARG B 402 28.68 -18.00 21.32
CA ARG B 402 28.85 -18.86 20.16
C ARG B 402 27.62 -19.72 20.01
N GLU B 403 27.57 -20.47 18.91
CA GLU B 403 26.48 -21.38 18.63
C GLU B 403 26.74 -22.75 19.23
N VAL B 404 25.70 -23.33 19.85
CA VAL B 404 25.78 -24.64 20.46
C VAL B 404 24.68 -25.50 19.86
N LYS B 405 24.97 -26.79 19.66
CA LYS B 405 24.02 -27.67 19.00
C LYS B 405 22.86 -28.01 19.93
N VAL B 406 21.71 -28.31 19.32
CA VAL B 406 20.50 -28.60 20.07
C VAL B 406 19.87 -29.92 19.64
N GLY B 407 19.45 -30.01 18.39
CA GLY B 407 18.66 -31.13 17.94
C GLY B 407 19.08 -31.63 16.57
N GLU B 408 18.90 -32.93 16.37
CA GLU B 408 19.24 -33.61 15.12
C GLU B 408 17.99 -34.25 14.55
N TYR B 409 17.70 -33.96 13.29
CA TYR B 409 16.49 -34.44 12.62
C TYR B 409 16.88 -35.43 11.53
N ASN B 410 16.31 -36.63 11.60
CA ASN B 410 16.72 -37.76 10.76
C ASN B 410 15.66 -37.96 9.69
N ALA B 411 16.05 -37.76 8.44
CA ALA B 411 15.07 -37.64 7.36
C ALA B 411 14.43 -38.98 7.03
N VAL B 412 15.21 -40.06 7.05
CA VAL B 412 14.67 -41.35 6.62
C VAL B 412 13.69 -41.93 7.63
N ALA B 413 13.66 -41.42 8.85
CA ALA B 413 12.70 -41.86 9.85
C ALA B 413 11.63 -40.83 10.16
N ASP B 414 11.87 -39.55 9.84
CA ASP B 414 10.92 -38.48 10.10
C ASP B 414 10.72 -38.25 11.59
N THR B 415 11.77 -38.49 12.38
CA THR B 415 11.73 -38.30 13.83
C THR B 415 12.66 -37.18 14.24
N LEU B 416 12.18 -36.30 15.11
CA LEU B 416 12.94 -35.17 15.61
C LEU B 416 13.34 -35.44 17.06
N GLU B 417 14.62 -35.24 17.37
CA GLU B 417 15.14 -35.44 18.71
C GLU B 417 15.69 -34.14 19.27
N ILE B 418 15.31 -33.81 20.51
CA ILE B 418 15.73 -32.59 21.18
C ILE B 418 16.40 -32.97 22.50
N ILE B 419 17.30 -32.12 22.96
CA ILE B 419 17.93 -32.27 24.27
C ILE B 419 17.44 -31.14 25.16
N ASN B 420 17.15 -31.47 26.42
CA ASN B 420 16.71 -30.49 27.39
C ASN B 420 17.86 -30.09 28.31
N ASP B 421 17.71 -28.93 28.94
CA ASP B 421 18.69 -28.31 29.82
C ASP B 421 19.78 -27.59 29.05
N THR B 422 19.61 -27.40 27.74
CA THR B 422 20.55 -26.61 26.94
C THR B 422 19.86 -25.52 26.14
N ILE B 423 18.66 -25.77 25.64
CA ILE B 423 17.88 -24.74 24.97
C ILE B 423 17.26 -23.83 26.02
N ARG B 424 17.04 -22.57 25.63
CA ARG B 424 16.53 -21.57 26.56
C ARG B 424 15.68 -20.56 25.83
N PHE B 425 14.88 -19.82 26.59
CA PHE B 425 14.04 -18.75 26.07
C PHE B 425 14.28 -17.50 26.91
N GLN B 426 13.77 -16.37 26.40
CA GLN B 426 13.78 -15.14 27.19
C GLN B 426 12.68 -15.18 28.25
N GLY B 427 11.54 -15.78 27.93
CA GLY B 427 10.49 -16.00 28.88
C GLY B 427 10.43 -17.46 29.34
N SER B 428 9.45 -17.74 30.20
CA SER B 428 9.27 -19.06 30.76
C SER B 428 8.17 -19.85 30.04
N GLU B 429 7.78 -19.41 28.85
CA GLU B 429 6.77 -20.10 28.07
C GLU B 429 7.11 -19.94 26.59
N PRO B 430 6.71 -20.88 25.74
CA PRO B 430 6.98 -20.74 24.30
C PRO B 430 6.21 -19.58 23.71
N PRO B 431 6.88 -18.53 23.25
CA PRO B 431 6.17 -17.40 22.62
C PRO B 431 5.27 -17.89 21.49
N LYS B 432 4.21 -17.13 21.24
CA LYS B 432 3.23 -17.45 20.21
C LYS B 432 3.17 -16.32 19.18
N ASP B 433 2.53 -16.59 18.06
CA ASP B 433 2.40 -15.63 16.97
C ASP B 433 1.04 -14.94 17.03
N LYS B 434 0.83 -14.20 18.13
CA LYS B 434 -0.42 -13.47 18.32
C LYS B 434 -0.36 -12.63 19.59
N THR B 435 -1.44 -11.92 19.88
CA THR B 435 -1.55 -11.14 21.11
C THR B 435 -2.92 -11.39 21.73
N ILE B 436 -2.96 -11.41 23.05
CA ILE B 436 -4.21 -11.65 23.78
C ILE B 436 -4.99 -10.35 23.88
N ILE B 437 -6.30 -10.44 23.69
CA ILE B 437 -7.20 -9.30 23.76
C ILE B 437 -8.07 -9.45 25.00
N LEU B 438 -8.13 -8.39 25.80
CA LEU B 438 -8.92 -8.36 27.03
C LEU B 438 -9.93 -7.23 26.95
N GLU B 439 -11.09 -7.44 27.58
CA GLU B 439 -12.20 -6.48 27.52
C GLU B 439 -12.68 -6.16 28.94
N GLN B 440 -12.03 -5.19 29.57
CA GLN B 440 -12.53 -4.65 30.84
C GLN B 440 -13.62 -3.63 30.57
N LEU B 441 -14.59 -3.56 31.48
CA LEU B 441 -15.76 -2.72 31.28
C LEU B 441 -15.62 -1.30 31.83
N ARG B 442 -14.75 -1.10 32.83
CA ARG B 442 -14.53 0.19 33.47
C ARG B 442 -15.68 0.55 34.40
N LYS B 443 -16.57 -0.39 34.69
CA LYS B 443 -17.76 -0.11 35.50
C LYS B 443 -17.39 0.49 36.85
N ILE B 444 -18.41 0.96 37.59
CA ILE B 444 -18.15 1.55 38.89
C ILE B 444 -17.60 0.49 39.84
N SER B 445 -16.90 0.96 40.88
CA SER B 445 -16.26 0.07 41.83
C SER B 445 -17.08 -0.15 43.09
N LEU B 446 -18.10 0.67 43.31
CA LEU B 446 -18.98 0.55 44.47
C LEU B 446 -18.23 0.71 45.80
N PRO B 447 -17.36 1.73 45.95
CA PRO B 447 -17.00 2.17 47.31
C PRO B 447 -17.90 3.29 47.78
N LEU B 448 -18.52 4.00 46.84
CA LEU B 448 -19.31 5.19 47.11
C LEU B 448 -20.74 5.10 46.63
N TYR B 449 -21.07 4.14 45.76
CA TYR B 449 -22.45 3.98 45.32
C TYR B 449 -23.36 3.72 46.51
N SER B 450 -22.92 2.86 47.43
CA SER B 450 -23.71 2.60 48.63
C SER B 450 -23.85 3.86 49.47
N ILE B 451 -22.77 4.62 49.61
CA ILE B 451 -22.81 5.86 50.39
C ILE B 451 -23.86 6.81 49.80
N LEU B 452 -23.88 6.94 48.48
CA LEU B 452 -24.82 7.87 47.86
C LEU B 452 -26.25 7.35 47.94
N SER B 453 -26.45 6.05 47.72
CA SER B 453 -27.79 5.49 47.86
C SER B 453 -28.30 5.66 49.29
N ALA B 454 -27.41 5.64 50.27
CA ALA B 454 -27.83 5.86 51.65
C ALA B 454 -28.16 7.32 51.90
N LEU B 455 -27.28 8.23 51.47
CA LEU B 455 -27.57 9.66 51.62
C LEU B 455 -28.88 10.03 50.95
N THR B 456 -29.26 9.33 49.88
CA THR B 456 -30.50 9.63 49.19
C THR B 456 -31.73 9.42 50.08
N ILE B 457 -31.59 8.72 51.21
CA ILE B 457 -32.73 8.44 52.07
C ILE B 457 -32.99 9.58 53.04
N LEU B 458 -31.95 10.33 53.42
CA LEU B 458 -32.14 11.53 54.25
C LEU B 458 -33.17 12.46 53.61
N GLY B 459 -33.03 12.69 52.31
CA GLY B 459 -33.97 13.56 51.62
C GLY B 459 -35.39 13.03 51.67
N MET B 460 -35.55 11.72 51.44
CA MET B 460 -36.89 11.13 51.45
C MET B 460 -37.53 11.28 52.83
N ILE B 461 -36.77 11.01 53.89
CA ILE B 461 -37.34 11.10 55.23
C ILE B 461 -37.68 12.54 55.58
N MET B 462 -36.79 13.47 55.22
CA MET B 462 -37.09 14.88 55.47
C MET B 462 -38.34 15.32 54.71
N ALA B 463 -38.51 14.86 53.48
CA ALA B 463 -39.69 15.22 52.70
C ALA B 463 -40.94 14.67 53.34
N SER B 464 -40.91 13.41 53.78
CA SER B 464 -42.06 12.83 54.45
C SER B 464 -42.40 13.60 55.72
N ALA B 465 -41.39 13.95 56.51
CA ALA B 465 -41.61 14.71 57.73
C ALA B 465 -42.27 16.05 57.42
N PHE B 466 -41.76 16.76 56.40
CA PHE B 466 -42.32 18.07 56.08
C PHE B 466 -43.74 17.96 55.55
N LEU B 467 -44.00 16.96 54.69
CA LEU B 467 -45.36 16.75 54.21
C LEU B 467 -46.32 16.50 55.36
N PHE B 468 -45.91 15.67 56.32
CA PHE B 468 -46.78 15.40 57.46
C PHE B 468 -46.99 16.63 58.31
N PHE B 469 -45.92 17.39 58.58
CA PHE B 469 -46.05 18.62 59.36
C PHE B 469 -47.02 19.58 58.69
N ASN B 470 -46.94 19.71 57.37
CA ASN B 470 -47.86 20.60 56.66
C ASN B 470 -49.28 20.06 56.70
N ILE B 471 -49.44 18.74 56.65
CA ILE B 471 -50.78 18.15 56.68
C ILE B 471 -51.40 18.29 58.07
N LYS B 472 -50.58 18.42 59.11
CA LYS B 472 -51.11 18.49 60.47
C LYS B 472 -51.67 19.87 60.77
N ASN B 473 -51.03 20.93 60.29
CA ASN B 473 -51.43 22.30 60.54
C ASN B 473 -52.28 22.87 59.41
N ARG B 474 -53.09 22.01 58.76
CA ARG B 474 -53.92 22.45 57.64
C ARG B 474 -55.07 23.35 58.06
N ASN B 475 -55.18 23.71 59.34
CA ASN B 475 -56.25 24.56 59.82
C ASN B 475 -55.77 25.88 60.39
N GLN B 476 -54.51 25.98 60.83
CA GLN B 476 -54.00 27.22 61.39
C GLN B 476 -54.02 28.33 60.33
N LYS B 477 -53.69 29.54 60.77
CA LYS B 477 -53.71 30.69 59.88
C LYS B 477 -52.46 30.76 59.01
N LEU B 478 -51.31 30.35 59.53
CA LEU B 478 -50.09 30.39 58.74
C LEU B 478 -50.21 29.50 57.51
N ILE B 479 -50.70 28.26 57.70
CA ILE B 479 -50.84 27.35 56.58
C ILE B 479 -51.97 27.78 55.66
N LYS B 480 -52.97 28.50 56.20
CA LYS B 480 -54.10 28.93 55.39
C LYS B 480 -53.74 30.12 54.51
N MET B 481 -52.84 31.00 54.97
CA MET B 481 -52.46 32.16 54.18
C MET B 481 -51.69 31.75 52.94
N SER B 482 -50.53 31.11 53.13
CA SER B 482 -49.74 30.65 52.01
C SER B 482 -50.52 29.66 51.15
N SER B 483 -49.98 29.37 49.97
CA SER B 483 -50.65 28.49 49.03
C SER B 483 -50.91 27.13 49.68
N PRO B 484 -52.09 26.54 49.44
CA PRO B 484 -52.39 25.25 50.08
C PRO B 484 -51.69 24.04 49.48
N TYR B 485 -51.69 23.95 48.14
CA TYR B 485 -51.21 22.74 47.45
C TYR B 485 -49.89 22.92 46.71
N MET B 486 -49.49 24.16 46.42
CA MET B 486 -48.25 24.35 45.66
C MET B 486 -47.08 23.70 46.37
N ASN B 487 -47.03 23.83 47.70
CA ASN B 487 -45.93 23.23 48.44
C ASN B 487 -45.97 21.71 48.29
N ASN B 488 -47.17 21.13 48.31
CA ASN B 488 -47.28 19.68 48.19
C ASN B 488 -46.72 19.24 46.85
N LEU B 489 -47.06 20.00 45.79
CA LEU B 489 -46.56 19.68 44.46
C LEU B 489 -45.05 19.75 44.45
N ILE B 490 -44.49 20.77 45.09
CA ILE B 490 -43.03 20.93 45.12
C ILE B 490 -42.39 19.73 45.78
N ILE B 491 -42.95 19.29 46.90
CA ILE B 491 -42.37 18.16 47.63
C ILE B 491 -42.44 16.90 46.78
N LEU B 492 -43.58 16.70 46.09
CA LEU B 492 -43.71 15.52 45.25
C LEU B 492 -42.65 15.55 44.15
N GLY B 493 -42.44 16.74 43.57
CA GLY B 493 -41.44 16.87 42.53
C GLY B 493 -40.06 16.52 43.05
N GLY B 494 -39.74 16.99 44.26
CA GLY B 494 -38.45 16.67 44.84
C GLY B 494 -38.25 15.18 45.02
N MET B 495 -39.27 14.48 45.54
CA MET B 495 -39.14 13.05 45.74
C MET B 495 -38.97 12.33 44.39
N LEU B 496 -39.73 12.75 43.39
CA LEU B 496 -39.63 12.12 42.09
C LEU B 496 -38.23 12.32 41.53
N SER B 497 -37.68 13.52 41.70
CA SER B 497 -36.33 13.80 41.24
C SER B 497 -35.32 12.94 41.99
N TYR B 498 -35.59 12.71 43.28
CA TYR B 498 -34.70 11.87 44.09
C TYR B 498 -34.62 10.46 43.52
N ALA B 499 -35.73 9.94 43.00
CA ALA B 499 -35.70 8.60 42.42
C ALA B 499 -34.73 8.54 41.22
N SER B 500 -34.77 9.55 40.36
CA SER B 500 -33.87 9.63 39.22
C SER B 500 -32.42 9.31 39.59
N ILE B 501 -31.91 9.84 40.71
CA ILE B 501 -30.52 9.54 41.05
C ILE B 501 -30.34 8.05 41.32
N PHE B 502 -31.36 7.39 41.89
CA PHE B 502 -31.23 5.95 42.08
C PHE B 502 -31.11 5.26 40.74
N LEU B 503 -31.88 5.72 39.76
CA LEU B 503 -31.88 5.08 38.45
C LEU B 503 -30.57 5.31 37.70
N PHE B 504 -29.88 6.43 37.95
CA PHE B 504 -28.66 6.75 37.20
C PHE B 504 -27.60 5.67 37.32
N GLY B 505 -27.42 5.12 38.52
CA GLY B 505 -26.24 4.34 38.82
C GLY B 505 -26.17 2.95 38.21
N LEU B 506 -27.31 2.27 38.10
CA LEU B 506 -27.29 0.89 37.63
C LEU B 506 -26.70 0.80 36.23
N ASP B 507 -25.50 0.24 36.12
CA ASP B 507 -24.82 0.06 34.85
C ASP B 507 -23.50 -0.63 35.11
N GLY B 508 -22.95 -1.24 34.06
CA GLY B 508 -21.68 -1.93 34.17
C GLY B 508 -21.78 -3.27 34.87
N SER B 509 -22.66 -4.15 34.39
CA SER B 509 -22.81 -5.51 34.88
C SER B 509 -23.56 -5.57 36.21
N PHE B 510 -24.26 -4.51 36.59
CA PHE B 510 -25.10 -4.57 37.78
C PHE B 510 -26.40 -5.33 37.53
N VAL B 511 -27.04 -5.08 36.39
CA VAL B 511 -28.28 -5.72 36.02
C VAL B 511 -28.11 -6.51 34.74
N SER B 512 -29.12 -7.31 34.41
CA SER B 512 -29.08 -8.12 33.20
C SER B 512 -29.01 -7.22 31.97
N GLU B 513 -28.44 -7.78 30.89
CA GLU B 513 -28.28 -7.00 29.67
C GLU B 513 -29.62 -6.59 29.08
N LYS B 514 -30.68 -7.35 29.38
CA LYS B 514 -32.00 -7.00 28.87
C LYS B 514 -32.71 -5.94 29.71
N THR B 515 -32.12 -5.52 30.83
CA THR B 515 -32.71 -4.49 31.68
C THR B 515 -32.23 -3.09 31.29
N PHE B 516 -30.91 -2.92 31.16
CA PHE B 516 -30.35 -1.65 30.75
C PHE B 516 -31.09 -1.07 29.54
N GLU B 517 -31.54 -1.95 28.63
CA GLU B 517 -32.25 -1.50 27.44
C GLU B 517 -33.66 -1.03 27.72
N THR B 518 -34.11 -1.03 28.98
CA THR B 518 -35.46 -0.59 29.32
C THR B 518 -35.52 0.42 30.45
N LEU B 519 -34.39 0.85 30.99
CA LEU B 519 -34.37 1.78 32.11
C LEU B 519 -34.21 3.23 31.70
N CYS B 520 -33.54 3.50 30.58
CA CYS B 520 -33.33 4.88 30.14
C CYS B 520 -34.66 5.61 29.98
N THR B 521 -35.66 4.93 29.40
CA THR B 521 -36.94 5.58 29.13
C THR B 521 -37.61 6.01 30.42
N VAL B 522 -37.78 5.07 31.35
CA VAL B 522 -38.42 5.41 32.63
C VAL B 522 -37.61 6.48 33.35
N ARG B 523 -36.28 6.40 33.27
CA ARG B 523 -35.44 7.38 33.93
C ARG B 523 -35.73 8.79 33.42
N THR B 524 -35.72 8.96 32.10
CA THR B 524 -35.94 10.29 31.54
C THR B 524 -37.36 10.77 31.79
N TRP B 525 -38.34 9.86 31.72
CA TRP B 525 -39.71 10.23 32.04
C TRP B 525 -39.80 10.79 33.46
N ILE B 526 -39.26 10.05 34.43
CA ILE B 526 -39.35 10.43 35.82
C ILE B 526 -38.66 11.78 36.04
N LEU B 527 -37.45 11.94 35.53
CA LEU B 527 -36.72 13.18 35.74
C LEU B 527 -37.45 14.36 35.09
N THR B 528 -37.98 14.15 33.89
CA THR B 528 -38.74 15.20 33.23
C THR B 528 -39.91 15.66 34.07
N VAL B 529 -40.75 14.72 34.52
CA VAL B 529 -41.92 15.10 35.32
C VAL B 529 -41.48 15.79 36.61
N GLY B 530 -40.42 15.29 37.23
CA GLY B 530 -39.99 15.87 38.50
C GLY B 530 -39.53 17.31 38.34
N TYR B 531 -38.74 17.59 37.31
CA TYR B 531 -38.34 18.97 37.08
C TYR B 531 -39.52 19.82 36.63
N THR B 532 -40.51 19.21 35.97
CA THR B 532 -41.63 19.98 35.44
C THR B 532 -42.50 20.53 36.56
N THR B 533 -43.01 19.65 37.42
CA THR B 533 -44.06 20.07 38.35
C THR B 533 -43.57 21.14 39.32
N ALA B 534 -42.46 20.88 40.00
CA ALA B 534 -41.96 21.80 41.02
C ALA B 534 -41.75 23.20 40.44
N PHE B 535 -41.02 23.30 39.33
CA PHE B 535 -40.76 24.61 38.76
C PHE B 535 -42.01 25.24 38.18
N GLY B 536 -42.93 24.43 37.64
CA GLY B 536 -44.20 24.98 37.21
C GLY B 536 -44.89 25.72 38.32
N ALA B 537 -44.91 25.13 39.52
CA ALA B 537 -45.55 25.79 40.65
C ALA B 537 -44.76 27.02 41.10
N MET B 538 -43.45 26.86 41.27
CA MET B 538 -42.61 27.96 41.70
C MET B 538 -42.68 29.14 40.74
N PHE B 539 -43.07 28.89 39.49
CA PHE B 539 -43.18 29.95 38.49
C PHE B 539 -44.59 30.53 38.45
N ALA B 540 -45.61 29.67 38.56
CA ALA B 540 -46.99 30.16 38.55
C ALA B 540 -47.24 31.11 39.72
N LYS B 541 -46.64 30.82 40.87
CA LYS B 541 -46.83 31.70 42.02
C LYS B 541 -46.28 33.10 41.73
N THR B 542 -45.05 33.17 41.24
CA THR B 542 -44.47 34.46 40.91
C THR B 542 -45.27 35.16 39.82
N TRP B 543 -45.85 34.39 38.90
CA TRP B 543 -46.69 34.97 37.86
C TRP B 543 -47.92 35.65 38.47
N ARG B 544 -48.61 34.93 39.36
CA ARG B 544 -49.77 35.52 40.03
C ARG B 544 -49.38 36.78 40.79
N VAL B 545 -48.24 36.76 41.48
CA VAL B 545 -47.79 37.94 42.21
C VAL B 545 -47.59 39.11 41.27
N HIS B 546 -46.80 38.89 40.20
CA HIS B 546 -46.51 39.97 39.27
C HIS B 546 -47.76 40.49 38.60
N ALA B 547 -48.75 39.62 38.38
CA ALA B 547 -50.00 40.07 37.77
C ALA B 547 -50.80 40.93 38.72
N ILE B 548 -50.89 40.52 39.99
CA ILE B 548 -51.61 41.31 40.98
C ILE B 548 -50.94 42.66 41.16
N PHE B 549 -49.61 42.69 41.13
CA PHE B 549 -48.91 43.96 41.33
C PHE B 549 -49.19 44.95 40.21
N LYS B 550 -49.37 44.45 38.98
CA LYS B 550 -49.60 45.35 37.85
C LYS B 550 -51.00 45.97 37.92
N ASN B 551 -52.03 45.13 37.97
CA ASN B 551 -53.40 45.62 38.06
C ASN B 551 -53.74 46.04 39.48
N ILE B 559 -61.01 29.32 39.69
CA ILE B 559 -60.67 30.29 40.72
C ILE B 559 -59.17 30.49 40.78
N LYS B 560 -58.71 31.21 41.80
CA LYS B 560 -57.29 31.46 41.96
C LYS B 560 -56.50 30.16 41.99
N ASP B 561 -56.81 29.29 42.95
CA ASP B 561 -56.10 28.01 43.07
C ASP B 561 -56.28 27.13 41.84
N GLN B 562 -57.32 27.38 41.02
CA GLN B 562 -57.57 26.55 39.86
C GLN B 562 -56.67 26.93 38.68
N LYS B 563 -56.52 28.22 38.41
CA LYS B 563 -55.76 28.64 37.24
C LYS B 563 -54.31 28.17 37.33
N LEU B 564 -53.73 28.19 38.53
CA LEU B 564 -52.37 27.71 38.70
C LEU B 564 -52.27 26.24 38.32
N LEU B 565 -53.20 25.42 38.83
CA LEU B 565 -53.23 24.01 38.47
C LEU B 565 -53.39 23.82 36.97
N VAL B 566 -54.21 24.66 36.33
CA VAL B 566 -54.44 24.52 34.90
C VAL B 566 -53.16 24.79 34.12
N ILE B 567 -52.46 25.87 34.46
CA ILE B 567 -51.25 26.20 33.71
C ILE B 567 -50.17 25.17 33.96
N VAL B 568 -50.07 24.66 35.19
CA VAL B 568 -49.11 23.60 35.48
C VAL B 568 -49.45 22.35 34.68
N GLY B 569 -50.74 22.02 34.58
CA GLY B 569 -51.15 20.89 33.78
C GLY B 569 -50.80 21.05 32.31
N GLY B 570 -50.90 22.28 31.80
CA GLY B 570 -50.53 22.51 30.41
C GLY B 570 -49.04 22.36 30.17
N MET B 571 -48.24 22.96 31.04
CA MET B 571 -46.79 22.77 30.98
C MET B 571 -46.45 21.28 31.02
N LEU B 572 -47.14 20.52 31.87
CA LEU B 572 -46.91 19.08 31.93
C LEU B 572 -47.33 18.40 30.64
N LEU B 573 -48.42 18.86 30.03
CA LEU B 573 -48.91 18.26 28.80
C LEU B 573 -47.88 18.38 27.69
N ILE B 574 -47.23 19.54 27.59
CA ILE B 574 -46.21 19.73 26.57
C ILE B 574 -45.17 18.61 26.66
N ASP B 575 -44.54 18.49 27.84
CA ASP B 575 -43.50 17.49 28.01
C ASP B 575 -44.04 16.08 27.85
N LEU B 576 -45.28 15.84 28.25
CA LEU B 576 -45.87 14.51 28.11
C LEU B 576 -45.97 14.13 26.64
N CYS B 577 -46.46 15.05 25.81
CA CYS B 577 -46.55 14.79 24.38
C CYS B 577 -45.17 14.55 23.80
N ILE B 578 -44.20 15.38 24.16
CA ILE B 578 -42.85 15.22 23.63
C ILE B 578 -42.31 13.83 23.96
N LEU B 579 -42.45 13.43 25.24
CA LEU B 579 -41.90 12.14 25.66
C LEU B 579 -42.63 10.99 25.00
N ILE B 580 -43.95 11.11 24.82
CA ILE B 580 -44.71 10.06 24.13
C ILE B 580 -44.19 9.91 22.72
N CYS B 581 -44.06 11.04 22.01
CA CYS B 581 -43.56 11.00 20.63
C CYS B 581 -42.22 10.28 20.56
N TRP B 582 -41.31 10.62 21.48
CA TRP B 582 -39.97 10.01 21.42
C TRP B 582 -40.04 8.52 21.74
N GLN B 583 -40.68 8.16 22.85
CA GLN B 583 -40.75 6.75 23.23
C GLN B 583 -41.48 5.92 22.19
N ALA B 584 -42.28 6.55 21.32
CA ALA B 584 -43.01 5.82 20.30
C ALA B 584 -42.31 5.81 18.95
N VAL B 585 -41.40 6.74 18.70
CA VAL B 585 -40.74 6.82 17.39
C VAL B 585 -39.47 5.96 17.37
N ASP B 586 -38.49 6.31 18.20
CA ASP B 586 -37.17 5.66 18.14
C ASP B 586 -36.54 5.69 19.52
N PRO B 587 -36.79 4.68 20.35
CA PRO B 587 -36.15 4.64 21.67
C PRO B 587 -34.64 4.49 21.55
N LEU B 588 -33.96 4.84 22.65
CA LEU B 588 -32.51 4.78 22.69
C LEU B 588 -32.06 3.35 23.02
N ARG B 589 -31.08 2.86 22.26
CA ARG B 589 -30.56 1.50 22.44
C ARG B 589 -29.13 1.54 22.98
N ARG B 590 -28.73 0.44 23.59
CA ARG B 590 -27.42 0.30 24.22
C ARG B 590 -26.34 0.09 23.16
N THR B 591 -25.37 0.99 23.10
CA THR B 591 -24.24 0.88 22.19
C THR B 591 -22.96 0.69 22.99
N VAL B 592 -22.03 -0.09 22.44
CA VAL B 592 -20.74 -0.38 23.07
C VAL B 592 -19.64 0.38 22.36
N GLU B 593 -18.68 0.89 23.13
CA GLU B 593 -17.54 1.64 22.61
C GLU B 593 -16.25 1.03 23.13
N LYS B 594 -15.24 0.95 22.26
CA LYS B 594 -13.92 0.43 22.62
C LYS B 594 -12.87 1.46 22.26
N TYR B 595 -12.15 1.97 23.26
CA TYR B 595 -11.13 2.99 22.98
C TYR B 595 -10.03 2.93 24.06
N SER B 596 -8.93 2.24 23.72
CA SER B 596 -7.74 2.25 24.57
C SER B 596 -6.73 1.24 24.04
N MET B 597 -5.50 1.35 24.56
CA MET B 597 -4.42 0.37 24.31
C MET B 597 -3.49 0.43 25.52
N GLU B 598 -3.68 -0.51 26.45
CA GLU B 598 -2.94 -0.55 27.71
C GLU B 598 -2.17 -1.86 27.82
N PRO B 599 -0.91 -1.89 27.41
CA PRO B 599 -0.10 -3.10 27.61
C PRO B 599 0.52 -3.15 29.00
N ASP B 605 1.30 -10.22 30.02
CA ASP B 605 1.70 -9.30 28.96
C ASP B 605 0.63 -9.14 27.90
N ILE B 606 -0.59 -9.64 28.15
CA ILE B 606 -1.66 -9.54 27.17
C ILE B 606 -2.16 -8.10 27.09
N SER B 607 -2.48 -7.67 25.87
CA SER B 607 -3.06 -6.34 25.68
C SER B 607 -4.51 -6.34 26.15
N ILE B 608 -4.93 -5.23 26.75
CA ILE B 608 -6.28 -5.07 27.27
C ILE B 608 -6.95 -3.93 26.51
N ARG B 609 -8.12 -4.19 25.96
CA ARG B 609 -8.91 -3.18 25.26
C ARG B 609 -10.22 -3.00 26.01
N PRO B 610 -10.42 -1.88 26.71
CA PRO B 610 -11.63 -1.73 27.54
C PRO B 610 -12.86 -1.37 26.71
N LEU B 611 -14.01 -1.69 27.29
CA LEU B 611 -15.30 -1.46 26.64
C LEU B 611 -16.23 -0.72 27.59
N LEU B 612 -17.15 0.06 27.01
CA LEU B 612 -18.13 0.82 27.76
C LEU B 612 -19.43 0.82 26.98
N GLU B 613 -20.52 1.14 27.68
CA GLU B 613 -21.85 1.15 27.06
C GLU B 613 -22.46 2.54 27.16
N HIS B 614 -23.12 2.97 26.09
CA HIS B 614 -23.78 4.26 26.03
C HIS B 614 -25.22 4.08 25.60
N CYS B 615 -26.15 4.65 26.38
CA CYS B 615 -27.58 4.60 26.06
C CYS B 615 -27.88 5.83 25.20
N GLU B 616 -27.71 5.70 23.89
CA GLU B 616 -27.98 6.80 22.97
C GLU B 616 -28.75 6.31 21.76
N ASN B 617 -29.12 7.28 20.93
CA ASN B 617 -29.71 7.05 19.61
C ASN B 617 -28.95 7.88 18.59
N THR B 618 -29.25 7.64 17.31
CA THR B 618 -28.49 8.30 16.25
C THR B 618 -28.76 9.80 16.22
N HIS B 619 -30.04 10.16 16.21
CA HIS B 619 -30.55 11.55 16.18
C HIS B 619 -30.67 12.07 17.62
N MET B 620 -29.56 12.34 18.29
CA MET B 620 -29.59 12.85 19.66
C MET B 620 -29.34 14.35 19.76
N THR B 621 -28.58 14.92 18.83
CA THR B 621 -28.25 16.34 18.88
C THR B 621 -29.47 17.24 18.76
N ILE B 622 -30.41 16.92 17.86
CA ILE B 622 -31.62 17.73 17.73
C ILE B 622 -32.51 17.57 18.96
N TRP B 623 -32.73 16.34 19.40
CA TRP B 623 -33.60 16.12 20.55
C TRP B 623 -33.05 16.86 21.77
N LEU B 624 -31.76 16.69 22.04
CA LEU B 624 -31.15 17.28 23.22
C LEU B 624 -31.20 18.80 23.11
N GLY B 625 -30.86 19.34 21.94
CA GLY B 625 -30.83 20.77 21.79
C GLY B 625 -32.20 21.38 22.04
N ILE B 626 -33.24 20.79 21.45
CA ILE B 626 -34.58 21.34 21.63
C ILE B 626 -34.98 21.31 23.11
N VAL B 627 -34.79 20.16 23.76
CA VAL B 627 -35.23 20.04 25.15
C VAL B 627 -34.49 21.06 26.02
N TYR B 628 -33.17 21.12 25.85
CA TYR B 628 -32.35 22.00 26.67
C TYR B 628 -32.76 23.45 26.45
N ALA B 629 -32.96 23.84 25.19
CA ALA B 629 -33.29 25.22 24.88
C ALA B 629 -34.60 25.60 25.55
N TYR B 630 -35.59 24.73 25.42
CA TYR B 630 -36.96 24.98 25.94
C TYR B 630 -36.91 25.14 27.46
N LYS B 631 -36.19 24.27 28.18
CA LYS B 631 -36.06 24.36 29.66
C LYS B 631 -35.22 25.58 30.06
N GLY B 632 -34.14 25.92 29.35
CA GLY B 632 -33.32 27.07 29.70
C GLY B 632 -34.08 28.37 29.54
N LEU B 633 -34.85 28.48 28.46
CA LEU B 633 -35.61 29.71 28.23
C LEU B 633 -36.61 29.90 29.37
N LEU B 634 -37.31 28.82 29.74
CA LEU B 634 -38.28 28.95 30.82
C LEU B 634 -37.59 29.39 32.10
N MET B 635 -36.43 28.81 32.41
CA MET B 635 -35.74 29.17 33.65
C MET B 635 -35.35 30.64 33.65
N LEU B 636 -34.84 31.14 32.53
CA LEU B 636 -34.43 32.55 32.48
C LEU B 636 -35.65 33.45 32.66
N PHE B 637 -36.76 33.08 32.01
CA PHE B 637 -37.97 33.90 32.12
C PHE B 637 -38.39 33.96 33.57
N GLY B 638 -38.42 32.82 34.25
CA GLY B 638 -38.85 32.79 35.63
C GLY B 638 -37.92 33.59 36.52
N CYS B 639 -36.62 33.52 36.27
CA CYS B 639 -35.65 34.24 37.08
C CYS B 639 -35.83 35.74 36.95
N PHE B 640 -36.15 36.24 35.76
CA PHE B 640 -36.28 37.68 35.58
C PHE B 640 -37.42 38.24 36.42
N LEU B 641 -38.57 37.56 36.43
CA LEU B 641 -39.73 38.03 37.19
C LEU B 641 -39.38 38.19 38.66
N ALA B 642 -38.68 37.22 39.23
CA ALA B 642 -38.37 37.28 40.67
C ALA B 642 -37.55 38.52 40.97
N TRP B 643 -36.53 38.81 40.16
CA TRP B 643 -35.70 39.98 40.42
C TRP B 643 -36.54 41.24 40.31
N GLU B 644 -37.42 41.31 39.31
CA GLU B 644 -38.24 42.51 39.16
C GLU B 644 -39.11 42.74 40.38
N THR B 645 -39.61 41.67 41.00
CA THR B 645 -40.53 41.75 42.13
C THR B 645 -39.84 41.48 43.46
N ARG B 646 -38.59 41.89 43.62
CA ARG B 646 -37.87 41.61 44.86
C ARG B 646 -38.55 42.24 46.07
N ASN B 647 -38.89 43.53 45.98
CA ASN B 647 -39.48 44.24 47.09
C ASN B 647 -41.00 44.28 47.01
N VAL B 648 -41.55 44.67 45.86
CA VAL B 648 -43.00 44.71 45.73
C VAL B 648 -43.58 43.33 45.95
N SER B 649 -44.87 43.31 46.30
CA SER B 649 -45.56 42.05 46.56
C SER B 649 -47.04 42.29 46.81
N ILE B 650 -47.79 41.22 47.04
CA ILE B 650 -49.22 41.30 47.32
C ILE B 650 -49.49 40.64 48.67
N PRO B 651 -50.35 41.19 49.51
CA PRO B 651 -50.65 40.53 50.79
C PRO B 651 -51.27 39.15 50.57
N ALA B 652 -51.39 38.41 51.67
CA ALA B 652 -51.89 37.04 51.66
C ALA B 652 -50.93 36.07 50.99
N LEU B 653 -49.66 36.46 50.84
CA LEU B 653 -48.63 35.58 50.27
C LEU B 653 -47.29 36.02 50.84
N ASN B 654 -46.81 35.32 51.88
CA ASN B 654 -45.62 35.72 52.60
C ASN B 654 -44.33 35.08 52.10
N ASP B 655 -44.41 34.12 51.17
CA ASP B 655 -43.25 33.35 50.72
C ASP B 655 -42.66 33.90 49.43
N SER B 656 -42.72 35.22 49.20
CA SER B 656 -42.25 35.80 47.95
C SER B 656 -40.72 35.77 47.87
N LYS B 657 -40.03 36.29 48.89
CA LYS B 657 -38.57 36.38 48.87
C LYS B 657 -37.91 35.00 48.83
N TYR B 658 -38.40 34.09 49.67
CA TYR B 658 -37.80 32.76 49.75
C TYR B 658 -37.98 32.00 48.44
N ILE B 659 -39.16 32.07 47.84
CA ILE B 659 -39.37 31.39 46.57
C ILE B 659 -38.45 31.98 45.52
N GLY B 660 -38.20 33.28 45.58
CA GLY B 660 -37.30 33.88 44.61
C GLY B 660 -35.90 33.29 44.77
N MET B 661 -35.43 33.17 46.01
CA MET B 661 -34.10 32.62 46.24
C MET B 661 -34.05 31.19 45.73
N SER B 662 -35.12 30.43 45.98
CA SER B 662 -35.18 29.04 45.51
C SER B 662 -35.06 28.99 44.00
N VAL B 663 -35.75 29.89 43.30
CA VAL B 663 -35.70 29.89 41.83
C VAL B 663 -34.29 30.15 41.37
N TYR B 664 -33.62 31.13 41.98
CA TYR B 664 -32.26 31.46 41.58
C TYR B 664 -31.36 30.23 41.76
N ASN B 665 -31.49 29.58 42.92
CA ASN B 665 -30.64 28.44 43.23
C ASN B 665 -30.86 27.31 42.24
N VAL B 666 -32.13 27.02 41.94
CA VAL B 666 -32.44 25.92 41.03
C VAL B 666 -31.86 26.22 39.65
N GLY B 667 -31.97 27.47 39.20
CA GLY B 667 -31.44 27.82 37.90
C GLY B 667 -29.95 27.59 37.82
N ILE B 668 -29.20 28.10 38.80
CA ILE B 668 -27.75 27.95 38.75
C ILE B 668 -27.37 26.48 38.86
N MET B 669 -28.08 25.72 39.70
CA MET B 669 -27.76 24.32 39.89
C MET B 669 -27.91 23.56 38.58
N CYS B 670 -29.03 23.78 37.90
CA CYS B 670 -29.28 23.07 36.66
C CYS B 670 -28.25 23.45 35.60
N ILE B 671 -27.89 24.74 35.55
CA ILE B 671 -26.91 25.17 34.56
C ILE B 671 -25.59 24.45 34.79
N ILE B 672 -25.13 24.40 36.04
CA ILE B 672 -23.87 23.76 36.33
C ILE B 672 -23.95 22.28 35.98
N GLY B 673 -25.06 21.64 36.31
CA GLY B 673 -25.19 20.22 36.04
C GLY B 673 -25.08 19.93 34.55
N ALA B 674 -25.81 20.71 33.75
CA ALA B 674 -25.79 20.48 32.32
C ALA B 674 -24.40 20.73 31.76
N ALA B 675 -23.70 21.76 32.25
CA ALA B 675 -22.36 22.02 31.74
C ALA B 675 -21.44 20.87 32.07
N VAL B 676 -21.53 20.35 33.31
CA VAL B 676 -20.64 19.28 33.74
C VAL B 676 -20.89 18.01 32.95
N SER B 677 -22.14 17.77 32.54
CA SER B 677 -22.46 16.53 31.85
C SER B 677 -21.67 16.39 30.55
N PHE B 678 -21.60 17.46 29.76
CA PHE B 678 -20.90 17.38 28.47
C PHE B 678 -19.39 17.27 28.61
N LEU B 679 -18.84 17.61 29.77
CA LEU B 679 -17.40 17.76 29.91
C LEU B 679 -16.69 16.51 30.41
N THR B 680 -17.38 15.61 31.12
CA THR B 680 -16.76 14.48 31.78
C THR B 680 -17.52 13.19 31.47
N ARG B 681 -17.80 12.97 30.18
CA ARG B 681 -18.50 11.76 29.78
C ARG B 681 -17.56 10.56 29.70
N ASP B 682 -16.29 10.79 29.35
CA ASP B 682 -15.32 9.69 29.31
C ASP B 682 -15.16 9.06 30.68
N GLN B 683 -14.77 9.86 31.67
CA GLN B 683 -14.67 9.39 33.05
C GLN B 683 -16.07 9.23 33.62
N PRO B 684 -16.53 8.00 33.92
CA PRO B 684 -17.93 7.84 34.34
C PRO B 684 -18.15 7.97 35.83
N ASN B 685 -17.09 7.79 36.63
CA ASN B 685 -17.26 7.77 38.08
C ASN B 685 -17.40 9.16 38.66
N VAL B 686 -16.52 10.09 38.27
CA VAL B 686 -16.54 11.43 38.83
C VAL B 686 -17.82 12.17 38.42
N GLN B 687 -18.22 12.00 37.16
CA GLN B 687 -19.44 12.65 36.67
C GLN B 687 -20.65 12.24 37.50
N PHE B 688 -20.78 10.93 37.76
CA PHE B 688 -21.90 10.44 38.57
C PHE B 688 -21.95 11.14 39.92
N CYS B 689 -20.82 11.15 40.64
CA CYS B 689 -20.81 11.70 41.98
C CYS B 689 -21.10 13.21 41.97
N ILE B 690 -20.51 13.94 41.03
CA ILE B 690 -20.71 15.38 41.01
C ILE B 690 -22.16 15.71 40.68
N VAL B 691 -22.75 14.98 39.71
CA VAL B 691 -24.15 15.21 39.36
C VAL B 691 -25.05 14.89 40.55
N ALA B 692 -24.74 13.82 41.28
CA ALA B 692 -25.54 13.45 42.44
C ALA B 692 -25.48 14.53 43.51
N LEU B 693 -24.27 15.02 43.80
CA LEU B 693 -24.13 16.10 44.76
C LEU B 693 -24.96 17.32 44.33
N VAL B 694 -24.89 17.66 43.05
CA VAL B 694 -25.61 18.82 42.55
C VAL B 694 -27.11 18.64 42.76
N ILE B 695 -27.65 17.48 42.36
CA ILE B 695 -29.07 17.23 42.53
C ILE B 695 -29.46 17.33 44.00
N ILE B 696 -28.66 16.72 44.88
CA ILE B 696 -28.99 16.71 46.30
C ILE B 696 -29.07 18.14 46.83
N PHE B 697 -28.02 18.93 46.59
CA PHE B 697 -28.02 20.29 47.09
C PHE B 697 -29.19 21.08 46.54
N CYS B 698 -29.41 21.00 45.22
CA CYS B 698 -30.50 21.75 44.60
C CYS B 698 -31.84 21.40 45.24
N SER B 699 -32.16 20.12 45.32
CA SER B 699 -33.48 19.71 45.79
C SER B 699 -33.61 19.76 47.30
N THR B 700 -32.53 19.98 48.04
CA THR B 700 -32.62 20.07 49.50
C THR B 700 -32.63 21.50 50.01
N ILE B 701 -31.81 22.38 49.43
CA ILE B 701 -31.75 23.76 49.91
C ILE B 701 -33.10 24.44 49.72
N THR B 702 -33.80 24.13 48.62
CA THR B 702 -35.13 24.68 48.39
C THR B 702 -36.04 24.42 49.60
N LEU B 703 -36.24 23.15 49.93
CA LEU B 703 -37.11 22.82 51.05
C LEU B 703 -36.59 23.41 52.36
N CYS B 704 -35.29 23.30 52.61
CA CYS B 704 -34.73 23.83 53.85
C CYS B 704 -34.90 25.33 53.96
N LEU B 705 -35.11 26.03 52.84
CA LEU B 705 -35.29 27.46 52.84
C LEU B 705 -36.75 27.89 52.80
N VAL B 706 -37.66 27.00 52.39
CA VAL B 706 -39.07 27.34 52.32
C VAL B 706 -39.76 27.08 53.66
N PHE B 707 -39.77 25.83 54.10
CA PHE B 707 -40.58 25.44 55.25
C PHE B 707 -39.96 25.84 56.58
N VAL B 708 -38.64 25.90 56.66
CA VAL B 708 -37.97 26.05 57.95
C VAL B 708 -38.49 27.26 58.74
N PRO B 709 -38.56 28.47 58.16
CA PRO B 709 -39.07 29.60 58.94
C PRO B 709 -40.51 29.41 59.41
N LYS B 710 -41.38 28.92 58.52
CA LYS B 710 -42.76 28.66 58.92
C LYS B 710 -42.86 27.64 60.05
N LEU B 711 -41.79 26.87 60.29
CA LEU B 711 -41.80 25.87 61.34
C LEU B 711 -41.22 26.42 62.64
N ILE B 712 -40.11 27.17 62.57
CA ILE B 712 -39.56 27.73 63.80
C ILE B 712 -40.46 28.84 64.32
N THR B 713 -41.23 29.49 63.44
CA THR B 713 -42.16 30.51 63.90
C THR B 713 -43.25 29.89 64.78
N LEU B 714 -43.69 28.68 64.44
CA LEU B 714 -44.65 27.98 65.29
C LEU B 714 -43.97 27.40 66.52
N ARG B 715 -42.74 26.90 66.38
CA ARG B 715 -42.03 26.35 67.52
C ARG B 715 -41.79 27.41 68.59
N THR B 716 -41.57 28.66 68.17
CA THR B 716 -41.33 29.75 69.13
C THR B 716 -42.63 30.43 69.56
N ASN B 717 -43.66 30.39 68.73
CA ASN B 717 -44.94 31.01 69.06
C ASN B 717 -46.10 30.06 68.80
C1 NAG C . 27.27 -7.41 -63.19
C2 NAG C . 28.41 -7.33 -64.20
C3 NAG C . 28.01 -6.49 -65.40
C4 NAG C . 26.69 -7.00 -65.99
C5 NAG C . 25.63 -7.08 -64.89
C6 NAG C . 24.32 -7.69 -65.37
C7 NAG C . 30.73 -7.48 -63.36
C8 NAG C . 30.69 -8.91 -63.79
N2 NAG C . 29.61 -6.77 -63.57
O3 NAG C . 29.03 -6.54 -66.38
O4 NAG C . 26.27 -6.11 -67.02
O5 NAG C . 26.10 -7.91 -63.83
O6 NAG C . 24.07 -8.93 -64.72
O7 NAG C . 31.71 -6.99 -62.82
C1 NAG C . 25.78 -7.17 -67.89
C2 NAG C . 25.20 -6.38 -69.09
C3 NAG C . 25.44 -7.12 -70.41
C4 NAG C . 26.88 -7.62 -70.53
C5 NAG C . 27.29 -8.36 -69.27
C6 NAG C . 28.74 -8.81 -69.28
C7 NAG C . 23.31 -4.92 -68.53
C8 NAG C . 21.82 -4.82 -68.39
N2 NAG C . 23.78 -6.11 -68.90
O3 NAG C . 25.20 -6.23 -71.49
O4 NAG C . 27.00 -8.48 -71.65
O5 NAG C . 27.13 -7.49 -68.15
O6 NAG C . 28.87 -10.11 -69.85
O7 NAG C . 24.05 -3.96 -68.33
C1 NAG D . 15.97 -47.80 -7.19
C2 NAG D . 14.82 -48.60 -7.76
C3 NAG D . 13.50 -48.14 -7.13
C4 NAG D . 13.60 -48.11 -5.61
C5 NAG D . 14.88 -47.44 -5.13
C6 NAG D . 15.12 -47.65 -3.65
C7 NAG D . 15.39 -49.29 -10.05
C8 NAG D . 16.17 -50.40 -9.41
N2 NAG D . 14.75 -48.47 -9.21
O3 NAG D . 12.45 -49.04 -7.54
O4 NAG D . 12.51 -47.37 -5.07
O5 NAG D . 16.02 -47.99 -5.80
O6 NAG D . 14.96 -49.01 -3.30
O7 NAG D . 15.33 -49.16 -11.26
C1 NAG D . 11.99 -49.70 -6.33
C2 NAG D . 10.57 -49.14 -6.10
C3 NAG D . 9.61 -50.24 -5.65
C4 NAG D . 9.71 -51.46 -6.57
C5 NAG D . 11.16 -51.89 -6.74
C6 NAG D . 11.32 -53.03 -7.72
C7 NAG D . 9.55 -47.26 -4.88
C8 NAG D . 9.75 -46.20 -3.85
N2 NAG D . 10.60 -48.06 -5.12
O3 NAG D . 8.28 -49.73 -5.70
O4 NAG D . 8.96 -52.53 -6.01
O5 NAG D . 11.93 -50.78 -7.24
O6 NAG D . 12.69 -53.40 -7.85
O7 NAG D . 8.48 -47.40 -5.48
C1 NAG E . 38.70 -1.72 -32.65
C2 NAG E . 38.26 -0.30 -32.99
C3 NAG E . 38.77 0.65 -31.92
C4 NAG E . 38.35 0.18 -30.53
C5 NAG E . 38.72 -1.29 -30.32
C6 NAG E . 38.17 -1.87 -29.04
C7 NAG E . 38.01 0.85 -35.14
C8 NAG E . 38.64 1.17 -36.46
N2 NAG E . 38.73 0.11 -34.30
O3 NAG E . 38.27 1.96 -32.15
O4 NAG E . 39.01 0.96 -29.54
O5 NAG E . 38.19 -2.09 -31.39
O6 NAG E . 37.91 -3.26 -29.16
O7 NAG E . 36.88 1.26 -34.85
C1 NAG F . 42.05 -8.29 -52.16
C2 NAG F . 41.20 -7.15 -52.72
C3 NAG F . 41.86 -6.57 -53.97
C4 NAG F . 43.30 -6.18 -53.68
C5 NAG F . 44.06 -7.36 -53.07
C6 NAG F . 45.47 -7.00 -52.64
C7 NAG F . 38.76 -6.92 -52.61
C8 NAG F . 37.44 -7.52 -53.00
N2 NAG F . 39.85 -7.59 -53.01
O3 NAG F . 41.13 -5.44 -54.42
O4 NAG F . 43.96 -5.78 -54.88
O5 NAG F . 43.37 -7.83 -51.90
O6 NAG F . 45.45 -6.21 -51.46
O7 NAG F . 38.84 -5.88 -51.96
N L9Q G . -22.01 34.28 -1.51
P L9Q G . -20.35 33.07 2.57
C1 L9Q G . -22.25 33.27 4.36
C2 L9Q G . -22.67 34.48 5.18
O2 L9Q G . -21.82 35.55 4.91
C3 L9Q G . -24.11 34.85 4.84
O3 L9Q G . -24.55 35.88 5.67
C4 L9Q G . -20.43 34.45 0.34
C5 L9Q G . -21.89 34.32 -0.06
C11 L9Q G . -24.76 35.50 7.00
O11 L9Q G . -24.63 34.36 7.32
C12 L9Q G . -25.16 36.53 8.05
C13 L9Q G . -26.30 37.38 7.52
C14 L9Q G . -27.10 37.94 8.69
C15 L9Q G . -28.44 38.48 8.19
C16 L9Q G . -29.43 38.56 9.34
C17 L9Q G . -30.77 39.07 8.82
C18 L9Q G . -30.74 40.59 8.70
C19 L9Q G . -30.97 41.22 10.07
O1P L9Q G . -21.27 32.09 1.88
C20 L9Q G . -30.48 42.66 10.06
C21 L9Q G . -31.54 43.56 10.71
C22 L9Q G . -31.01 44.99 10.82
C23 L9Q G . -32.16 45.94 11.13
C24 L9Q G . -31.61 47.33 11.43
C25 L9Q G . -32.73 48.22 11.97
O2P L9Q G . -18.95 32.49 2.61
C31 L9Q G . -20.96 35.89 5.96
O31 L9Q G . -20.57 35.05 6.69
C32 L9Q G . -20.52 37.34 6.16
C33 L9Q G . -19.75 37.48 7.46
C34 L9Q G . -20.68 37.16 8.63
C35 L9Q G . -20.66 38.31 9.63
C36 L9Q G . -21.89 38.22 10.53
C37 L9Q G . -22.04 39.50 11.33
C38 L9Q G . -23.43 39.53 11.96
C39 L9Q G . -23.61 40.82 12.77
O3P L9Q G . -20.88 33.34 4.10
C40 L9Q G . -24.81 41.32 12.98
C41 L9Q G . -26.04 40.61 12.41
C42 L9Q G . -26.98 40.23 13.55
C43 L9Q G . -27.98 39.19 13.04
C44 L9Q G . -28.11 38.06 14.05
C45 L9Q G . -29.12 38.44 15.13
C46 L9Q G . -29.93 37.21 15.52
O4P L9Q G . -20.32 34.49 1.74
C13 SGG H . 11.33 -17.54 -33.88
C15 SGG H . 14.20 -13.64 -35.11
C17 SGG H . 17.02 -16.69 -32.77
C20 SGG H . 14.99 -18.67 -29.46
C21 SGG H . 15.28 -19.93 -28.97
C22 SGG H . 14.42 -20.99 -29.23
C24 SGG H . 12.99 -19.53 -30.48
C04 SGG H . 11.86 -17.17 -35.09
C07 SGG H . 12.89 -16.25 -35.14
C09 SGG H . 13.39 -15.69 -33.97
C11 SGG H . 12.84 -16.07 -32.75
C12 SGG H . 11.81 -16.99 -32.70
C14 SGG H . 14.52 -14.67 -34.03
C16 SGG H . 15.84 -16.64 -33.73
C18 SGG H . 16.98 -18.00 -31.99
C19 SGG H . 15.92 -17.51 -29.17
C23 SGG H . 13.28 -20.80 -29.99
C25 SGG H . 13.85 -18.47 -30.22
N05 SGG H . 15.77 -15.33 -34.36
O06 SGG H . 18.29 -18.81 -29.71
O08 SGG H . 18.24 -16.39 -30.15
O10 SGG H . 18.21 -16.63 -33.50
P03 SGG H . 17.45 -17.67 -30.22
CL1 SGG H . 10.00 -18.73 -33.82
CL2 SGG H . 11.24 -17.88 -36.61
MG MG I . 5.12 -10.12 -39.18
N L9Q J . -23.50 5.81 32.55
P L9Q J . -25.16 8.03 28.93
C1 L9Q J . -25.41 10.56 29.54
C2 L9Q J . -26.59 11.29 30.19
O2 L9Q J . -27.64 10.38 30.40
C3 L9Q J . -26.15 11.87 31.53
O3 L9Q J . -27.18 12.64 32.08
C4 L9Q J . -25.14 6.18 30.79
C5 L9Q J . -24.26 6.82 31.87
C11 L9Q J . -27.44 13.83 31.40
O11 L9Q J . -26.75 14.16 30.49
C12 L9Q J . -28.59 14.74 31.84
C13 L9Q J . -28.54 14.93 33.35
C14 L9Q J . -29.23 16.25 33.71
C15 L9Q J . -28.88 16.62 35.15
C16 L9Q J . -29.11 18.12 35.35
C17 L9Q J . -28.73 18.51 36.78
C18 L9Q J . -29.87 18.16 37.73
C19 L9Q J . -30.93 19.27 37.67
O1P L9Q J . -23.69 8.23 29.26
C20 L9Q J . -32.25 18.73 38.22
C21 L9Q J . -32.85 19.76 39.17
C22 L9Q J . -34.23 19.29 39.64
C23 L9Q J . -34.66 20.13 40.83
C24 L9Q J . -36.11 19.80 41.19
C25 L9Q J . -36.62 20.79 42.24
O2P L9Q J . -25.27 7.27 27.63
C31 L9Q J . -28.74 10.59 29.56
O31 L9Q J . -28.59 11.03 28.48
C32 L9Q J . -30.15 10.25 30.07
C33 L9Q J . -31.19 10.73 29.06
C34 L9Q J . -31.14 12.26 28.98
C35 L9Q J . -32.53 12.83 29.22
C36 L9Q J . -32.40 14.32 29.59
C37 L9Q J . -33.73 14.84 30.12
C38 L9Q J . -33.51 16.19 30.79
C39 L9Q J . -34.83 16.72 31.34
O3P L9Q J . -25.89 9.49 28.78
C40 L9Q J . -34.84 17.56 32.35
C41 L9Q J . -33.53 18.01 32.99
C42 L9Q J . -33.39 19.53 32.88
C43 L9Q J . -31.95 19.93 33.15
C44 L9Q J . -31.50 20.94 32.11
C45 L9Q J . -31.91 22.35 32.55
C46 L9Q J . -30.82 23.34 32.16
O4P L9Q J . -25.88 7.17 30.14
#